data_4Z6K
#
_entry.id   4Z6K
#
_cell.length_a   136.573
_cell.length_b   136.573
_cell.length_c   210.832
_cell.angle_alpha   90.00
_cell.angle_beta   90.00
_cell.angle_gamma   120.00
#
_symmetry.space_group_name_H-M   'P 32 2 1'
#
loop_
_entity.id
_entity.type
_entity.pdbx_description
1 polymer 'Alcohol dehydrogenase'
2 non-polymer 'ZINC ION'
3 water water
#
_entity_poly.entity_id   1
_entity_poly.type   'polypeptide(L)'
_entity_poly.pdbx_seq_one_letter_code
;MKAAVLHEFGQSLQIEEVDIPTPGAGEIVVKMQASGVCHTDLHAVEGDWPVKPSPPFIPGHEGVGLITAVGEGVTHVKEG
DRVGVAWLYSACGHCTHCLGGWETLCESQQNSGYSVNGSFAEYVLANANYVGIIPESVDSIEIAPVLCAGVTVYKGLKMT
DTKPGDWVVISGIGGLGHMAVQYAIAMGLNVAAVDIDDDKLAFAKKLGAKVTVNAKNTDPAEYLQKEIGGAHGALVTAVS
AKAFDQALSMLRRGGTLVCNGLPPGDFPVSIFDTVLNGITIRGSIVGTRLDLQESLDMAAAGKVKATVTAEPLENINDIF
ERMRQGKIEGRIVIDYTMLEHHHHHH
;
_entity_poly.pdbx_strand_id   A,B,C,D
#
# COMPACT_ATOMS: atom_id res chain seq x y z
N MET A 1 -33.56 0.33 36.12
CA MET A 1 -33.26 -0.76 35.16
C MET A 1 -32.33 -1.71 35.85
N LYS A 2 -32.34 -2.92 35.38
CA LYS A 2 -31.49 -3.95 35.91
C LYS A 2 -30.06 -3.78 35.33
N ALA A 3 -29.03 -3.87 36.16
CA ALA A 3 -27.63 -3.89 35.72
C ALA A 3 -26.77 -4.78 36.53
N ALA A 4 -25.73 -5.32 35.91
CA ALA A 4 -24.71 -6.02 36.63
C ALA A 4 -23.55 -5.10 36.94
N VAL A 5 -23.38 -4.83 38.22
CA VAL A 5 -22.46 -3.85 38.70
C VAL A 5 -21.30 -4.50 39.43
N LEU A 6 -20.09 -4.10 39.04
CA LEU A 6 -18.89 -4.47 39.77
C LEU A 6 -18.50 -3.37 40.76
N HIS A 7 -18.54 -3.71 42.03
CA HIS A 7 -18.18 -2.81 43.12
C HIS A 7 -16.72 -2.87 43.58
N GLU A 8 -16.16 -4.08 43.63
CA GLU A 8 -14.82 -4.32 44.07
C GLU A 8 -14.16 -5.31 43.09
N PHE A 9 -12.94 -5.04 42.65
CA PHE A 9 -12.26 -5.96 41.74
C PHE A 9 -12.19 -7.37 42.29
N GLY A 10 -12.51 -8.35 41.46
CA GLY A 10 -12.39 -9.73 41.87
C GLY A 10 -13.59 -10.22 42.65
N GLN A 11 -14.54 -9.36 43.00
CA GLN A 11 -15.74 -9.84 43.66
C GLN A 11 -16.84 -10.08 42.63
N SER A 12 -17.85 -10.86 43.05
CA SER A 12 -19.04 -11.07 42.26
C SER A 12 -19.67 -9.77 41.91
N LEU A 13 -20.19 -9.68 40.70
CA LEU A 13 -20.98 -8.55 40.28
C LEU A 13 -22.35 -8.63 40.94
N GLN A 14 -22.99 -7.50 41.25
CA GLN A 14 -24.31 -7.49 41.84
C GLN A 14 -25.36 -7.05 40.82
N ILE A 15 -26.44 -7.81 40.72
CA ILE A 15 -27.48 -7.47 39.79
C ILE A 15 -28.24 -6.47 40.62
N GLU A 16 -28.31 -5.21 40.22
CA GLU A 16 -29.06 -4.28 41.04
C GLU A 16 -29.72 -3.26 40.20
N GLU A 17 -30.41 -2.36 40.89
CA GLU A 17 -31.23 -1.38 40.21
C GLU A 17 -30.44 -0.08 39.97
N VAL A 18 -30.44 0.40 38.75
CA VAL A 18 -29.79 1.70 38.52
C VAL A 18 -30.65 2.58 37.59
N ASP A 19 -30.50 3.90 37.69
CA ASP A 19 -31.26 4.83 36.87
C ASP A 19 -31.00 4.63 35.38
N ILE A 20 -32.04 4.79 34.58
CA ILE A 20 -31.88 4.74 33.17
C ILE A 20 -31.25 6.11 32.84
N PRO A 21 -30.16 6.10 32.17
CA PRO A 21 -29.61 7.40 31.73
C PRO A 21 -30.48 8.15 30.72
N THR A 22 -30.17 9.44 30.58
CA THR A 22 -30.87 10.26 29.57
C THR A 22 -29.79 10.96 28.76
N PRO A 23 -30.08 11.23 27.49
CA PRO A 23 -28.90 11.52 26.67
C PRO A 23 -28.60 13.01 26.59
N GLY A 24 -27.34 13.43 26.66
CA GLY A 24 -26.98 14.84 26.39
C GLY A 24 -26.75 15.07 24.90
N ALA A 25 -26.27 16.25 24.52
CA ALA A 25 -25.94 16.44 23.12
C ALA A 25 -25.02 15.39 22.52
N GLY A 26 -25.38 14.89 21.35
CA GLY A 26 -24.52 13.95 20.69
C GLY A 26 -24.69 12.51 21.20
N GLU A 27 -25.54 12.32 22.20
CA GLU A 27 -25.71 11.00 22.74
C GLU A 27 -27.06 10.34 22.45
N ILE A 28 -27.14 9.03 22.79
CA ILE A 28 -28.36 8.25 22.62
C ILE A 28 -28.46 7.30 23.78
N VAL A 29 -29.64 6.76 24.00
CA VAL A 29 -29.81 5.67 24.99
C VAL A 29 -30.40 4.52 24.23
N VAL A 30 -29.83 3.36 24.48
CA VAL A 30 -30.15 2.17 23.74
C VAL A 30 -30.62 1.10 24.69
N LYS A 31 -31.80 0.53 24.40
CA LYS A 31 -32.33 -0.53 25.24
C LYS A 31 -31.79 -1.84 24.72
N MET A 32 -31.10 -2.60 25.57
CA MET A 32 -30.39 -3.80 25.07
C MET A 32 -31.29 -4.96 24.76
N GLN A 33 -31.02 -5.62 23.63
CA GLN A 33 -31.65 -6.89 23.35
C GLN A 33 -30.66 -7.98 23.68
N ALA A 34 -29.36 -7.67 23.42
CA ALA A 34 -28.34 -8.67 23.70
C ALA A 34 -27.03 -8.05 24.12
N SER A 35 -26.26 -8.74 24.96
CA SER A 35 -24.87 -8.38 25.24
C SER A 35 -23.86 -9.46 25.23
N GLY A 36 -22.84 -9.39 24.34
CA GLY A 36 -21.83 -10.40 24.43
C GLY A 36 -21.04 -10.29 25.72
N VAL A 37 -20.44 -11.38 26.13
CA VAL A 37 -19.43 -11.41 27.19
C VAL A 37 -18.12 -12.00 26.69
N CYS A 38 -16.98 -11.48 27.14
CA CYS A 38 -15.69 -12.09 26.70
C CYS A 38 -14.61 -11.94 27.75
N HIS A 39 -13.41 -12.45 27.47
CA HIS A 39 -12.33 -12.37 28.43
C HIS A 39 -11.97 -10.89 28.78
N THR A 40 -12.26 -9.95 27.92
CA THR A 40 -11.91 -8.56 28.21
C THR A 40 -12.73 -8.07 29.37
N ASP A 41 -13.99 -8.48 29.42
CA ASP A 41 -14.85 -8.18 30.57
C ASP A 41 -14.30 -8.82 31.84
N LEU A 42 -13.68 -9.99 31.71
CA LEU A 42 -13.13 -10.67 32.87
C LEU A 42 -11.93 -9.91 33.39
N HIS A 43 -11.00 -9.53 32.51
CA HIS A 43 -9.91 -8.62 32.88
C HIS A 43 -10.39 -7.33 33.52
N ALA A 44 -11.43 -6.74 32.98
CA ALA A 44 -12.02 -5.55 33.60
C ALA A 44 -12.47 -5.75 35.03
N VAL A 45 -13.22 -6.83 35.30
CA VAL A 45 -13.78 -6.99 36.62
C VAL A 45 -12.73 -7.50 37.59
N GLU A 46 -11.61 -8.04 37.09
CA GLU A 46 -10.57 -8.51 37.99
C GLU A 46 -9.53 -7.42 38.14
N GLY A 47 -9.61 -6.38 37.33
CA GLY A 47 -8.69 -5.24 37.47
C GLY A 47 -7.26 -5.71 37.22
N ASP A 48 -7.12 -6.57 36.21
CA ASP A 48 -5.90 -7.24 35.80
C ASP A 48 -4.90 -6.36 35.08
N TRP A 49 -5.35 -5.35 34.38
CA TRP A 49 -4.51 -4.68 33.47
C TRP A 49 -3.88 -3.47 34.09
N PRO A 50 -2.79 -2.95 33.47
CA PRO A 50 -2.16 -1.73 33.96
C PRO A 50 -3.14 -0.58 34.11
N VAL A 51 -3.94 -0.26 33.10
CA VAL A 51 -4.92 0.80 33.26
C VAL A 51 -6.27 0.18 33.53
N LYS A 52 -6.85 0.48 34.68
CA LYS A 52 -8.08 -0.19 35.12
C LYS A 52 -9.32 0.63 35.11
N PRO A 53 -10.50 -0.02 35.24
CA PRO A 53 -11.73 0.70 35.44
C PRO A 53 -11.75 1.45 36.78
N SER A 54 -12.74 2.32 37.01
CA SER A 54 -13.03 2.85 38.38
C SER A 54 -14.35 2.39 38.89
N PRO A 55 -14.32 1.36 39.75
CA PRO A 55 -15.55 0.84 40.30
C PRO A 55 -16.25 1.89 41.14
N PRO A 56 -17.58 1.85 41.24
CA PRO A 56 -18.42 0.83 40.67
C PRO A 56 -18.72 1.07 39.21
N PHE A 57 -18.81 0.00 38.44
CA PHE A 57 -19.00 0.20 37.02
C PHE A 57 -19.74 -0.99 36.45
N ILE A 58 -20.33 -0.77 35.29
CA ILE A 58 -21.09 -1.80 34.53
C ILE A 58 -20.27 -2.25 33.38
N PRO A 59 -19.85 -3.51 33.35
CA PRO A 59 -19.01 -3.92 32.21
C PRO A 59 -19.80 -4.00 30.84
N GLY A 60 -19.19 -4.61 29.82
CA GLY A 60 -19.90 -5.06 28.61
C GLY A 60 -19.58 -4.09 27.46
N HIS A 61 -19.06 -4.61 26.32
CA HIS A 61 -18.72 -3.83 25.18
C HIS A 61 -19.16 -4.55 23.92
N GLU A 62 -20.31 -5.24 23.98
CA GLU A 62 -20.84 -5.95 22.80
C GLU A 62 -22.40 -5.94 22.89
N GLY A 63 -22.96 -4.77 22.95
CA GLY A 63 -24.39 -4.63 23.14
C GLY A 63 -25.10 -4.38 21.84
N VAL A 64 -26.26 -4.98 21.70
CA VAL A 64 -27.10 -4.79 20.52
C VAL A 64 -28.46 -4.42 21.03
N GLY A 65 -28.98 -3.32 20.55
CA GLY A 65 -30.31 -2.95 20.94
C GLY A 65 -30.90 -1.82 20.10
N LEU A 66 -32.08 -1.38 20.53
CA LEU A 66 -32.78 -0.30 19.89
C LEU A 66 -32.67 1.01 20.63
N ILE A 67 -32.57 2.09 19.87
CA ILE A 67 -32.50 3.41 20.44
C ILE A 67 -33.86 3.73 21.05
N THR A 68 -33.86 4.20 22.30
CA THR A 68 -35.10 4.64 22.95
C THR A 68 -35.09 6.11 23.27
N ALA A 69 -33.92 6.78 23.22
CA ALA A 69 -33.87 8.23 23.37
C ALA A 69 -32.72 8.80 22.57
N VAL A 70 -32.92 10.00 22.01
CA VAL A 70 -31.94 10.62 21.13
C VAL A 70 -31.64 11.98 21.72
N GLY A 71 -30.38 12.32 21.85
CA GLY A 71 -30.01 13.60 22.42
C GLY A 71 -29.98 14.70 21.43
N GLU A 72 -29.76 15.89 21.93
CA GLU A 72 -29.71 17.05 21.09
C GLU A 72 -28.69 16.96 19.95
N GLY A 73 -29.08 17.46 18.77
CA GLY A 73 -28.26 17.40 17.60
C GLY A 73 -28.03 16.08 16.87
N VAL A 74 -28.47 14.95 17.38
CA VAL A 74 -28.25 13.71 16.70
C VAL A 74 -29.27 13.49 15.61
N THR A 75 -28.82 13.25 14.38
CA THR A 75 -29.71 13.18 13.23
C THR A 75 -29.50 11.91 12.37
N HIS A 76 -28.35 11.26 12.43
CA HIS A 76 -28.10 10.13 11.52
C HIS A 76 -28.66 8.83 12.06
N VAL A 77 -29.01 8.75 13.33
CA VAL A 77 -29.85 7.68 13.81
C VAL A 77 -31.04 8.24 14.53
N LYS A 78 -31.97 7.40 14.80
CA LYS A 78 -33.17 7.81 15.47
C LYS A 78 -33.82 6.71 16.25
N GLU A 79 -34.83 7.06 17.03
CA GLU A 79 -35.55 6.10 17.80
C GLU A 79 -36.01 4.90 17.05
N GLY A 80 -35.84 3.73 17.65
CA GLY A 80 -36.19 2.45 17.02
C GLY A 80 -35.03 1.85 16.21
N ASP A 81 -34.00 2.62 15.84
CA ASP A 81 -32.90 2.07 15.05
C ASP A 81 -32.13 1.04 15.86
N ARG A 82 -31.63 0.00 15.20
CA ARG A 82 -30.92 -1.07 15.93
C ARG A 82 -29.42 -0.79 15.71
N VAL A 83 -28.70 -0.71 16.83
CA VAL A 83 -27.32 -0.27 16.88
C VAL A 83 -26.53 -1.13 17.86
N GLY A 84 -25.21 -1.01 17.74
CA GLY A 84 -24.29 -1.82 18.48
C GLY A 84 -23.30 -0.99 19.27
N VAL A 85 -23.22 -1.34 20.53
CA VAL A 85 -22.31 -0.66 21.44
C VAL A 85 -21.04 -1.49 21.57
N ALA A 86 -19.91 -0.93 21.18
CA ALA A 86 -18.69 -1.72 21.03
C ALA A 86 -17.57 -1.14 21.89
N TRP A 87 -16.40 -1.77 21.82
CA TRP A 87 -15.32 -1.44 22.72
C TRP A 87 -14.94 0.03 22.58
N LEU A 88 -14.86 0.51 21.36
CA LEU A 88 -14.57 1.95 21.15
C LEU A 88 -15.82 2.77 21.34
N TYR A 89 -15.93 3.37 22.52
CA TYR A 89 -17.14 4.12 22.94
C TYR A 89 -17.11 5.52 22.32
N SER A 90 -15.89 6.13 22.34
CA SER A 90 -15.72 7.44 21.80
C SER A 90 -14.24 7.66 21.57
N ALA A 91 -13.97 8.63 20.74
CA ALA A 91 -12.57 9.12 20.47
C ALA A 91 -12.68 10.60 20.20
N CYS A 92 -11.57 11.31 20.02
CA CYS A 92 -11.67 12.76 20.26
C CYS A 92 -12.13 13.44 18.98
N GLY A 93 -11.78 12.80 17.88
CA GLY A 93 -12.10 13.22 16.56
C GLY A 93 -11.21 14.30 15.98
N HIS A 94 -10.18 14.73 16.73
N HIS A 94 -10.13 14.65 16.67
CA HIS A 94 -9.37 15.87 16.34
CA HIS A 94 -9.37 15.79 16.28
C HIS A 94 -7.89 15.53 16.18
C HIS A 94 -7.88 15.53 16.20
N CYS A 95 -7.42 14.42 16.74
CA CYS A 95 -5.97 14.11 16.74
C CYS A 95 -5.57 13.49 15.42
N THR A 96 -4.29 13.37 15.17
CA THR A 96 -3.81 12.66 14.00
C THR A 96 -4.36 11.27 13.77
N HIS A 97 -4.48 10.45 14.83
CA HIS A 97 -4.97 9.18 14.67
C HIS A 97 -6.44 9.27 14.23
N CYS A 98 -7.28 10.06 14.92
CA CYS A 98 -8.69 10.18 14.57
C CYS A 98 -8.84 10.77 13.15
N LEU A 99 -7.98 11.68 12.75
CA LEU A 99 -8.21 12.33 11.42
C LEU A 99 -7.89 11.35 10.27
N GLY A 100 -7.09 10.31 10.58
CA GLY A 100 -6.46 9.50 9.51
C GLY A 100 -7.18 8.16 9.54
N GLY A 101 -8.33 8.04 10.16
CA GLY A 101 -9.02 6.78 10.10
C GLY A 101 -8.44 5.68 11.03
N TRP A 102 -7.69 6.10 12.06
CA TRP A 102 -7.08 5.21 13.04
C TRP A 102 -7.50 5.62 14.40
N GLU A 103 -8.83 5.73 14.59
CA GLU A 103 -9.36 6.24 15.84
C GLU A 103 -9.14 5.24 16.97
N THR A 104 -8.91 3.96 16.61
CA THR A 104 -8.62 2.95 17.57
C THR A 104 -7.35 3.29 18.37
N LEU A 105 -6.55 4.23 17.88
CA LEU A 105 -5.29 4.56 18.51
C LEU A 105 -5.43 5.82 19.34
N CYS A 106 -6.63 6.38 19.39
CA CYS A 106 -6.79 7.72 20.00
C CYS A 106 -6.45 7.66 21.50
N GLU A 107 -5.52 8.55 21.92
CA GLU A 107 -5.03 8.52 23.27
C GLU A 107 -6.09 8.96 24.30
N SER A 108 -7.20 9.57 23.89
CA SER A 108 -8.23 9.94 24.79
C SER A 108 -9.52 9.19 24.56
N GLN A 109 -9.39 8.01 23.98
CA GLN A 109 -10.59 7.27 23.71
C GLN A 109 -11.19 6.86 25.00
N GLN A 110 -12.46 6.55 24.93
CA GLN A 110 -13.19 5.88 26.03
C GLN A 110 -13.58 4.46 25.58
N ASN A 111 -13.71 3.50 26.52
CA ASN A 111 -14.01 2.14 26.19
C ASN A 111 -15.27 1.64 26.97
N SER A 112 -16.21 1.05 26.25
CA SER A 112 -17.50 0.69 26.75
C SER A 112 -17.29 -0.42 27.79
N GLY A 113 -17.96 -0.31 28.92
CA GLY A 113 -17.88 -1.40 29.93
C GLY A 113 -16.48 -1.50 30.53
N TYR A 114 -15.75 -0.40 30.52
CA TYR A 114 -14.36 -0.36 31.05
C TYR A 114 -14.08 1.00 31.65
N SER A 115 -14.04 2.04 30.83
CA SER A 115 -13.82 3.38 31.34
C SER A 115 -15.15 4.10 31.48
N VAL A 116 -16.25 3.60 30.89
CA VAL A 116 -17.62 4.07 31.14
C VAL A 116 -18.57 2.88 31.15
N ASN A 117 -19.78 3.07 31.67
CA ASN A 117 -20.70 1.99 31.79
C ASN A 117 -21.03 1.40 30.46
N GLY A 118 -21.16 0.10 30.46
CA GLY A 118 -21.43 -0.63 29.21
C GLY A 118 -22.72 -1.48 29.13
N SER A 119 -22.63 -2.58 28.36
CA SER A 119 -23.77 -3.31 27.85
C SER A 119 -24.34 -4.34 28.79
N PHE A 120 -23.83 -4.41 30.02
CA PHE A 120 -24.35 -5.40 31.01
C PHE A 120 -25.53 -4.76 31.83
N ALA A 121 -26.35 -3.93 31.19
CA ALA A 121 -27.50 -3.33 31.79
C ALA A 121 -28.58 -3.26 30.74
N GLU A 122 -29.82 -3.09 31.20
CA GLU A 122 -30.94 -3.15 30.29
C GLU A 122 -30.92 -1.94 29.32
N TYR A 123 -30.23 -0.87 29.70
CA TYR A 123 -30.09 0.32 28.86
C TYR A 123 -28.69 0.87 28.98
N VAL A 124 -28.22 1.49 27.91
CA VAL A 124 -26.90 2.03 27.85
C VAL A 124 -26.87 3.41 27.21
N LEU A 125 -26.24 4.34 27.87
CA LEU A 125 -25.97 5.62 27.27
C LEU A 125 -24.76 5.51 26.34
N ALA A 126 -24.84 6.09 25.12
CA ALA A 126 -23.79 5.93 24.11
C ALA A 126 -23.55 7.15 23.33
N ASN A 127 -22.34 7.25 22.73
CA ASN A 127 -22.05 8.37 21.82
C ASN A 127 -22.55 7.99 20.45
N ALA A 128 -23.40 8.84 19.83
CA ALA A 128 -24.14 8.39 18.65
C ALA A 128 -23.19 8.18 17.47
N ASN A 129 -22.04 8.85 17.52
CA ASN A 129 -21.11 8.78 16.42
C ASN A 129 -20.18 7.55 16.45
N TYR A 130 -20.26 6.72 17.51
CA TYR A 130 -19.40 5.59 17.60
C TYR A 130 -20.15 4.22 17.69
N VAL A 131 -21.47 4.20 17.62
CA VAL A 131 -22.18 2.92 17.72
C VAL A 131 -22.19 2.34 16.32
N GLY A 132 -22.29 1.02 16.31
CA GLY A 132 -22.30 0.31 14.99
C GLY A 132 -23.74 0.30 14.50
N ILE A 133 -23.94 0.32 13.19
CA ILE A 133 -25.28 0.30 12.59
C ILE A 133 -25.56 -1.16 12.23
N ILE A 134 -26.57 -1.78 12.85
CA ILE A 134 -26.76 -3.21 12.66
C ILE A 134 -27.54 -3.47 11.40
N PRO A 135 -27.06 -4.37 10.54
CA PRO A 135 -27.80 -4.64 9.32
C PRO A 135 -29.23 -5.17 9.62
N GLU A 136 -30.18 -4.83 8.77
CA GLU A 136 -31.57 -5.30 8.88
C GLU A 136 -31.68 -6.77 9.17
N SER A 137 -30.99 -7.58 8.36
CA SER A 137 -31.45 -8.99 8.21
C SER A 137 -30.99 -9.87 9.34
N VAL A 138 -30.06 -9.43 10.19
CA VAL A 138 -29.44 -10.33 11.19
C VAL A 138 -30.23 -10.45 12.46
N ASP A 139 -29.99 -11.54 13.21
CA ASP A 139 -30.52 -11.70 14.53
C ASP A 139 -29.65 -11.01 15.59
N SER A 140 -30.25 -10.45 16.64
CA SER A 140 -29.54 -9.61 17.57
C SER A 140 -28.57 -10.40 18.45
N ILE A 141 -28.93 -11.60 18.81
CA ILE A 141 -28.09 -12.44 19.64
C ILE A 141 -26.91 -12.92 18.85
N GLU A 142 -27.16 -13.41 17.65
CA GLU A 142 -26.13 -13.95 16.82
C GLU A 142 -25.12 -12.96 16.38
N ILE A 143 -25.56 -11.69 16.20
CA ILE A 143 -24.71 -10.69 15.66
C ILE A 143 -23.84 -10.04 16.72
N ALA A 144 -24.26 -10.10 17.97
CA ALA A 144 -23.56 -9.40 19.01
C ALA A 144 -22.02 -9.66 19.02
N PRO A 145 -21.59 -10.92 18.94
CA PRO A 145 -20.16 -11.17 18.94
C PRO A 145 -19.35 -10.53 17.79
N VAL A 146 -19.99 -10.23 16.66
CA VAL A 146 -19.33 -9.46 15.59
C VAL A 146 -18.80 -8.14 16.10
N LEU A 147 -19.50 -7.53 17.07
CA LEU A 147 -19.01 -6.27 17.61
C LEU A 147 -17.65 -6.28 18.34
N CYS A 148 -17.22 -7.45 18.75
CA CYS A 148 -15.98 -7.56 19.42
C CYS A 148 -15.14 -8.62 18.72
N ALA A 149 -15.52 -9.90 18.85
CA ALA A 149 -14.72 -10.95 18.24
C ALA A 149 -14.56 -10.77 16.71
N GLY A 150 -15.65 -10.43 16.06
CA GLY A 150 -15.63 -10.41 14.61
C GLY A 150 -14.72 -9.30 14.11
N VAL A 151 -14.98 -8.12 14.58
CA VAL A 151 -14.24 -6.98 14.10
C VAL A 151 -12.72 -7.15 14.43
N THR A 152 -12.43 -7.68 15.63
CA THR A 152 -11.07 -7.93 16.03
C THR A 152 -10.36 -8.84 15.07
N VAL A 153 -10.91 -10.00 14.77
CA VAL A 153 -10.24 -10.93 13.84
C VAL A 153 -10.21 -10.47 12.41
N TYR A 154 -11.24 -9.75 12.01
CA TYR A 154 -11.31 -9.14 10.64
C TYR A 154 -10.18 -8.14 10.45
N LYS A 155 -10.07 -7.17 11.34
CA LYS A 155 -9.03 -6.14 11.22
C LYS A 155 -7.71 -6.86 11.38
N GLY A 156 -7.66 -7.88 12.26
CA GLY A 156 -6.34 -8.53 12.45
C GLY A 156 -5.88 -9.21 11.18
N LEU A 157 -6.82 -9.84 10.46
CA LEU A 157 -6.48 -10.49 9.18
C LEU A 157 -6.08 -9.42 8.17
N LYS A 158 -6.70 -8.23 8.19
CA LYS A 158 -6.22 -7.23 7.26
C LYS A 158 -4.82 -6.88 7.58
N MET A 159 -4.48 -6.84 8.86
CA MET A 159 -3.17 -6.47 9.27
C MET A 159 -2.08 -7.52 9.01
N THR A 160 -2.44 -8.71 8.52
CA THR A 160 -1.45 -9.71 8.05
C THR A 160 -0.89 -9.41 6.71
N ASP A 161 -1.40 -8.35 6.08
CA ASP A 161 -0.92 -7.95 4.80
C ASP A 161 -0.91 -9.14 3.82
N THR A 162 -1.81 -10.08 3.94
CA THR A 162 -2.00 -11.09 2.96
C THR A 162 -2.97 -10.70 1.83
N LYS A 163 -3.16 -11.59 0.87
CA LYS A 163 -4.02 -11.34 -0.26
C LYS A 163 -4.68 -12.62 -0.65
N PRO A 164 -5.77 -12.54 -1.45
CA PRO A 164 -6.45 -13.76 -1.80
C PRO A 164 -5.51 -14.72 -2.44
N GLY A 165 -5.63 -15.95 -2.00
CA GLY A 165 -4.78 -17.03 -2.49
C GLY A 165 -3.61 -17.34 -1.57
N ASP A 166 -3.23 -16.39 -0.72
CA ASP A 166 -2.25 -16.64 0.32
C ASP A 166 -2.74 -17.66 1.37
N TRP A 167 -1.77 -18.19 2.12
CA TRP A 167 -2.08 -19.07 3.27
C TRP A 167 -1.95 -18.29 4.58
N VAL A 168 -2.96 -18.39 5.42
CA VAL A 168 -2.91 -17.83 6.75
C VAL A 168 -3.12 -18.98 7.77
N VAL A 169 -2.34 -18.95 8.86
CA VAL A 169 -2.59 -19.85 9.98
C VAL A 169 -3.38 -19.12 11.01
N ILE A 170 -4.45 -19.75 11.45
CA ILE A 170 -5.18 -19.25 12.57
C ILE A 170 -4.74 -20.20 13.71
N SER A 171 -4.18 -19.59 14.74
CA SER A 171 -3.71 -20.27 15.89
C SER A 171 -4.77 -20.00 16.96
N GLY A 172 -5.32 -21.09 17.45
CA GLY A 172 -6.35 -21.05 18.47
C GLY A 172 -7.68 -20.92 17.76
N ILE A 173 -8.47 -21.99 17.77
CA ILE A 173 -9.79 -21.97 17.15
C ILE A 173 -10.90 -21.92 18.18
N GLY A 174 -10.85 -20.91 19.04
CA GLY A 174 -11.87 -20.76 20.11
C GLY A 174 -12.86 -19.62 19.80
N GLY A 175 -13.18 -18.80 20.80
CA GLY A 175 -14.12 -17.69 20.65
C GLY A 175 -13.79 -16.83 19.44
N LEU A 176 -12.60 -16.30 19.44
CA LEU A 176 -12.11 -15.59 18.27
C LEU A 176 -11.83 -16.42 17.02
N GLY A 177 -11.19 -17.55 17.20
CA GLY A 177 -10.56 -18.24 16.11
C GLY A 177 -11.58 -18.81 15.17
N HIS A 178 -12.70 -19.37 15.72
CA HIS A 178 -13.75 -19.85 14.85
C HIS A 178 -14.29 -18.70 13.94
N MET A 179 -14.34 -17.48 14.43
CA MET A 179 -14.78 -16.35 13.58
C MET A 179 -13.64 -16.02 12.60
N ALA A 180 -12.41 -16.10 13.07
CA ALA A 180 -11.29 -15.86 12.20
C ALA A 180 -11.21 -16.76 10.96
N VAL A 181 -11.41 -18.05 11.12
CA VAL A 181 -11.46 -18.94 9.97
C VAL A 181 -12.50 -18.52 8.95
N GLN A 182 -13.70 -18.13 9.40
CA GLN A 182 -14.78 -17.67 8.50
C GLN A 182 -14.44 -16.38 7.79
N TYR A 183 -13.96 -15.40 8.52
CA TYR A 183 -13.54 -14.15 7.86
C TYR A 183 -12.41 -14.42 6.85
N ALA A 184 -11.47 -15.33 7.19
CA ALA A 184 -10.30 -15.55 6.37
C ALA A 184 -10.75 -16.19 5.06
N ILE A 185 -11.64 -17.17 5.14
CA ILE A 185 -12.28 -17.74 3.93
C ILE A 185 -13.04 -16.68 3.07
N ALA A 186 -13.83 -15.84 3.71
CA ALA A 186 -14.54 -14.76 3.01
C ALA A 186 -13.58 -13.80 2.32
N MET A 187 -12.38 -13.69 2.85
CA MET A 187 -11.34 -12.82 2.28
C MET A 187 -10.45 -13.51 1.25
N GLY A 188 -10.90 -14.66 0.79
CA GLY A 188 -10.18 -15.41 -0.24
C GLY A 188 -8.89 -16.12 0.16
N LEU A 189 -8.64 -16.18 1.45
CA LEU A 189 -7.44 -16.87 1.99
C LEU A 189 -7.62 -18.36 2.13
N ASN A 190 -6.52 -19.08 1.96
CA ASN A 190 -6.49 -20.48 2.35
C ASN A 190 -6.10 -20.55 3.81
N VAL A 191 -6.77 -21.39 4.54
CA VAL A 191 -6.60 -21.42 5.99
C VAL A 191 -6.03 -22.74 6.53
N ALA A 192 -4.94 -22.57 7.29
CA ALA A 192 -4.37 -23.63 8.11
C ALA A 192 -4.71 -23.31 9.56
N ALA A 193 -5.39 -24.26 10.20
CA ALA A 193 -5.80 -24.08 11.57
C ALA A 193 -4.92 -24.89 12.47
N VAL A 194 -4.50 -24.28 13.58
CA VAL A 194 -3.70 -24.99 14.58
C VAL A 194 -4.33 -24.82 15.92
N ASP A 195 -4.36 -25.91 16.66
CA ASP A 195 -4.89 -25.91 18.03
C ASP A 195 -4.41 -27.24 18.64
N ILE A 196 -4.90 -27.52 19.83
CA ILE A 196 -4.51 -28.74 20.56
C ILE A 196 -5.73 -29.58 20.85
N ASP A 197 -6.88 -29.20 20.29
CA ASP A 197 -8.13 -29.95 20.51
C ASP A 197 -8.60 -30.45 19.13
N ASP A 198 -8.83 -31.75 19.03
CA ASP A 198 -9.24 -32.32 17.76
C ASP A 198 -10.60 -31.86 17.24
N ASP A 199 -11.54 -31.65 18.17
CA ASP A 199 -12.89 -31.26 17.79
C ASP A 199 -12.86 -29.84 17.28
N LYS A 200 -12.08 -28.98 17.92
CA LYS A 200 -11.93 -27.59 17.43
C LYS A 200 -11.44 -27.60 16.04
N LEU A 201 -10.53 -28.53 15.78
CA LEU A 201 -9.88 -28.61 14.49
C LEU A 201 -10.86 -29.16 13.45
N ALA A 202 -11.70 -30.12 13.84
CA ALA A 202 -12.79 -30.58 12.94
C ALA A 202 -13.79 -29.43 12.60
N PHE A 203 -14.10 -28.64 13.62
CA PHE A 203 -14.97 -27.49 13.41
C PHE A 203 -14.33 -26.55 12.38
N ALA A 204 -13.05 -26.27 12.59
CA ALA A 204 -12.35 -25.40 11.66
C ALA A 204 -12.47 -25.92 10.23
N LYS A 205 -12.33 -27.23 10.06
CA LYS A 205 -12.31 -27.84 8.72
C LYS A 205 -13.70 -27.66 8.13
N LYS A 206 -14.71 -27.81 8.98
CA LYS A 206 -16.08 -27.61 8.57
C LYS A 206 -16.31 -26.17 8.14
N LEU A 207 -15.62 -25.22 8.78
CA LEU A 207 -15.75 -23.81 8.41
C LEU A 207 -14.92 -23.42 7.20
N GLY A 208 -14.19 -24.39 6.66
CA GLY A 208 -13.48 -24.25 5.41
C GLY A 208 -11.94 -24.31 5.47
N ALA A 209 -11.38 -24.56 6.65
CA ALA A 209 -9.92 -24.73 6.75
C ALA A 209 -9.49 -26.02 6.04
N LYS A 210 -8.75 -25.87 4.94
CA LYS A 210 -8.25 -27.01 4.21
C LYS A 210 -7.09 -27.73 4.95
N VAL A 211 -6.43 -27.13 5.93
CA VAL A 211 -5.29 -27.80 6.59
C VAL A 211 -5.47 -27.63 8.06
N THR A 212 -5.20 -28.67 8.83
CA THR A 212 -5.37 -28.57 10.28
C THR A 212 -4.24 -29.30 10.91
N VAL A 213 -3.79 -28.82 12.06
CA VAL A 213 -2.77 -29.57 12.78
C VAL A 213 -2.93 -29.44 14.29
N ASN A 214 -2.78 -30.57 14.95
CA ASN A 214 -2.85 -30.63 16.37
C ASN A 214 -1.46 -30.49 16.90
N ALA A 215 -1.18 -29.33 17.49
CA ALA A 215 0.14 -29.00 18.06
C ALA A 215 0.63 -29.94 19.16
N LYS A 216 -0.28 -30.65 19.82
CA LYS A 216 0.14 -31.68 20.79
C LYS A 216 0.70 -32.93 20.15
N ASN A 217 0.19 -33.28 18.97
CA ASN A 217 0.57 -34.57 18.36
C ASN A 217 1.76 -34.41 17.43
N THR A 218 2.01 -33.19 16.97
CA THR A 218 2.82 -32.94 15.79
C THR A 218 3.46 -31.58 15.92
N ASP A 219 4.70 -31.43 15.46
CA ASP A 219 5.27 -30.11 15.41
C ASP A 219 4.53 -29.31 14.34
N PRO A 220 3.77 -28.29 14.78
CA PRO A 220 3.01 -27.60 13.76
C PRO A 220 3.92 -26.92 12.71
N ALA A 221 5.05 -26.35 13.14
CA ALA A 221 5.93 -25.64 12.21
C ALA A 221 6.55 -26.56 11.19
N GLU A 222 7.07 -27.72 11.60
CA GLU A 222 7.64 -28.64 10.61
C GLU A 222 6.58 -29.07 9.63
N TYR A 223 5.38 -29.33 10.13
CA TYR A 223 4.35 -29.83 9.26
C TYR A 223 3.96 -28.77 8.18
N LEU A 224 3.79 -27.52 8.57
CA LEU A 224 3.32 -26.51 7.64
C LEU A 224 4.43 -26.05 6.73
N GLN A 225 5.69 -26.06 7.20
CA GLN A 225 6.80 -25.81 6.29
C GLN A 225 6.83 -26.85 5.18
N LYS A 226 6.69 -28.13 5.50
CA LYS A 226 6.61 -29.14 4.46
C LYS A 226 5.31 -29.00 3.65
N GLU A 227 4.18 -28.87 4.32
CA GLU A 227 2.86 -28.99 3.63
C GLU A 227 2.51 -27.79 2.69
N ILE A 228 2.81 -26.55 3.08
CA ILE A 228 2.39 -25.39 2.32
C ILE A 228 3.54 -24.44 2.06
N GLY A 229 4.73 -24.84 2.47
CA GLY A 229 5.93 -24.06 2.28
C GLY A 229 6.01 -22.88 3.21
N GLY A 230 5.28 -22.96 4.33
CA GLY A 230 5.20 -21.86 5.28
C GLY A 230 4.02 -20.94 4.96
N ALA A 231 3.32 -20.48 6.02
CA ALA A 231 2.22 -19.54 5.84
C ALA A 231 2.69 -18.14 5.49
N HIS A 232 1.86 -17.40 4.77
CA HIS A 232 2.20 -16.00 4.46
C HIS A 232 1.88 -15.16 5.63
N GLY A 233 0.92 -15.61 6.42
CA GLY A 233 0.45 -14.82 7.53
C GLY A 233 0.01 -15.73 8.66
N ALA A 234 0.02 -15.18 9.88
CA ALA A 234 -0.44 -15.89 11.07
C ALA A 234 -1.21 -14.93 11.98
N LEU A 235 -2.34 -15.39 12.46
CA LEU A 235 -3.21 -14.64 13.35
C LEU A 235 -3.25 -15.49 14.66
N VAL A 236 -2.72 -14.95 15.74
CA VAL A 236 -2.53 -15.65 17.00
C VAL A 236 -3.61 -15.13 17.92
N THR A 237 -4.60 -16.01 18.21
CA THR A 237 -5.81 -15.59 18.90
C THR A 237 -5.66 -15.96 20.32
N ALA A 238 -4.89 -16.99 20.62
CA ALA A 238 -4.59 -17.31 22.00
C ALA A 238 -3.13 -17.09 22.18
N VAL A 239 -2.77 -15.97 22.81
CA VAL A 239 -1.36 -15.55 22.97
C VAL A 239 -0.72 -16.12 24.30
N SER A 240 -0.18 -17.32 24.20
CA SER A 240 0.76 -17.80 25.15
C SER A 240 2.12 -17.81 24.45
N ALA A 241 3.15 -17.99 25.22
CA ALA A 241 4.50 -17.98 24.70
C ALA A 241 4.68 -19.04 23.64
N LYS A 242 4.14 -20.23 23.90
CA LYS A 242 4.39 -21.34 23.02
C LYS A 242 3.65 -21.17 21.68
N ALA A 243 2.42 -20.68 21.70
CA ALA A 243 1.67 -20.46 20.46
C ALA A 243 2.33 -19.39 19.57
N PHE A 244 2.69 -18.29 20.22
CA PHE A 244 3.44 -17.25 19.58
C PHE A 244 4.75 -17.77 18.92
N ASP A 245 5.61 -18.41 19.68
CA ASP A 245 6.78 -18.94 19.10
C ASP A 245 6.56 -19.95 17.96
N GLN A 246 5.59 -20.83 18.10
CA GLN A 246 5.33 -21.82 17.06
C GLN A 246 4.82 -21.08 15.82
N ALA A 247 4.00 -20.08 16.05
CA ALA A 247 3.40 -19.32 14.93
C ALA A 247 4.48 -18.64 14.11
N LEU A 248 5.43 -17.99 14.78
CA LEU A 248 6.63 -17.52 14.09
C LEU A 248 7.26 -18.59 13.23
N SER A 249 7.40 -19.80 13.76
CA SER A 249 8.06 -20.84 13.01
C SER A 249 7.26 -21.36 11.84
N MET A 250 5.97 -21.10 11.83
CA MET A 250 5.11 -21.54 10.75
C MET A 250 5.14 -20.62 9.53
N LEU A 251 5.75 -19.43 9.67
CA LEU A 251 5.78 -18.47 8.59
C LEU A 251 6.86 -18.71 7.58
N ARG A 252 6.56 -18.39 6.33
CA ARG A 252 7.64 -18.37 5.35
C ARG A 252 8.41 -17.04 5.49
N ARG A 253 9.52 -16.91 4.80
CA ARG A 253 10.24 -15.63 4.83
C ARG A 253 9.35 -14.53 4.32
N GLY A 254 9.43 -13.37 4.97
CA GLY A 254 8.59 -12.20 4.64
C GLY A 254 7.17 -12.30 5.18
N GLY A 255 6.87 -13.37 5.90
CA GLY A 255 5.58 -13.44 6.50
C GLY A 255 5.33 -12.45 7.60
N THR A 256 4.07 -12.37 7.95
CA THR A 256 3.59 -11.42 8.99
C THR A 256 2.76 -12.14 10.06
N LEU A 257 3.14 -11.95 11.33
CA LEU A 257 2.43 -12.45 12.45
C LEU A 257 1.67 -11.32 13.15
N VAL A 258 0.36 -11.55 13.37
CA VAL A 258 -0.49 -10.57 14.05
C VAL A 258 -1.00 -11.22 15.34
N CYS A 259 -0.74 -10.54 16.46
CA CYS A 259 -1.17 -10.92 17.76
C CYS A 259 -2.47 -10.24 18.00
N ASN A 260 -3.47 -11.02 18.26
CA ASN A 260 -4.81 -10.53 18.20
C ASN A 260 -5.33 -10.39 19.50
N GLY A 261 -4.54 -10.61 20.51
CA GLY A 261 -4.97 -10.31 21.81
C GLY A 261 -3.77 -10.04 22.69
N LEU A 262 -4.04 -9.65 23.91
CA LEU A 262 -3.04 -9.31 24.85
C LEU A 262 -2.54 -10.52 25.63
N PRO A 263 -1.25 -10.84 25.48
CA PRO A 263 -0.73 -11.83 26.42
C PRO A 263 -0.63 -11.29 27.80
N PRO A 264 -0.34 -12.13 28.75
CA PRO A 264 -0.18 -11.71 30.13
C PRO A 264 1.07 -10.94 30.40
N GLY A 265 2.16 -11.25 29.76
CA GLY A 265 3.37 -10.55 30.04
C GLY A 265 4.23 -10.47 28.81
N ASP A 266 5.51 -10.14 29.00
CA ASP A 266 6.55 -10.21 27.99
C ASP A 266 6.74 -11.65 27.74
N PHE A 267 7.38 -11.97 26.65
CA PHE A 267 7.94 -13.28 26.62
C PHE A 267 9.00 -13.34 25.51
N PRO A 268 10.14 -14.02 25.81
CA PRO A 268 11.22 -13.93 24.87
C PRO A 268 10.77 -14.14 23.46
N VAL A 269 11.56 -13.59 22.56
CA VAL A 269 11.21 -13.52 21.20
C VAL A 269 12.45 -13.56 20.37
N SER A 270 12.40 -14.51 19.42
CA SER A 270 13.39 -14.78 18.37
C SER A 270 14.42 -13.78 17.99
N ILE A 271 14.01 -12.53 18.08
CA ILE A 271 14.58 -11.50 17.23
C ILE A 271 15.43 -12.10 16.15
N PHE A 272 16.67 -12.56 16.41
CA PHE A 272 17.66 -12.88 15.34
C PHE A 272 17.03 -13.48 14.08
N ASP A 273 16.19 -14.47 14.28
CA ASP A 273 15.56 -15.16 13.16
C ASP A 273 14.54 -14.29 12.42
N THR A 274 13.79 -13.59 13.24
CA THR A 274 12.83 -12.63 12.80
C THR A 274 13.48 -11.65 11.83
N VAL A 275 14.67 -11.19 12.11
CA VAL A 275 15.22 -10.19 11.20
C VAL A 275 15.87 -10.79 9.95
N LEU A 276 16.50 -11.92 10.18
CA LEU A 276 17.06 -12.74 9.11
C LEU A 276 16.01 -13.17 8.07
N ASN A 277 14.79 -13.45 8.51
CA ASN A 277 13.78 -13.97 7.64
C ASN A 277 12.83 -12.90 7.15
N GLY A 278 13.18 -11.65 7.44
CA GLY A 278 12.37 -10.51 7.02
C GLY A 278 10.93 -10.58 7.51
N ILE A 279 10.76 -11.02 8.76
CA ILE A 279 9.43 -11.26 9.36
C ILE A 279 8.91 -9.99 9.99
N THR A 280 7.60 -9.81 9.98
CA THR A 280 6.98 -8.71 10.64
C THR A 280 6.10 -9.22 11.80
N ILE A 281 6.17 -8.56 12.94
CA ILE A 281 5.36 -8.89 14.12
C ILE A 281 4.54 -7.66 14.42
N ARG A 282 3.25 -7.82 14.58
CA ARG A 282 2.38 -6.70 14.73
C ARG A 282 1.28 -6.97 15.71
N GLY A 283 0.86 -5.98 16.46
CA GLY A 283 -0.34 -6.16 17.27
C GLY A 283 -1.57 -5.51 16.60
N SER A 284 -2.69 -6.19 16.70
CA SER A 284 -3.97 -5.63 16.27
C SER A 284 -5.06 -6.26 17.16
N ILE A 285 -5.72 -5.40 17.85
CA ILE A 285 -6.63 -5.87 18.84
C ILE A 285 -8.00 -5.26 18.76
N VAL A 286 -8.28 -4.14 18.08
CA VAL A 286 -9.73 -3.99 17.87
C VAL A 286 -9.99 -3.51 16.45
N GLY A 287 -10.95 -2.65 16.23
CA GLY A 287 -11.20 -2.15 14.90
C GLY A 287 -11.88 -0.78 14.88
N THR A 288 -11.65 -0.02 13.78
CA THR A 288 -12.26 1.28 13.59
C THR A 288 -13.78 1.15 13.31
N ARG A 289 -14.48 2.30 13.20
CA ARG A 289 -15.88 2.27 12.89
C ARG A 289 -16.07 1.61 11.50
N LEU A 290 -15.18 1.89 10.60
CA LEU A 290 -15.33 1.36 9.27
C LEU A 290 -15.04 -0.14 9.22
N ASP A 291 -14.02 -0.57 9.94
CA ASP A 291 -13.72 -2.01 10.09
C ASP A 291 -14.95 -2.74 10.65
N LEU A 292 -15.66 -2.10 11.55
CA LEU A 292 -16.78 -2.73 12.21
C LEU A 292 -17.93 -2.80 11.23
N GLN A 293 -18.13 -1.74 10.45
CA GLN A 293 -19.16 -1.75 9.41
C GLN A 293 -18.87 -2.84 8.37
N GLU A 294 -17.63 -3.00 7.97
CA GLU A 294 -17.25 -3.95 6.96
C GLU A 294 -17.50 -5.42 7.53
N SER A 295 -17.14 -5.59 8.81
CA SER A 295 -17.37 -6.88 9.52
CA SER A 295 -17.27 -6.91 9.53
C SER A 295 -18.78 -7.30 9.54
C SER A 295 -18.76 -7.30 9.61
N LEU A 296 -19.63 -6.31 9.78
CA LEU A 296 -21.00 -6.51 9.94
C LEU A 296 -21.63 -6.81 8.63
N ASP A 297 -21.19 -6.15 7.59
CA ASP A 297 -21.72 -6.44 6.29
C ASP A 297 -21.41 -7.85 5.88
N MET A 298 -20.22 -8.35 6.21
CA MET A 298 -19.89 -9.75 5.89
C MET A 298 -20.80 -10.75 6.59
N ALA A 299 -21.10 -10.47 7.85
CA ALA A 299 -21.99 -11.30 8.55
C ALA A 299 -23.37 -11.25 7.93
N ALA A 300 -23.84 -10.08 7.55
CA ALA A 300 -25.18 -9.95 7.05
C ALA A 300 -25.31 -10.66 5.69
N ALA A 301 -24.21 -10.83 4.99
CA ALA A 301 -24.19 -11.49 3.73
C ALA A 301 -24.16 -12.99 3.91
N GLY A 302 -24.12 -13.45 5.14
CA GLY A 302 -24.15 -14.88 5.43
C GLY A 302 -22.74 -15.47 5.34
N LYS A 303 -21.72 -14.68 5.17
CA LYS A 303 -20.39 -15.22 5.04
C LYS A 303 -19.76 -15.66 6.37
N VAL A 304 -20.22 -15.07 7.47
CA VAL A 304 -19.76 -15.38 8.78
C VAL A 304 -20.92 -15.50 9.75
N LYS A 305 -20.84 -16.50 10.65
CA LYS A 305 -21.80 -16.70 11.62
C LYS A 305 -21.15 -17.17 12.97
N ALA A 306 -21.46 -16.48 14.05
CA ALA A 306 -20.89 -16.77 15.35
C ALA A 306 -21.67 -17.91 16.00
N THR A 307 -20.97 -18.85 16.63
CA THR A 307 -21.59 -19.83 17.55
C THR A 307 -21.84 -19.16 18.87
N VAL A 308 -23.09 -19.15 19.35
CA VAL A 308 -23.40 -18.42 20.57
C VAL A 308 -24.21 -19.26 21.49
N THR A 309 -24.14 -18.92 22.77
CA THR A 309 -25.08 -19.51 23.76
C THR A 309 -25.68 -18.33 24.49
N ALA A 310 -27.00 -18.27 24.51
CA ALA A 310 -27.73 -17.25 25.18
C ALA A 310 -28.01 -17.53 26.64
N GLU A 311 -27.81 -16.54 27.50
CA GLU A 311 -28.00 -16.70 28.96
C GLU A 311 -28.66 -15.46 29.59
N PRO A 312 -29.35 -15.64 30.75
CA PRO A 312 -29.89 -14.45 31.42
C PRO A 312 -28.81 -13.65 32.10
N LEU A 313 -29.06 -12.35 32.18
CA LEU A 313 -28.12 -11.51 32.89
C LEU A 313 -27.65 -12.10 34.22
N GLU A 314 -28.56 -12.76 34.95
CA GLU A 314 -28.28 -13.17 36.31
C GLU A 314 -27.22 -14.29 36.38
N ASN A 315 -26.92 -14.92 35.24
CA ASN A 315 -25.83 -15.91 35.19
C ASN A 315 -24.38 -15.38 35.03
N ILE A 316 -24.22 -14.08 35.06
CA ILE A 316 -22.95 -13.49 34.67
C ILE A 316 -21.81 -13.95 35.55
N ASN A 317 -22.01 -14.16 36.84
CA ASN A 317 -20.91 -14.69 37.65
C ASN A 317 -20.58 -16.18 37.42
N ASP A 318 -21.59 -16.99 37.12
CA ASP A 318 -21.39 -18.35 36.62
C ASP A 318 -20.64 -18.39 35.31
N ILE A 319 -21.01 -17.49 34.40
CA ILE A 319 -20.33 -17.32 33.10
C ILE A 319 -18.86 -17.03 33.31
N PHE A 320 -18.55 -16.13 34.23
CA PHE A 320 -17.12 -15.78 34.44
C PHE A 320 -16.35 -16.94 35.03
N GLU A 321 -17.01 -17.75 35.85
CA GLU A 321 -16.30 -18.89 36.47
C GLU A 321 -15.99 -19.96 35.43
N ARG A 322 -16.97 -20.35 34.64
CA ARG A 322 -16.69 -21.13 33.45
C ARG A 322 -15.54 -20.58 32.59
N MET A 323 -15.54 -19.26 32.33
CA MET A 323 -14.51 -18.65 31.50
C MET A 323 -13.11 -18.86 32.11
N ARG A 324 -13.01 -18.62 33.42
CA ARG A 324 -11.82 -18.87 34.20
C ARG A 324 -11.25 -20.23 34.05
N GLN A 325 -12.02 -21.19 33.56
CA GLN A 325 -11.41 -22.48 33.27
C GLN A 325 -11.78 -23.04 31.92
N GLY A 326 -11.65 -22.20 30.92
CA GLY A 326 -11.81 -22.62 29.55
C GLY A 326 -12.96 -23.52 29.25
N LYS A 327 -14.05 -23.39 29.98
CA LYS A 327 -15.21 -24.22 29.73
C LYS A 327 -16.11 -23.64 28.65
N ILE A 328 -15.83 -22.46 28.11
CA ILE A 328 -16.83 -21.86 27.22
C ILE A 328 -16.67 -22.39 25.82
N GLU A 329 -17.75 -22.63 25.07
CA GLU A 329 -17.61 -22.89 23.64
C GLU A 329 -18.28 -21.82 22.80
N GLY A 330 -17.56 -21.32 21.80
CA GLY A 330 -18.06 -20.21 21.01
C GLY A 330 -18.10 -19.01 21.93
N ARG A 331 -19.15 -18.26 21.83
CA ARG A 331 -19.27 -17.09 22.63
C ARG A 331 -20.56 -17.17 23.46
N ILE A 332 -20.53 -16.51 24.60
CA ILE A 332 -21.70 -16.34 25.39
C ILE A 332 -22.30 -15.00 25.20
N VAL A 333 -23.62 -15.01 25.06
CA VAL A 333 -24.35 -13.76 24.91
C VAL A 333 -25.49 -13.66 25.87
N ILE A 334 -25.52 -12.59 26.63
CA ILE A 334 -26.75 -12.28 27.48
C ILE A 334 -27.92 -11.87 26.61
N ASP A 335 -29.02 -12.56 26.84
CA ASP A 335 -30.26 -12.28 26.16
C ASP A 335 -31.27 -11.64 27.17
N TYR A 336 -31.59 -10.39 26.91
CA TYR A 336 -32.36 -9.59 27.85
C TYR A 336 -33.81 -9.97 27.94
N THR A 337 -34.24 -10.89 27.10
CA THR A 337 -35.62 -11.40 27.29
C THR A 337 -35.61 -12.70 28.09
N MET A 338 -34.44 -13.21 28.44
CA MET A 338 -34.46 -14.53 29.17
C MET A 338 -34.65 -14.36 30.66
N LEU A 339 -35.50 -15.17 31.21
CA LEU A 339 -35.84 -15.00 32.59
C LEU A 339 -35.30 -16.20 33.42
N GLU A 340 -35.06 -16.04 34.72
CA GLU A 340 -34.88 -17.21 35.55
C GLU A 340 -36.19 -17.86 35.94
N HIS A 341 -36.15 -19.11 36.39
CA HIS A 341 -37.23 -19.75 37.07
C HIS A 341 -36.59 -20.21 38.34
N HIS A 342 -36.92 -19.65 39.50
CA HIS A 342 -36.35 -20.14 40.77
C HIS A 342 -36.96 -21.32 41.29
N HIS A 343 -37.98 -21.81 40.61
CA HIS A 343 -38.81 -22.88 41.16
C HIS A 343 -39.16 -22.82 42.65
N HIS A 344 -39.60 -21.69 43.13
CA HIS A 344 -39.89 -21.58 44.53
C HIS A 344 -40.81 -22.48 45.16
N HIS A 345 -40.70 -22.44 46.50
CA HIS A 345 -40.88 -23.48 47.54
C HIS A 345 -42.32 -23.74 48.01
N MET B 1 7.02 -30.22 -38.70
CA MET B 1 5.87 -30.17 -37.79
C MET B 1 4.81 -29.31 -38.48
N LYS B 2 3.58 -29.54 -38.11
CA LYS B 2 2.51 -28.74 -38.57
C LYS B 2 2.46 -27.35 -37.88
N ALA B 3 2.21 -26.27 -38.64
CA ALA B 3 2.04 -24.94 -38.07
C ALA B 3 1.06 -24.13 -38.89
N ALA B 4 0.33 -23.23 -38.20
CA ALA B 4 -0.41 -22.19 -38.92
C ALA B 4 0.41 -20.96 -39.12
N VAL B 5 0.74 -20.67 -40.37
CA VAL B 5 1.63 -19.58 -40.74
C VAL B 5 0.93 -18.40 -41.45
N LEU B 6 1.26 -17.18 -41.01
CA LEU B 6 0.66 -15.97 -41.58
C LEU B 6 1.76 -15.34 -42.43
N HIS B 7 1.49 -15.24 -43.71
CA HIS B 7 2.46 -14.78 -44.71
C HIS B 7 2.27 -13.28 -45.01
N GLU B 8 1.03 -12.81 -44.96
CA GLU B 8 0.65 -11.48 -45.39
C GLU B 8 -0.52 -11.04 -44.54
N PHE B 9 -0.46 -9.84 -43.99
CA PHE B 9 -1.48 -9.42 -43.03
C PHE B 9 -2.84 -9.47 -43.70
N GLY B 10 -3.86 -9.93 -42.96
CA GLY B 10 -5.19 -10.04 -43.50
C GLY B 10 -5.43 -11.20 -44.45
N GLN B 11 -4.43 -12.00 -44.79
CA GLN B 11 -4.70 -13.25 -45.51
C GLN B 11 -4.99 -14.38 -44.56
N SER B 12 -5.70 -15.40 -45.06
CA SER B 12 -5.77 -16.68 -44.41
C SER B 12 -4.41 -17.19 -44.02
N LEU B 13 -4.35 -17.85 -42.87
CA LEU B 13 -3.13 -18.50 -42.44
C LEU B 13 -3.06 -19.80 -43.20
N GLN B 14 -1.88 -20.30 -43.46
CA GLN B 14 -1.74 -21.59 -44.16
C GLN B 14 -1.23 -22.62 -43.19
N ILE B 15 -2.01 -23.69 -43.03
CA ILE B 15 -1.44 -24.82 -42.32
C ILE B 15 -0.41 -25.44 -43.24
N GLU B 16 0.82 -25.52 -42.76
CA GLU B 16 1.87 -26.01 -43.57
C GLU B 16 2.96 -26.65 -42.69
N GLU B 17 4.01 -27.14 -43.33
CA GLU B 17 5.12 -27.79 -42.65
C GLU B 17 6.28 -26.88 -42.34
N VAL B 18 6.78 -26.93 -41.10
CA VAL B 18 7.97 -26.16 -40.79
C VAL B 18 8.92 -27.02 -39.93
N ASP B 19 10.20 -26.64 -39.83
CA ASP B 19 11.18 -27.35 -39.04
C ASP B 19 10.84 -27.29 -37.59
N ILE B 20 11.06 -28.38 -36.87
CA ILE B 20 11.01 -28.29 -35.40
C ILE B 20 12.25 -27.53 -34.96
N PRO B 21 12.10 -26.50 -34.14
CA PRO B 21 13.32 -25.84 -33.58
C PRO B 21 14.11 -26.69 -32.58
N THR B 22 15.30 -26.20 -32.26
CA THR B 22 16.10 -26.88 -31.27
C THR B 22 16.57 -25.77 -30.32
N PRO B 23 16.75 -26.10 -29.06
CA PRO B 23 16.97 -24.98 -28.13
C PRO B 23 18.41 -24.50 -27.93
N GLY B 24 18.69 -23.20 -27.90
CA GLY B 24 20.03 -22.68 -27.49
C GLY B 24 20.06 -22.47 -25.97
N ALA B 25 21.03 -21.78 -25.47
CA ALA B 25 21.21 -21.64 -24.05
C ALA B 25 20.05 -20.88 -23.48
N GLY B 26 19.55 -21.34 -22.35
CA GLY B 26 18.41 -20.72 -21.73
C GLY B 26 17.02 -21.07 -22.36
N GLU B 27 17.01 -21.83 -23.45
CA GLU B 27 15.78 -22.19 -24.09
C GLU B 27 15.29 -23.63 -23.91
N ILE B 28 14.01 -23.82 -24.21
CA ILE B 28 13.41 -25.17 -24.25
C ILE B 28 12.52 -25.29 -25.49
N VAL B 29 12.25 -26.54 -25.91
CA VAL B 29 11.21 -26.79 -26.94
C VAL B 29 10.13 -27.56 -26.26
N VAL B 30 8.92 -27.17 -26.56
CA VAL B 30 7.75 -27.69 -25.88
C VAL B 30 6.83 -28.25 -26.97
N LYS B 31 6.38 -29.49 -26.79
CA LYS B 31 5.45 -30.05 -27.73
C LYS B 31 4.05 -29.73 -27.29
N MET B 32 3.27 -29.04 -28.12
CA MET B 32 1.99 -28.54 -27.68
C MET B 32 0.95 -29.66 -27.54
N GLN B 33 0.26 -29.68 -26.40
CA GLN B 33 -1.00 -30.35 -26.31
C GLN B 33 -2.16 -29.46 -26.74
N ALA B 34 -2.05 -28.16 -26.44
CA ALA B 34 -3.22 -27.28 -26.61
C ALA B 34 -2.75 -25.84 -26.85
N SER B 35 -3.52 -25.10 -27.63
CA SER B 35 -3.28 -23.65 -27.75
C SER B 35 -4.60 -22.88 -27.72
N GLY B 36 -4.75 -22.00 -26.73
CA GLY B 36 -5.78 -20.97 -26.87
C GLY B 36 -5.69 -20.04 -28.06
N VAL B 37 -6.82 -19.46 -28.41
CA VAL B 37 -6.92 -18.50 -29.48
C VAL B 37 -7.63 -17.32 -28.87
N CYS B 38 -7.15 -16.08 -29.12
CA CYS B 38 -7.99 -14.90 -28.72
C CYS B 38 -7.94 -13.74 -29.70
N HIS B 39 -8.62 -12.64 -29.38
CA HIS B 39 -8.71 -11.48 -30.25
C HIS B 39 -7.30 -10.88 -30.48
N THR B 40 -6.38 -11.11 -29.57
CA THR B 40 -5.03 -10.58 -29.75
C THR B 40 -4.39 -11.26 -30.97
N ASP B 41 -4.66 -12.55 -31.13
CA ASP B 41 -4.10 -13.29 -32.24
C ASP B 41 -4.73 -12.73 -33.53
N LEU B 42 -6.00 -12.36 -33.48
CA LEU B 42 -6.63 -11.74 -34.59
C LEU B 42 -5.97 -10.38 -34.97
N HIS B 43 -5.74 -9.50 -34.00
CA HIS B 43 -4.96 -8.22 -34.24
C HIS B 43 -3.55 -8.47 -34.81
N ALA B 44 -2.92 -9.55 -34.37
CA ALA B 44 -1.61 -9.90 -34.91
C ALA B 44 -1.68 -10.22 -36.38
N VAL B 45 -2.65 -11.05 -36.77
CA VAL B 45 -2.67 -11.53 -38.15
C VAL B 45 -3.22 -10.47 -39.06
N GLU B 46 -3.91 -9.48 -38.52
CA GLU B 46 -4.46 -8.42 -39.39
C GLU B 46 -3.48 -7.25 -39.41
N GLY B 47 -2.48 -7.26 -38.54
CA GLY B 47 -1.46 -6.22 -38.49
C GLY B 47 -2.08 -4.88 -38.13
N ASP B 48 -2.99 -4.92 -37.17
CA ASP B 48 -3.85 -3.82 -36.75
C ASP B 48 -3.11 -2.77 -35.91
N TRP B 49 -2.09 -3.18 -35.19
CA TRP B 49 -1.63 -2.38 -34.12
C TRP B 49 -0.44 -1.57 -34.58
N PRO B 50 -0.07 -0.57 -33.80
CA PRO B 50 1.06 0.28 -34.18
C PRO B 50 2.35 -0.51 -34.34
N VAL B 51 2.75 -1.31 -33.37
CA VAL B 51 3.88 -2.19 -33.55
C VAL B 51 3.47 -3.57 -33.97
N LYS B 52 3.93 -4.01 -35.14
CA LYS B 52 3.34 -5.21 -35.77
C LYS B 52 4.28 -6.38 -35.86
N PRO B 53 3.74 -7.60 -36.08
CA PRO B 53 4.62 -8.78 -36.28
C PRO B 53 5.46 -8.58 -37.55
N SER B 54 6.43 -9.46 -37.80
CA SER B 54 7.12 -9.51 -39.11
C SER B 54 6.89 -10.81 -39.81
N PRO B 55 5.96 -10.80 -40.73
CA PRO B 55 5.58 -12.06 -41.38
C PRO B 55 6.71 -12.53 -42.22
N PRO B 56 6.80 -13.83 -42.48
CA PRO B 56 5.87 -14.85 -42.02
C PRO B 56 6.05 -15.24 -40.56
N PHE B 57 4.96 -15.51 -39.87
CA PHE B 57 5.10 -15.82 -38.45
C PHE B 57 3.95 -16.75 -38.06
N ILE B 58 4.17 -17.43 -36.92
CA ILE B 58 3.21 -18.31 -36.27
C ILE B 58 2.60 -17.64 -35.05
N PRO B 59 1.30 -17.41 -35.06
CA PRO B 59 0.69 -16.72 -33.91
C PRO B 59 0.57 -17.64 -32.71
N GLY B 60 -0.18 -17.20 -31.72
CA GLY B 60 -0.52 -18.01 -30.57
C GLY B 60 0.25 -17.66 -29.34
N HIS B 61 -0.44 -17.21 -28.27
CA HIS B 61 0.36 -17.04 -26.94
C HIS B 61 -0.35 -17.70 -25.76
N GLU B 62 -0.97 -18.87 -25.97
CA GLU B 62 -1.63 -19.61 -24.93
C GLU B 62 -1.36 -21.08 -25.15
N GLY B 63 -0.08 -21.46 -25.12
CA GLY B 63 0.22 -22.88 -25.38
C GLY B 63 0.50 -23.67 -24.12
N VAL B 64 -0.08 -24.86 -24.03
CA VAL B 64 0.25 -25.81 -22.97
C VAL B 64 0.87 -27.07 -23.59
N GLY B 65 2.02 -27.50 -23.10
CA GLY B 65 2.55 -28.78 -23.55
C GLY B 65 3.75 -29.22 -22.70
N LEU B 66 4.38 -30.28 -23.17
CA LEU B 66 5.42 -30.96 -22.46
C LEU B 66 6.75 -30.63 -23.09
N ILE B 67 7.72 -30.43 -22.26
CA ILE B 67 9.06 -30.09 -22.72
C ILE B 67 9.69 -31.31 -23.37
N THR B 68 10.22 -31.17 -24.59
CA THR B 68 10.81 -32.30 -25.31
C THR B 68 12.29 -32.06 -25.49
N ALA B 69 12.79 -30.84 -25.34
CA ALA B 69 14.24 -30.59 -25.40
C ALA B 69 14.58 -29.43 -24.51
N VAL B 70 15.75 -29.53 -23.86
CA VAL B 70 16.21 -28.55 -22.90
C VAL B 70 17.54 -27.99 -23.39
N GLY B 71 17.71 -26.68 -23.43
CA GLY B 71 18.95 -26.10 -23.84
C GLY B 71 19.97 -25.99 -22.77
N GLU B 72 21.16 -25.55 -23.18
CA GLU B 72 22.22 -25.41 -22.27
C GLU B 72 21.90 -24.53 -21.08
N GLY B 73 22.29 -25.00 -19.89
CA GLY B 73 22.13 -24.20 -18.65
C GLY B 73 20.75 -24.18 -18.03
N VAL B 74 19.71 -24.69 -18.70
CA VAL B 74 18.43 -24.77 -18.06
C VAL B 74 18.36 -25.88 -17.00
N THR B 75 18.17 -25.52 -15.74
CA THR B 75 18.04 -26.53 -14.69
C THR B 75 16.66 -26.56 -13.94
N HIS B 76 15.89 -25.48 -13.94
CA HIS B 76 14.67 -25.43 -13.12
C HIS B 76 13.49 -26.11 -13.77
N VAL B 77 13.57 -26.49 -15.04
CA VAL B 77 12.60 -27.37 -15.66
C VAL B 77 13.32 -28.42 -16.44
N LYS B 78 12.58 -29.45 -16.83
CA LYS B 78 13.22 -30.56 -17.56
C LYS B 78 12.24 -31.32 -18.42
N GLU B 79 12.78 -32.24 -19.23
CA GLU B 79 11.99 -32.95 -20.15
C GLU B 79 10.82 -33.61 -19.50
N GLY B 80 9.69 -33.52 -20.15
CA GLY B 80 8.43 -34.11 -19.63
C GLY B 80 7.64 -33.14 -18.77
N ASP B 81 8.26 -32.09 -18.23
CA ASP B 81 7.48 -31.09 -17.44
C ASP B 81 6.43 -30.42 -18.31
N ARG B 82 5.29 -30.14 -17.72
CA ARG B 82 4.21 -29.48 -18.45
C ARG B 82 4.32 -27.97 -18.11
N VAL B 83 4.36 -27.16 -19.17
CA VAL B 83 4.53 -25.74 -19.07
C VAL B 83 3.64 -24.98 -20.03
N GLY B 84 3.56 -23.69 -19.75
CA GLY B 84 2.73 -22.79 -20.54
C GLY B 84 3.49 -21.66 -21.18
N VAL B 85 3.16 -21.45 -22.44
CA VAL B 85 3.79 -20.43 -23.26
C VAL B 85 2.79 -19.32 -23.35
N ALA B 86 3.13 -18.22 -22.73
CA ALA B 86 2.16 -17.11 -22.63
C ALA B 86 2.65 -15.83 -23.38
N TRP B 87 1.92 -14.75 -23.25
CA TRP B 87 2.13 -13.54 -24.08
C TRP B 87 3.50 -12.98 -23.85
N LEU B 88 3.90 -12.93 -22.58
CA LEU B 88 5.28 -12.47 -22.23
C LEU B 88 6.27 -13.61 -22.45
N TYR B 89 6.97 -13.58 -23.59
CA TYR B 89 7.86 -14.66 -24.04
C TYR B 89 9.26 -14.43 -23.38
N SER B 90 9.64 -13.18 -23.24
CA SER B 90 10.87 -12.83 -22.56
C SER B 90 10.86 -11.35 -22.19
N ALA B 91 11.68 -11.00 -21.22
CA ALA B 91 11.93 -9.65 -20.88
C ALA B 91 13.44 -9.51 -20.52
N CYS B 92 13.95 -8.31 -20.43
CA CYS B 92 15.44 -8.14 -20.37
C CYS B 92 16.02 -8.64 -19.07
N GLY B 93 15.22 -8.54 -18.00
CA GLY B 93 15.67 -8.81 -16.61
C GLY B 93 16.64 -7.86 -15.90
N HIS B 94 16.97 -6.72 -16.52
CA HIS B 94 17.90 -5.75 -15.96
C HIS B 94 17.37 -4.34 -15.75
N CYS B 95 16.28 -3.99 -16.41
CA CYS B 95 15.73 -2.62 -16.31
C CYS B 95 14.94 -2.39 -15.00
N THR B 96 14.56 -1.17 -14.72
CA THR B 96 13.82 -0.82 -13.54
C THR B 96 12.51 -1.56 -13.47
N HIS B 97 11.81 -1.74 -14.61
CA HIS B 97 10.62 -2.44 -14.62
C HIS B 97 10.84 -3.97 -14.22
N CYS B 98 11.76 -4.65 -14.91
CA CYS B 98 12.06 -6.03 -14.59
C CYS B 98 12.53 -6.19 -13.17
N LEU B 99 13.43 -5.34 -12.69
CA LEU B 99 13.91 -5.49 -11.31
C LEU B 99 12.82 -5.34 -10.18
N GLY B 100 11.78 -4.58 -10.50
CA GLY B 100 10.80 -4.21 -9.49
C GLY B 100 9.57 -5.07 -9.69
N GLY B 101 9.63 -6.13 -10.48
CA GLY B 101 8.42 -7.02 -10.47
C GLY B 101 7.31 -6.56 -11.42
N TRP B 102 7.69 -5.70 -12.40
CA TRP B 102 6.80 -5.15 -13.42
C TRP B 102 7.29 -5.51 -14.81
N GLU B 103 7.76 -6.73 -15.00
CA GLU B 103 8.35 -7.10 -16.23
C GLU B 103 7.42 -6.99 -17.42
N THR B 104 6.09 -6.94 -17.17
CA THR B 104 5.14 -6.72 -18.20
C THR B 104 5.33 -5.37 -18.89
N LEU B 105 6.05 -4.44 -18.26
CA LEU B 105 6.31 -3.16 -18.85
C LEU B 105 7.66 -3.06 -19.56
N CYS B 106 8.48 -4.12 -19.52
CA CYS B 106 9.85 -4.03 -20.08
C CYS B 106 9.76 -3.58 -21.54
N GLU B 107 10.59 -2.60 -21.90
CA GLU B 107 10.56 -2.02 -23.22
C GLU B 107 11.24 -2.89 -24.25
N SER B 108 11.97 -3.91 -23.83
CA SER B 108 12.49 -4.88 -24.80
C SER B 108 11.94 -6.26 -24.66
N GLN B 109 10.72 -6.32 -24.21
CA GLN B 109 10.10 -7.66 -24.09
C GLN B 109 9.84 -8.20 -25.45
N GLN B 110 9.76 -9.54 -25.54
CA GLN B 110 9.32 -10.27 -26.72
C GLN B 110 7.92 -10.85 -26.37
N ASN B 111 7.03 -10.91 -27.35
CA ASN B 111 5.72 -11.52 -27.17
C ASN B 111 5.50 -12.76 -28.04
N SER B 112 5.06 -13.85 -27.40
CA SER B 112 4.83 -15.07 -28.08
C SER B 112 3.77 -14.88 -29.18
N GLY B 113 3.98 -15.53 -30.33
CA GLY B 113 2.99 -15.51 -31.41
C GLY B 113 2.76 -14.10 -31.96
N TYR B 114 3.77 -13.26 -31.88
CA TYR B 114 3.64 -11.85 -32.24
C TYR B 114 5.00 -11.36 -32.71
N SER B 115 5.96 -11.19 -31.78
CA SER B 115 7.29 -10.75 -32.15
C SER B 115 8.19 -11.98 -32.40
N VAL B 116 7.74 -13.19 -32.01
CA VAL B 116 8.45 -14.43 -32.29
C VAL B 116 7.39 -15.49 -32.49
N ASN B 117 7.73 -16.62 -33.13
CA ASN B 117 6.77 -17.72 -33.29
C ASN B 117 6.15 -18.27 -32.01
N GLY B 118 4.90 -18.63 -32.09
CA GLY B 118 4.12 -19.01 -30.94
C GLY B 118 3.48 -20.38 -30.96
N SER B 119 2.31 -20.48 -30.33
CA SER B 119 1.70 -21.73 -29.98
C SER B 119 0.73 -22.31 -30.98
N PHE B 120 0.47 -21.62 -32.07
CA PHE B 120 -0.14 -22.21 -33.24
C PHE B 120 0.77 -23.19 -34.09
N ALA B 121 1.55 -24.02 -33.45
CA ALA B 121 2.33 -25.05 -34.13
C ALA B 121 2.39 -26.25 -33.17
N GLU B 122 2.78 -27.41 -33.70
CA GLU B 122 2.94 -28.55 -32.86
C GLU B 122 4.06 -28.44 -31.82
N TYR B 123 5.07 -27.63 -32.09
CA TYR B 123 6.17 -27.44 -31.17
C TYR B 123 6.49 -25.96 -31.09
N VAL B 124 7.01 -25.53 -29.93
CA VAL B 124 7.39 -24.15 -29.73
C VAL B 124 8.73 -24.01 -29.00
N LEU B 125 9.56 -23.15 -29.50
CA LEU B 125 10.85 -22.78 -28.87
C LEU B 125 10.51 -21.67 -27.89
N ALA B 126 10.88 -21.83 -26.60
CA ALA B 126 10.55 -20.87 -25.57
C ALA B 126 11.77 -20.50 -24.71
N ASN B 127 11.66 -19.37 -23.99
CA ASN B 127 12.70 -18.96 -23.01
C ASN B 127 12.23 -19.62 -21.73
N ALA B 128 13.02 -20.58 -21.28
CA ALA B 128 12.71 -21.33 -20.04
C ALA B 128 12.37 -20.50 -18.82
N ASN B 129 12.88 -19.26 -18.77
CA ASN B 129 12.63 -18.46 -17.56
C ASN B 129 11.28 -17.74 -17.55
N TYR B 130 10.51 -17.84 -18.65
CA TYR B 130 9.31 -17.04 -18.79
C TYR B 130 8.08 -17.90 -19.02
N VAL B 131 8.28 -19.21 -19.15
CA VAL B 131 7.08 -20.08 -19.29
C VAL B 131 6.42 -20.28 -17.95
N GLY B 132 5.09 -20.50 -17.98
CA GLY B 132 4.32 -20.87 -16.77
C GLY B 132 4.47 -22.33 -16.40
N ILE B 133 4.50 -22.62 -15.10
CA ILE B 133 4.60 -23.98 -14.66
C ILE B 133 3.18 -24.41 -14.42
N ILE B 134 2.74 -25.43 -15.12
CA ILE B 134 1.34 -25.84 -15.04
C ILE B 134 1.10 -26.79 -13.85
N PRO B 135 0.17 -26.44 -12.97
CA PRO B 135 -0.14 -27.35 -11.87
C PRO B 135 -0.49 -28.78 -12.30
N GLU B 136 -0.07 -29.72 -11.49
CA GLU B 136 -0.30 -31.14 -11.71
C GLU B 136 -1.73 -31.50 -12.07
N SER B 137 -2.65 -31.02 -11.26
CA SER B 137 -3.96 -31.63 -11.31
C SER B 137 -4.79 -31.25 -12.52
N VAL B 138 -4.43 -30.24 -13.29
CA VAL B 138 -5.37 -29.66 -14.23
C VAL B 138 -5.34 -30.35 -15.60
N ASP B 139 -6.38 -30.15 -16.40
CA ASP B 139 -6.43 -30.59 -17.79
C ASP B 139 -5.82 -29.52 -18.73
N SER B 140 -5.05 -29.97 -19.73
CA SER B 140 -4.30 -29.07 -20.61
C SER B 140 -5.20 -28.17 -21.46
N ILE B 141 -6.35 -28.68 -21.91
CA ILE B 141 -7.21 -27.90 -22.78
C ILE B 141 -7.87 -26.86 -21.92
N GLU B 142 -8.38 -27.28 -20.77
CA GLU B 142 -9.11 -26.38 -19.89
C GLU B 142 -8.23 -25.27 -19.28
N ILE B 143 -6.99 -25.55 -19.05
CA ILE B 143 -6.12 -24.60 -18.35
C ILE B 143 -5.57 -23.62 -19.33
N ALA B 144 -5.61 -23.94 -20.64
CA ALA B 144 -4.91 -23.04 -21.58
C ALA B 144 -5.35 -21.55 -21.51
N PRO B 145 -6.65 -21.29 -21.46
CA PRO B 145 -7.11 -19.90 -21.40
C PRO B 145 -6.68 -19.12 -20.13
N VAL B 146 -6.32 -19.81 -19.06
CA VAL B 146 -5.77 -19.13 -17.91
C VAL B 146 -4.48 -18.37 -18.30
N LEU B 147 -3.70 -18.89 -19.24
CA LEU B 147 -2.48 -18.26 -19.65
C LEU B 147 -2.66 -16.92 -20.29
N CYS B 148 -3.87 -16.60 -20.71
CA CYS B 148 -4.11 -15.29 -21.31
C CYS B 148 -5.30 -14.64 -20.71
N ALA B 149 -6.52 -15.18 -20.95
CA ALA B 149 -7.64 -14.57 -20.32
C ALA B 149 -7.60 -14.51 -18.79
N GLY B 150 -7.27 -15.64 -18.17
CA GLY B 150 -7.26 -15.67 -16.73
C GLY B 150 -6.27 -14.65 -16.10
N VAL B 151 -5.08 -14.77 -16.46
CA VAL B 151 -3.97 -13.83 -15.90
C VAL B 151 -4.32 -12.35 -16.14
N THR B 152 -4.86 -12.07 -17.31
CA THR B 152 -5.36 -10.75 -17.59
C THR B 152 -6.40 -10.21 -16.72
N VAL B 153 -7.52 -10.96 -16.49
CA VAL B 153 -8.53 -10.48 -15.63
C VAL B 153 -8.09 -10.43 -14.18
N TYR B 154 -7.28 -11.38 -13.79
CA TYR B 154 -6.80 -11.49 -12.42
C TYR B 154 -5.92 -10.28 -12.03
N LYS B 155 -4.91 -9.97 -12.84
CA LYS B 155 -4.09 -8.80 -12.61
C LYS B 155 -4.99 -7.58 -12.76
N GLY B 156 -5.96 -7.63 -13.69
CA GLY B 156 -6.82 -6.45 -13.84
C GLY B 156 -7.66 -6.16 -12.59
N LEU B 157 -8.17 -7.20 -11.93
CA LEU B 157 -8.83 -7.04 -10.68
C LEU B 157 -7.91 -6.55 -9.59
N LYS B 158 -6.71 -7.10 -9.46
CA LYS B 158 -5.83 -6.54 -8.52
C LYS B 158 -5.66 -5.03 -8.78
N MET B 159 -5.67 -4.61 -10.03
CA MET B 159 -5.46 -3.20 -10.33
C MET B 159 -6.71 -2.31 -10.08
N THR B 160 -7.87 -2.85 -9.71
CA THR B 160 -9.01 -2.08 -9.27
C THR B 160 -8.84 -1.52 -7.83
N ASP B 161 -7.76 -1.93 -7.15
CA ASP B 161 -7.51 -1.50 -5.80
C ASP B 161 -8.71 -1.75 -4.90
N THR B 162 -9.42 -2.87 -5.06
CA THR B 162 -10.57 -3.20 -4.25
C THR B 162 -10.13 -4.24 -3.20
N LYS B 163 -11.06 -4.64 -2.33
CA LYS B 163 -10.73 -5.51 -1.22
C LYS B 163 -11.94 -6.36 -0.99
N PRO B 164 -11.75 -7.50 -0.33
CA PRO B 164 -12.92 -8.33 0.01
C PRO B 164 -14.07 -7.56 0.60
N GLY B 165 -15.23 -7.82 0.00
CA GLY B 165 -16.46 -7.20 0.40
C GLY B 165 -16.86 -6.02 -0.46
N ASP B 166 -15.93 -5.47 -1.21
CA ASP B 166 -16.27 -4.39 -2.12
C ASP B 166 -17.11 -4.96 -3.28
N TRP B 167 -17.74 -4.06 -4.02
CA TRP B 167 -18.45 -4.38 -5.26
C TRP B 167 -17.65 -4.01 -6.50
N VAL B 168 -17.53 -4.96 -7.41
CA VAL B 168 -16.86 -4.72 -8.64
C VAL B 168 -17.85 -5.02 -9.74
N VAL B 169 -17.93 -4.11 -10.75
CA VAL B 169 -18.65 -4.41 -11.99
C VAL B 169 -17.79 -5.02 -13.01
N ILE B 170 -18.29 -6.07 -13.62
CA ILE B 170 -17.61 -6.70 -14.73
C ILE B 170 -18.50 -6.34 -15.91
N SER B 171 -17.91 -5.61 -16.83
CA SER B 171 -18.56 -5.17 -18.02
C SER B 171 -18.07 -6.06 -19.14
N GLY B 172 -19.03 -6.72 -19.76
CA GLY B 172 -18.78 -7.67 -20.82
C GLY B 172 -18.50 -9.02 -20.18
N ILE B 173 -19.41 -9.93 -20.35
CA ILE B 173 -19.25 -11.27 -19.77
C ILE B 173 -18.99 -12.26 -20.90
N GLY B 174 -17.97 -11.99 -21.70
CA GLY B 174 -17.61 -12.92 -22.78
C GLY B 174 -16.34 -13.71 -22.40
N GLY B 175 -15.35 -13.73 -23.32
CA GLY B 175 -14.26 -14.67 -23.18
C GLY B 175 -13.60 -14.35 -21.87
N LEU B 176 -13.23 -13.09 -21.72
CA LEU B 176 -12.58 -12.63 -20.51
C LEU B 176 -13.54 -12.55 -19.32
N GLY B 177 -14.68 -11.95 -19.56
CA GLY B 177 -15.57 -11.60 -18.50
C GLY B 177 -16.08 -12.79 -17.69
N HIS B 178 -16.29 -13.94 -18.31
CA HIS B 178 -16.78 -15.12 -17.56
C HIS B 178 -15.63 -15.62 -16.64
N MET B 179 -14.35 -15.37 -17.02
CA MET B 179 -13.25 -15.69 -16.11
C MET B 179 -13.15 -14.66 -15.03
N ALA B 180 -13.41 -13.41 -15.39
CA ALA B 180 -13.37 -12.35 -14.42
C ALA B 180 -14.37 -12.47 -13.27
N VAL B 181 -15.61 -12.90 -13.55
CA VAL B 181 -16.56 -13.13 -12.51
C VAL B 181 -15.98 -14.13 -11.51
N GLN B 182 -15.35 -15.17 -12.00
CA GLN B 182 -14.90 -16.24 -11.16
C GLN B 182 -13.72 -15.78 -10.32
N TYR B 183 -12.79 -15.02 -10.90
CA TYR B 183 -11.67 -14.57 -10.13
C TYR B 183 -12.16 -13.57 -9.06
N ALA B 184 -13.03 -12.66 -9.45
CA ALA B 184 -13.56 -11.70 -8.54
C ALA B 184 -14.24 -12.37 -7.31
N ILE B 185 -15.04 -13.38 -7.54
CA ILE B 185 -15.60 -14.14 -6.43
C ILE B 185 -14.50 -14.80 -5.57
N ALA B 186 -13.53 -15.42 -6.19
CA ALA B 186 -12.40 -15.99 -5.42
C ALA B 186 -11.62 -15.00 -4.59
N MET B 187 -11.61 -13.73 -5.01
CA MET B 187 -10.97 -12.64 -4.32
C MET B 187 -11.87 -11.95 -3.32
N GLY B 188 -13.03 -12.52 -3.06
CA GLY B 188 -13.95 -12.08 -1.99
C GLY B 188 -14.77 -10.86 -2.36
N LEU B 189 -14.83 -10.56 -3.66
CA LEU B 189 -15.59 -9.42 -4.14
C LEU B 189 -17.05 -9.82 -4.40
N ASN B 190 -17.94 -8.89 -4.16
CA ASN B 190 -19.30 -8.94 -4.70
C ASN B 190 -19.35 -8.46 -6.14
N VAL B 191 -19.91 -9.28 -7.00
CA VAL B 191 -19.96 -8.96 -8.39
C VAL B 191 -21.29 -8.52 -8.97
N ALA B 192 -21.21 -7.36 -9.66
CA ALA B 192 -22.27 -6.88 -10.55
C ALA B 192 -21.85 -7.05 -12.00
N ALA B 193 -22.65 -7.75 -12.76
CA ALA B 193 -22.32 -8.08 -14.12
C ALA B 193 -23.18 -7.28 -15.04
N VAL B 194 -22.57 -6.68 -16.04
CA VAL B 194 -23.31 -5.90 -17.04
C VAL B 194 -22.96 -6.41 -18.45
N ASP B 195 -24.00 -6.54 -19.27
CA ASP B 195 -23.84 -6.94 -20.65
C ASP B 195 -25.16 -6.57 -21.33
N ILE B 196 -25.32 -7.03 -22.56
CA ILE B 196 -26.52 -6.77 -23.33
C ILE B 196 -27.19 -8.08 -23.74
N ASP B 197 -26.73 -9.21 -23.23
CA ASP B 197 -27.22 -10.51 -23.63
C ASP B 197 -27.71 -11.14 -22.36
N ASP B 198 -28.93 -11.59 -22.38
CA ASP B 198 -29.54 -12.10 -21.17
C ASP B 198 -28.96 -13.43 -20.69
N ASP B 199 -28.64 -14.31 -21.68
CA ASP B 199 -28.02 -15.61 -21.35
C ASP B 199 -26.64 -15.41 -20.71
N LYS B 200 -25.83 -14.49 -21.25
CA LYS B 200 -24.52 -14.18 -20.65
C LYS B 200 -24.67 -13.77 -19.22
N LEU B 201 -25.65 -12.88 -18.99
CA LEU B 201 -26.00 -12.45 -17.65
C LEU B 201 -26.50 -13.60 -16.73
N ALA B 202 -27.34 -14.51 -17.23
CA ALA B 202 -27.66 -15.72 -16.43
C ALA B 202 -26.37 -16.53 -16.07
N PHE B 203 -25.47 -16.68 -17.04
CA PHE B 203 -24.28 -17.45 -16.81
C PHE B 203 -23.47 -16.75 -15.68
N ALA B 204 -23.44 -15.43 -15.74
CA ALA B 204 -22.73 -14.69 -14.72
C ALA B 204 -23.31 -14.94 -13.34
N LYS B 205 -24.64 -14.91 -13.25
CA LYS B 205 -25.33 -15.18 -11.99
C LYS B 205 -25.00 -16.59 -11.49
N LYS B 206 -24.97 -17.56 -12.40
CA LYS B 206 -24.59 -18.94 -12.05
C LYS B 206 -23.15 -18.99 -11.52
N LEU B 207 -22.27 -18.16 -12.09
CA LEU B 207 -20.90 -18.09 -11.59
C LEU B 207 -20.70 -17.28 -10.31
N GLY B 208 -21.79 -16.71 -9.81
CA GLY B 208 -21.84 -16.13 -8.46
C GLY B 208 -22.09 -14.63 -8.47
N ALA B 209 -22.38 -14.03 -9.63
CA ALA B 209 -22.72 -12.57 -9.65
C ALA B 209 -24.07 -12.35 -9.03
N LYS B 210 -24.11 -11.63 -7.91
CA LYS B 210 -25.39 -11.40 -7.20
C LYS B 210 -26.22 -10.31 -7.91
N VAL B 211 -25.62 -9.49 -8.73
CA VAL B 211 -26.38 -8.45 -9.42
C VAL B 211 -26.09 -8.56 -10.90
N THR B 212 -27.11 -8.46 -11.74
CA THR B 212 -26.89 -8.38 -13.19
C THR B 212 -27.73 -7.27 -13.78
N VAL B 213 -27.24 -6.65 -14.82
CA VAL B 213 -28.08 -5.72 -15.52
C VAL B 213 -27.80 -5.74 -17.03
N ASN B 214 -28.89 -5.69 -17.76
CA ASN B 214 -28.85 -5.68 -19.18
C ASN B 214 -28.91 -4.24 -19.64
N ALA B 215 -27.77 -3.75 -20.15
CA ALA B 215 -27.60 -2.37 -20.57
C ALA B 215 -28.53 -1.96 -21.68
N LYS B 216 -29.05 -2.91 -22.45
CA LYS B 216 -30.06 -2.60 -23.48
C LYS B 216 -31.47 -2.32 -22.92
N ASN B 217 -31.85 -2.98 -21.84
CA ASN B 217 -33.17 -2.76 -21.23
C ASN B 217 -33.24 -1.60 -20.22
N THR B 218 -32.10 -1.15 -19.69
CA THR B 218 -32.06 -0.43 -18.43
C THR B 218 -30.78 0.39 -18.40
N ASP B 219 -30.83 1.57 -17.78
CA ASP B 219 -29.64 2.31 -17.66
C ASP B 219 -28.77 1.62 -16.59
N PRO B 220 -27.62 1.06 -17.01
CA PRO B 220 -26.89 0.35 -15.99
C PRO B 220 -26.43 1.26 -14.84
N ALA B 221 -26.00 2.48 -15.14
CA ALA B 221 -25.46 3.37 -14.11
C ALA B 221 -26.52 3.80 -13.10
N GLU B 222 -27.69 4.22 -13.55
CA GLU B 222 -28.76 4.52 -12.59
C GLU B 222 -29.13 3.33 -11.72
N TYR B 223 -29.21 2.14 -12.31
CA TYR B 223 -29.59 0.98 -11.56
C TYR B 223 -28.58 0.62 -10.47
N LEU B 224 -27.30 0.55 -10.81
CA LEU B 224 -26.28 0.26 -9.81
C LEU B 224 -26.08 1.35 -8.79
N GLN B 225 -26.22 2.61 -9.17
CA GLN B 225 -26.16 3.67 -8.18
C GLN B 225 -27.25 3.40 -7.15
N LYS B 226 -28.45 3.05 -7.57
CA LYS B 226 -29.54 2.89 -6.62
C LYS B 226 -29.36 1.57 -5.88
N GLU B 227 -29.10 0.50 -6.61
CA GLU B 227 -28.95 -0.85 -6.02
C GLU B 227 -27.75 -1.08 -5.03
N ILE B 228 -26.53 -0.63 -5.37
CA ILE B 228 -25.36 -0.88 -4.50
C ILE B 228 -24.60 0.34 -4.10
N GLY B 229 -25.15 1.49 -4.44
CA GLY B 229 -24.55 2.76 -4.12
C GLY B 229 -23.34 3.08 -4.98
N GLY B 230 -23.23 2.41 -6.12
CA GLY B 230 -22.07 2.60 -6.99
C GLY B 230 -20.97 1.59 -6.69
N ALA B 231 -20.27 1.12 -7.71
CA ALA B 231 -19.27 0.07 -7.53
C ALA B 231 -18.00 0.69 -7.06
N HIS B 232 -17.22 -0.06 -6.30
CA HIS B 232 -15.87 0.42 -5.89
C HIS B 232 -14.90 0.30 -7.02
N GLY B 233 -15.16 -0.67 -7.93
CA GLY B 233 -14.27 -0.95 -8.98
C GLY B 233 -15.02 -1.40 -10.19
N ALA B 234 -14.42 -1.20 -11.37
CA ALA B 234 -14.98 -1.68 -12.64
C ALA B 234 -13.87 -2.25 -13.53
N LEU B 235 -14.14 -3.40 -14.11
CA LEU B 235 -13.25 -4.06 -15.01
C LEU B 235 -13.99 -4.12 -16.33
N VAL B 236 -13.50 -3.41 -17.30
CA VAL B 236 -14.09 -3.29 -18.62
C VAL B 236 -13.36 -4.19 -19.61
N THR B 237 -14.05 -5.25 -20.04
CA THR B 237 -13.42 -6.34 -20.74
C THR B 237 -13.71 -6.16 -22.19
N ALA B 238 -14.79 -5.46 -22.53
CA ALA B 238 -15.06 -5.18 -23.92
C ALA B 238 -15.06 -3.68 -23.99
N VAL B 239 -13.97 -3.12 -24.54
CA VAL B 239 -13.74 -1.66 -24.54
C VAL B 239 -14.27 -1.01 -25.87
N SER B 240 -15.50 -0.58 -25.77
CA SER B 240 -16.08 0.28 -26.70
C SER B 240 -16.35 1.57 -25.93
N ALA B 241 -16.62 2.62 -26.67
CA ALA B 241 -16.83 3.90 -26.07
C ALA B 241 -17.97 3.85 -25.09
N LYS B 242 -19.07 3.24 -25.49
CA LYS B 242 -20.25 3.25 -24.64
C LYS B 242 -20.06 2.47 -23.34
N ALA B 243 -19.35 1.35 -23.38
CA ALA B 243 -19.19 0.49 -22.21
C ALA B 243 -18.28 1.18 -21.20
N PHE B 244 -17.24 1.78 -21.75
CA PHE B 244 -16.33 2.58 -20.97
C PHE B 244 -17.07 3.72 -20.26
N ASP B 245 -17.88 4.45 -20.99
CA ASP B 245 -18.52 5.59 -20.39
C ASP B 245 -19.56 5.19 -19.35
N GLN B 246 -20.31 4.14 -19.67
CA GLN B 246 -21.28 3.61 -18.70
C GLN B 246 -20.56 3.11 -17.43
N ALA B 247 -19.42 2.46 -17.63
CA ALA B 247 -18.68 1.89 -16.51
C ALA B 247 -18.21 3.03 -15.58
N LEU B 248 -17.76 4.14 -16.15
CA LEU B 248 -17.45 5.30 -15.33
C LEU B 248 -18.63 5.70 -14.52
N SER B 249 -19.81 5.78 -15.13
CA SER B 249 -20.98 6.19 -14.41
C SER B 249 -21.46 5.24 -13.38
N MET B 250 -20.96 4.01 -13.43
CA MET B 250 -21.36 3.00 -12.46
C MET B 250 -20.55 3.06 -11.17
N LEU B 251 -19.47 3.88 -11.15
CA LEU B 251 -18.59 3.93 -9.99
C LEU B 251 -19.06 4.88 -8.91
N ARG B 252 -18.79 4.53 -7.66
CA ARG B 252 -18.94 5.52 -6.61
C ARG B 252 -17.76 6.46 -6.59
N ARG B 253 -17.85 7.57 -5.86
CA ARG B 253 -16.69 8.42 -5.73
C ARG B 253 -15.49 7.68 -5.20
N GLY B 254 -14.31 8.00 -5.75
CA GLY B 254 -13.08 7.27 -5.35
C GLY B 254 -12.90 5.93 -6.00
N GLY B 255 -13.87 5.55 -6.83
CA GLY B 255 -13.71 4.31 -7.52
C GLY B 255 -12.63 4.27 -8.57
N THR B 256 -12.31 3.04 -8.94
CA THR B 256 -11.34 2.75 -9.98
C THR B 256 -11.91 1.92 -11.14
N LEU B 257 -11.76 2.43 -12.34
CA LEU B 257 -11.99 1.71 -13.59
C LEU B 257 -10.71 1.16 -14.22
N VAL B 258 -10.65 -0.13 -14.44
CA VAL B 258 -9.54 -0.76 -15.20
C VAL B 258 -10.02 -1.27 -16.59
N CYS B 259 -9.39 -0.75 -17.63
CA CYS B 259 -9.55 -1.20 -18.98
C CYS B 259 -8.67 -2.37 -19.23
N ASN B 260 -9.29 -3.49 -19.57
CA ASN B 260 -8.62 -4.75 -19.55
C ASN B 260 -8.30 -5.15 -20.90
N GLY B 261 -8.54 -4.29 -21.89
CA GLY B 261 -8.10 -4.58 -23.21
C GLY B 261 -7.90 -3.25 -23.94
N LEU B 262 -7.39 -3.36 -25.14
CA LEU B 262 -7.16 -2.21 -25.99
C LEU B 262 -8.37 -1.85 -26.87
N PRO B 263 -8.92 -0.64 -26.71
CA PRO B 263 -9.93 -0.21 -27.66
C PRO B 263 -9.30 0.06 -28.97
N PRO B 264 -10.11 0.28 -29.98
CA PRO B 264 -9.64 0.55 -31.33
C PRO B 264 -9.06 1.92 -31.50
N GLY B 265 -9.53 2.89 -30.77
CA GLY B 265 -9.04 4.21 -31.00
C GLY B 265 -9.18 4.94 -29.69
N ASP B 266 -9.08 6.26 -29.75
CA ASP B 266 -9.27 7.13 -28.62
C ASP B 266 -10.72 7.11 -28.46
N PHE B 267 -11.20 7.63 -27.35
CA PHE B 267 -12.54 8.07 -27.40
C PHE B 267 -12.83 9.03 -26.25
N PRO B 268 -13.65 10.08 -26.53
CA PRO B 268 -13.82 11.09 -25.50
C PRO B 268 -14.10 10.54 -24.18
N VAL B 269 -13.79 11.36 -23.18
CA VAL B 269 -13.70 10.89 -21.84
C VAL B 269 -13.96 12.04 -20.94
N SER B 270 -14.87 11.73 -20.02
CA SER B 270 -15.42 12.62 -18.98
C SER B 270 -14.64 13.76 -18.47
N ILE B 271 -13.34 13.56 -18.49
CA ILE B 271 -12.49 14.19 -17.54
C ILE B 271 -13.26 14.87 -16.48
N PHE B 272 -13.78 16.09 -16.68
CA PHE B 272 -14.41 16.89 -15.58
C PHE B 272 -15.03 16.06 -14.39
N ASP B 273 -15.81 15.04 -14.72
CA ASP B 273 -16.53 14.27 -13.68
C ASP B 273 -15.63 13.31 -12.98
N THR B 274 -14.79 12.71 -13.79
CA THR B 274 -13.65 11.97 -13.32
C THR B 274 -12.79 12.67 -12.24
N VAL B 275 -12.50 13.91 -12.38
CA VAL B 275 -11.70 14.54 -11.31
C VAL B 275 -12.47 15.02 -10.07
N LEU B 276 -13.67 15.49 -10.32
CA LEU B 276 -14.63 15.85 -9.29
C LEU B 276 -14.94 14.71 -8.33
N ASN B 277 -15.05 13.53 -8.90
CA ASN B 277 -15.41 12.37 -8.14
C ASN B 277 -14.23 11.55 -7.63
N GLY B 278 -13.03 12.10 -7.77
CA GLY B 278 -11.84 11.35 -7.37
C GLY B 278 -11.66 9.97 -7.95
N ILE B 279 -12.04 9.83 -9.22
CA ILE B 279 -11.94 8.58 -9.94
C ILE B 279 -10.57 8.31 -10.49
N THR B 280 -10.25 7.06 -10.62
CA THR B 280 -9.00 6.60 -11.18
C THR B 280 -9.32 5.73 -12.44
N ILE B 281 -8.60 5.98 -13.49
CA ILE B 281 -8.74 5.23 -14.74
C ILE B 281 -7.36 4.63 -15.01
N ARG B 282 -7.30 3.33 -15.19
CA ARG B 282 -6.03 2.67 -15.37
C ARG B 282 -6.14 1.57 -16.45
N GLY B 283 -5.11 1.39 -17.21
CA GLY B 283 -5.04 0.20 -18.02
C GLY B 283 -4.28 -0.95 -17.34
N SER B 284 -4.76 -2.13 -17.61
CA SER B 284 -4.05 -3.34 -17.25
C SER B 284 -4.45 -4.41 -18.25
N ILE B 285 -3.46 -4.92 -18.93
CA ILE B 285 -3.73 -5.84 -19.99
C ILE B 285 -2.95 -7.14 -19.94
N VAL B 286 -1.83 -7.31 -19.23
CA VAL B 286 -1.51 -8.72 -19.08
C VAL B 286 -1.10 -9.06 -17.65
N GLY B 287 -0.23 -10.02 -17.42
CA GLY B 287 0.30 -10.21 -16.09
C GLY B 287 1.78 -10.69 -16.04
N THR B 288 2.41 -10.49 -14.89
CA THR B 288 3.78 -10.89 -14.67
C THR B 288 3.84 -12.40 -14.45
N ARG B 289 5.03 -12.95 -14.48
CA ARG B 289 5.24 -14.32 -14.11
C ARG B 289 4.55 -14.66 -12.77
N LEU B 290 4.63 -13.78 -11.78
CA LEU B 290 4.02 -14.13 -10.51
C LEU B 290 2.52 -14.08 -10.55
N ASP B 291 2.00 -13.09 -11.28
CA ASP B 291 0.54 -13.03 -11.51
C ASP B 291 0.05 -14.30 -12.16
N LEU B 292 0.81 -14.81 -13.10
CA LEU B 292 0.39 -15.96 -13.87
C LEU B 292 0.40 -17.18 -12.95
N GLN B 293 1.43 -17.29 -12.11
CA GLN B 293 1.48 -18.36 -11.11
C GLN B 293 0.30 -18.34 -10.17
N GLU B 294 0.00 -17.16 -9.64
CA GLU B 294 -1.14 -17.02 -8.74
C GLU B 294 -2.47 -17.40 -9.43
N SER B 295 -2.64 -16.95 -10.66
CA SER B 295 -3.81 -17.30 -11.54
C SER B 295 -4.00 -18.78 -11.70
N LEU B 296 -2.94 -19.44 -12.00
CA LEU B 296 -2.89 -20.87 -12.23
C LEU B 296 -3.17 -21.63 -10.93
N ASP B 297 -2.75 -21.09 -9.80
CA ASP B 297 -3.02 -21.80 -8.55
C ASP B 297 -4.49 -21.74 -8.20
N MET B 298 -5.12 -20.59 -8.43
CA MET B 298 -6.51 -20.46 -8.22
C MET B 298 -7.32 -21.40 -9.06
N ALA B 299 -6.96 -21.56 -10.33
CA ALA B 299 -7.57 -22.53 -11.14
C ALA B 299 -7.37 -23.96 -10.63
N ALA B 300 -6.16 -24.34 -10.31
CA ALA B 300 -5.89 -25.66 -9.81
C ALA B 300 -6.73 -25.98 -8.52
N ALA B 301 -7.00 -24.97 -7.69
CA ALA B 301 -7.79 -25.11 -6.44
C ALA B 301 -9.29 -25.22 -6.73
N GLY B 302 -9.66 -25.19 -8.02
CA GLY B 302 -11.04 -25.40 -8.42
C GLY B 302 -11.81 -24.09 -8.35
N LYS B 303 -11.18 -23.00 -8.02
CA LYS B 303 -11.92 -21.74 -7.82
C LYS B 303 -12.36 -21.07 -9.12
N VAL B 304 -11.73 -21.44 -10.20
CA VAL B 304 -11.98 -20.87 -11.51
C VAL B 304 -11.86 -21.94 -12.56
N LYS B 305 -12.75 -21.89 -13.53
CA LYS B 305 -12.79 -22.89 -14.57
C LYS B 305 -13.22 -22.20 -15.88
N ALA B 306 -12.38 -22.27 -16.92
CA ALA B 306 -12.70 -21.70 -18.22
C ALA B 306 -13.72 -22.57 -18.98
N THR B 307 -14.68 -21.96 -19.67
CA THR B 307 -15.53 -22.63 -20.66
C THR B 307 -14.76 -22.67 -21.96
N VAL B 308 -14.41 -23.87 -22.44
CA VAL B 308 -13.64 -23.97 -23.70
C VAL B 308 -14.34 -24.84 -24.77
N THR B 309 -14.04 -24.57 -26.05
CA THR B 309 -14.35 -25.46 -27.17
C THR B 309 -13.10 -25.84 -27.92
N ALA B 310 -12.88 -27.12 -28.08
CA ALA B 310 -11.63 -27.65 -28.63
C ALA B 310 -11.87 -27.84 -30.12
N GLU B 311 -10.94 -27.42 -30.92
CA GLU B 311 -10.99 -27.53 -32.38
C GLU B 311 -9.60 -27.92 -32.96
N PRO B 312 -9.60 -28.46 -34.18
CA PRO B 312 -8.30 -28.80 -34.77
C PRO B 312 -7.67 -27.55 -35.31
N LEU B 313 -6.35 -27.62 -35.47
CA LEU B 313 -5.60 -26.49 -35.93
C LEU B 313 -6.13 -25.99 -37.23
N GLU B 314 -6.50 -26.89 -38.11
CA GLU B 314 -7.01 -26.56 -39.43
C GLU B 314 -8.19 -25.58 -39.47
N ASN B 315 -8.91 -25.43 -38.36
CA ASN B 315 -10.14 -24.58 -38.32
C ASN B 315 -9.81 -23.10 -37.99
N ILE B 316 -8.52 -22.75 -37.92
CA ILE B 316 -8.10 -21.50 -37.30
C ILE B 316 -8.68 -20.32 -38.12
N ASN B 317 -8.77 -20.39 -39.45
CA ASN B 317 -9.41 -19.26 -40.16
C ASN B 317 -10.93 -19.13 -39.96
N ASP B 318 -11.60 -20.26 -39.84
CA ASP B 318 -13.01 -20.30 -39.43
C ASP B 318 -13.20 -19.69 -38.04
N ILE B 319 -12.29 -20.06 -37.13
CA ILE B 319 -12.35 -19.57 -35.80
C ILE B 319 -12.24 -18.05 -35.79
N PHE B 320 -11.28 -17.52 -36.53
CA PHE B 320 -11.16 -16.06 -36.65
C PHE B 320 -12.40 -15.39 -37.17
N GLU B 321 -13.12 -16.05 -38.07
CA GLU B 321 -14.27 -15.39 -38.68
C GLU B 321 -15.37 -15.31 -37.65
N ARG B 322 -15.57 -16.39 -36.95
CA ARG B 322 -16.58 -16.43 -35.91
C ARG B 322 -16.23 -15.35 -34.89
N MET B 323 -14.94 -15.18 -34.60
CA MET B 323 -14.50 -14.19 -33.63
C MET B 323 -14.89 -12.80 -34.11
N ARG B 324 -14.66 -12.54 -35.41
CA ARG B 324 -14.96 -11.27 -36.04
C ARG B 324 -16.38 -10.88 -35.83
N GLN B 325 -17.23 -11.80 -35.39
CA GLN B 325 -18.63 -11.43 -35.19
C GLN B 325 -19.19 -12.05 -33.96
N GLY B 326 -18.35 -12.09 -32.92
CA GLY B 326 -18.81 -12.35 -31.58
C GLY B 326 -19.59 -13.63 -31.46
N LYS B 327 -19.35 -14.56 -32.36
CA LYS B 327 -20.03 -15.85 -32.32
C LYS B 327 -19.35 -16.79 -31.37
N ILE B 328 -18.22 -16.43 -30.78
CA ILE B 328 -17.60 -17.38 -29.91
C ILE B 328 -18.21 -17.38 -28.54
N GLU B 329 -18.44 -18.53 -27.92
CA GLU B 329 -18.79 -18.54 -26.49
C GLU B 329 -17.70 -19.17 -25.66
N GLY B 330 -17.36 -18.53 -24.55
CA GLY B 330 -16.17 -18.90 -23.79
C GLY B 330 -14.95 -18.67 -24.63
N ARG B 331 -14.07 -19.66 -24.64
CA ARG B 331 -12.82 -19.56 -25.36
C ARG B 331 -12.63 -20.74 -26.27
N ILE B 332 -11.89 -20.52 -27.34
CA ILE B 332 -11.61 -21.58 -28.28
C ILE B 332 -10.15 -21.97 -28.05
N VAL B 333 -9.96 -23.29 -28.01
CA VAL B 333 -8.67 -23.90 -27.79
C VAL B 333 -8.36 -24.94 -28.84
N ILE B 334 -7.24 -24.76 -29.50
CA ILE B 334 -6.75 -25.79 -30.42
C ILE B 334 -6.22 -27.03 -29.70
N ASP B 335 -6.71 -28.20 -30.10
CA ASP B 335 -6.37 -29.49 -29.50
C ASP B 335 -5.49 -30.27 -30.51
N TYR B 336 -4.23 -30.47 -30.13
CA TYR B 336 -3.22 -31.03 -31.03
C TYR B 336 -3.25 -32.54 -31.18
N THR B 337 -4.06 -33.19 -30.35
CA THR B 337 -4.46 -34.61 -30.69
C THR B 337 -5.65 -34.77 -31.60
N MET B 338 -6.34 -33.68 -31.94
CA MET B 338 -7.37 -33.78 -32.98
C MET B 338 -6.61 -33.88 -34.36
N LEU B 339 -6.29 -35.10 -34.78
CA LEU B 339 -5.60 -35.30 -36.07
C LEU B 339 -6.63 -35.54 -37.22
N GLU B 340 -7.12 -34.37 -37.72
CA GLU B 340 -8.12 -34.19 -38.81
C GLU B 340 -7.81 -35.22 -39.91
N MET C 1 46.78 -13.67 -8.27
CA MET C 1 46.30 -12.40 -7.73
C MET C 1 46.48 -12.49 -6.21
N LYS C 2 46.56 -11.33 -5.60
CA LYS C 2 46.54 -11.21 -4.18
C LYS C 2 45.14 -11.36 -3.55
N ALA C 3 45.03 -12.12 -2.48
CA ALA C 3 43.69 -12.35 -1.82
C ALA C 3 43.89 -12.57 -0.35
N ALA C 4 42.91 -12.15 0.44
CA ALA C 4 42.98 -12.39 1.89
C ALA C 4 42.09 -13.59 2.14
N VAL C 5 42.72 -14.66 2.59
CA VAL C 5 42.07 -15.94 2.69
C VAL C 5 41.93 -16.35 4.14
N LEU C 6 40.72 -16.77 4.50
CA LEU C 6 40.45 -17.33 5.83
C LEU C 6 40.45 -18.86 5.76
N HIS C 7 41.35 -19.45 6.53
CA HIS C 7 41.61 -20.88 6.49
C HIS C 7 40.94 -21.60 7.65
N GLU C 8 40.90 -20.94 8.81
CA GLU C 8 40.37 -21.50 10.03
C GLU C 8 39.61 -20.39 10.77
N PHE C 9 38.39 -20.67 11.26
CA PHE C 9 37.58 -19.62 11.87
C PHE C 9 38.31 -19.04 13.03
N GLY C 10 38.34 -17.72 13.13
CA GLY C 10 38.93 -17.08 14.30
C GLY C 10 40.42 -16.87 14.12
N GLN C 11 41.02 -17.38 13.05
CA GLN C 11 42.47 -17.16 12.86
C GLN C 11 42.65 -15.99 11.93
N SER C 12 43.87 -15.46 11.93
CA SER C 12 44.22 -14.40 11.02
C SER C 12 43.98 -14.85 9.61
N LEU C 13 43.54 -13.95 8.76
CA LEU C 13 43.48 -14.21 7.36
C LEU C 13 44.91 -14.18 6.78
N GLN C 14 45.17 -14.92 5.69
CA GLN C 14 46.50 -14.94 5.07
C GLN C 14 46.42 -14.25 3.72
N ILE C 15 47.36 -13.34 3.48
CA ILE C 15 47.36 -12.64 2.20
C ILE C 15 48.12 -13.60 1.39
N GLU C 16 47.51 -14.20 0.38
CA GLU C 16 48.25 -15.15 -0.41
C GLU C 16 47.83 -15.10 -1.84
N GLU C 17 48.48 -15.93 -2.64
CA GLU C 17 48.35 -15.87 -4.08
C GLU C 17 47.28 -16.85 -4.52
N VAL C 18 46.34 -16.39 -5.32
CA VAL C 18 45.32 -17.33 -5.83
C VAL C 18 45.07 -17.06 -7.30
N ASP C 19 44.61 -18.07 -8.04
CA ASP C 19 44.36 -17.93 -9.47
C ASP C 19 43.30 -16.89 -9.74
N ILE C 20 43.50 -16.08 -10.76
CA ILE C 20 42.38 -15.27 -11.24
C ILE C 20 41.30 -16.16 -11.86
N PRO C 21 40.07 -15.99 -11.46
CA PRO C 21 39.02 -16.83 -12.07
C PRO C 21 38.74 -16.44 -13.51
N THR C 22 38.03 -17.30 -14.18
CA THR C 22 37.60 -16.99 -15.55
C THR C 22 36.10 -17.28 -15.63
N PRO C 23 35.40 -16.47 -16.39
CA PRO C 23 33.95 -16.53 -16.20
C PRO C 23 33.23 -17.60 -17.03
N GLY C 24 32.28 -18.35 -16.48
CA GLY C 24 31.43 -19.23 -17.26
C GLY C 24 30.20 -18.49 -17.83
N ALA C 25 29.24 -19.22 -18.36
CA ALA C 25 28.07 -18.53 -18.85
C ALA C 25 27.37 -17.68 -17.75
N GLY C 26 27.02 -16.44 -18.10
CA GLY C 26 26.29 -15.62 -17.20
C GLY C 26 27.14 -14.90 -16.18
N GLU C 27 28.47 -15.08 -16.25
CA GLU C 27 29.36 -14.57 -15.26
C GLU C 27 30.31 -13.55 -15.80
N ILE C 28 30.95 -12.81 -14.87
CA ILE C 28 31.95 -11.80 -15.23
C ILE C 28 33.07 -11.88 -14.21
N VAL C 29 34.23 -11.35 -14.57
CA VAL C 29 35.31 -11.15 -13.58
C VAL C 29 35.53 -9.69 -13.49
N VAL C 30 35.65 -9.25 -12.26
CA VAL C 30 35.76 -7.85 -11.97
C VAL C 30 37.03 -7.56 -11.22
N LYS C 31 37.84 -6.65 -11.72
CA LYS C 31 39.06 -6.32 -11.06
C LYS C 31 38.78 -5.25 -10.02
N MET C 32 39.03 -5.52 -8.73
CA MET C 32 38.59 -4.60 -7.67
C MET C 32 39.39 -3.33 -7.60
N GLN C 33 38.68 -2.19 -7.47
CA GLN C 33 39.41 -0.92 -7.10
C GLN C 33 39.30 -0.71 -5.60
N ALA C 34 38.17 -1.16 -5.02
CA ALA C 34 37.92 -0.95 -3.66
C ALA C 34 37.07 -2.02 -3.03
N SER C 35 37.26 -2.28 -1.73
CA SER C 35 36.37 -3.18 -0.99
C SER C 35 36.05 -2.72 0.36
N GLY C 36 34.75 -2.41 0.62
CA GLY C 36 34.37 -2.20 1.99
C GLY C 36 34.64 -3.39 2.92
N VAL C 37 34.75 -3.11 4.18
CA VAL C 37 34.87 -4.11 5.25
C VAL C 37 33.82 -3.77 6.33
N CYS C 38 33.14 -4.77 6.89
CA CYS C 38 32.10 -4.48 7.91
C CYS C 38 31.98 -5.61 8.90
N HIS C 39 31.14 -5.44 9.94
CA HIS C 39 30.99 -6.45 10.95
C HIS C 39 30.52 -7.78 10.37
N THR C 40 29.83 -7.76 9.24
CA THR C 40 29.38 -9.01 8.66
C THR C 40 30.56 -9.86 8.23
N ASP C 41 31.59 -9.23 7.69
CA ASP C 41 32.83 -9.94 7.38
C ASP C 41 33.46 -10.51 8.65
N LEU C 42 33.38 -9.79 9.76
CA LEU C 42 33.92 -10.27 11.01
C LEU C 42 33.17 -11.52 11.46
N HIS C 43 31.83 -11.52 11.39
CA HIS C 43 31.02 -12.70 11.73
C HIS C 43 31.36 -13.88 10.82
N ALA C 44 31.51 -13.60 9.54
CA ALA C 44 31.99 -14.63 8.60
C ALA C 44 33.31 -15.29 9.01
N VAL C 45 34.36 -14.50 9.33
CA VAL C 45 35.62 -15.08 9.59
C VAL C 45 35.71 -15.70 11.01
N GLU C 46 34.84 -15.28 11.92
CA GLU C 46 34.80 -15.94 13.20
C GLU C 46 33.86 -17.15 13.20
N GLY C 47 33.01 -17.28 12.18
CA GLY C 47 32.13 -18.44 12.08
C GLY C 47 31.12 -18.39 13.21
N ASP C 48 30.66 -17.18 13.52
CA ASP C 48 29.73 -16.82 14.55
C ASP C 48 28.28 -17.25 14.35
N TRP C 49 27.81 -17.25 13.12
CA TRP C 49 26.41 -17.42 12.88
C TRP C 49 25.98 -18.88 12.72
N PRO C 50 24.67 -19.15 12.80
CA PRO C 50 24.18 -20.53 12.71
C PRO C 50 24.60 -21.16 11.37
N VAL C 51 24.45 -20.45 10.27
CA VAL C 51 24.87 -20.97 8.99
C VAL C 51 26.17 -20.29 8.58
N LYS C 52 27.22 -21.07 8.38
CA LYS C 52 28.58 -20.51 8.27
C LYS C 52 29.20 -20.69 6.91
N PRO C 53 30.31 -19.99 6.62
CA PRO C 53 31.09 -20.22 5.41
C PRO C 53 31.76 -21.59 5.43
N SER C 54 32.41 -22.00 4.32
CA SER C 54 33.24 -23.20 4.28
C SER C 54 34.65 -22.84 3.92
N PRO C 55 35.49 -22.71 4.92
CA PRO C 55 36.83 -22.34 4.69
C PRO C 55 37.54 -23.43 3.90
N PRO C 56 38.54 -23.07 3.13
CA PRO C 56 39.04 -21.72 3.03
C PRO C 56 38.15 -20.85 2.13
N PHE C 57 38.04 -19.57 2.46
CA PHE C 57 37.25 -18.67 1.64
C PHE C 57 37.78 -17.23 1.73
N ILE C 58 37.41 -16.43 0.72
CA ILE C 58 37.74 -15.04 0.62
C ILE C 58 36.58 -14.21 1.00
N PRO C 59 36.69 -13.42 2.09
CA PRO C 59 35.50 -12.64 2.48
C PRO C 59 35.25 -11.41 1.61
N GLY C 60 34.37 -10.50 2.06
CA GLY C 60 34.12 -9.22 1.35
C GLY C 60 32.85 -9.20 0.45
N HIS C 61 31.93 -8.24 0.67
CA HIS C 61 30.70 -8.15 -0.09
C HIS C 61 30.42 -6.70 -0.39
N GLU C 62 31.49 -5.88 -0.56
CA GLU C 62 31.27 -4.49 -0.93
C GLU C 62 32.36 -4.14 -1.91
N GLY C 63 32.39 -4.78 -3.07
CA GLY C 63 33.49 -4.54 -3.96
C GLY C 63 33.07 -3.64 -5.11
N VAL C 64 33.97 -2.72 -5.48
CA VAL C 64 33.73 -1.85 -6.63
C VAL C 64 34.93 -2.02 -7.59
N GLY C 65 34.64 -2.36 -8.84
CA GLY C 65 35.77 -2.43 -9.80
C GLY C 65 35.25 -2.53 -11.24
N LEU C 66 36.19 -2.76 -12.13
CA LEU C 66 35.96 -2.75 -13.58
C LEU C 66 35.96 -4.16 -14.10
N ILE C 67 34.96 -4.48 -14.92
CA ILE C 67 34.89 -5.77 -15.56
C ILE C 67 36.12 -5.99 -16.46
N THR C 68 36.83 -7.08 -16.24
CA THR C 68 37.96 -7.45 -17.13
C THR C 68 37.70 -8.66 -17.97
N ALA C 69 36.64 -9.44 -17.68
CA ALA C 69 36.25 -10.58 -18.57
C ALA C 69 34.76 -10.82 -18.46
N VAL C 70 34.17 -11.21 -19.57
CA VAL C 70 32.77 -11.36 -19.68
C VAL C 70 32.52 -12.77 -20.15
N GLY C 71 31.58 -13.48 -19.52
CA GLY C 71 31.33 -14.84 -19.89
C GLY C 71 30.32 -14.97 -21.00
N GLU C 72 30.15 -16.18 -21.45
CA GLU C 72 29.22 -16.47 -22.46
C GLU C 72 27.81 -15.93 -22.18
N GLY C 73 27.24 -15.26 -23.18
CA GLY C 73 25.85 -14.82 -23.09
C GLY C 73 25.63 -13.53 -22.33
N VAL C 74 26.63 -12.97 -21.67
CA VAL C 74 26.42 -11.72 -20.99
C VAL C 74 26.46 -10.55 -21.99
N THR C 75 25.41 -9.75 -22.04
CA THR C 75 25.30 -8.63 -22.95
C THR C 75 24.99 -7.25 -22.29
N HIS C 76 24.47 -7.19 -21.07
CA HIS C 76 24.00 -5.93 -20.55
C HIS C 76 25.12 -5.20 -19.87
N VAL C 77 26.25 -5.83 -19.61
CA VAL C 77 27.46 -5.18 -19.16
C VAL C 77 28.61 -5.68 -20.00
N LYS C 78 29.71 -4.98 -19.93
CA LYS C 78 30.85 -5.31 -20.78
C LYS C 78 32.13 -4.83 -20.20
N GLU C 79 33.22 -5.24 -20.83
CA GLU C 79 34.53 -4.90 -20.35
C GLU C 79 34.69 -3.46 -20.11
N GLY C 80 35.25 -3.12 -18.97
CA GLY C 80 35.56 -1.73 -18.62
C GLY C 80 34.43 -1.12 -17.82
N ASP C 81 33.25 -1.73 -17.77
CA ASP C 81 32.11 -1.18 -16.97
C ASP C 81 32.41 -1.29 -15.48
N ARG C 82 32.04 -0.25 -14.73
CA ARG C 82 32.28 -0.25 -13.29
C ARG C 82 31.02 -0.78 -12.62
N VAL C 83 31.22 -1.78 -11.77
CA VAL C 83 30.12 -2.52 -11.14
C VAL C 83 30.47 -2.85 -9.69
N GLY C 84 29.43 -3.27 -8.98
CA GLY C 84 29.49 -3.48 -7.56
C GLY C 84 29.10 -4.86 -7.15
N VAL C 85 29.99 -5.44 -6.36
CA VAL C 85 29.78 -6.80 -5.86
C VAL C 85 29.23 -6.67 -4.43
N ALA C 86 27.99 -7.10 -4.26
CA ALA C 86 27.32 -6.87 -3.01
C ALA C 86 26.91 -8.19 -2.32
N TRP C 87 26.28 -8.06 -1.15
CA TRP C 87 25.98 -9.25 -0.31
C TRP C 87 25.20 -10.26 -1.14
N LEU C 88 24.20 -9.80 -1.88
CA LEU C 88 23.40 -10.73 -2.67
C LEU C 88 24.15 -11.03 -3.97
N TYR C 89 24.81 -12.19 -3.99
CA TYR C 89 25.71 -12.60 -5.10
C TYR C 89 24.85 -13.21 -6.21
N SER C 90 23.86 -14.02 -5.83
CA SER C 90 22.94 -14.57 -6.77
C SER C 90 21.66 -15.06 -6.06
N ALA C 91 20.62 -15.27 -6.84
CA ALA C 91 19.34 -15.85 -6.38
C ALA C 91 18.79 -16.67 -7.50
N CYS C 92 17.76 -17.49 -7.24
CA CYS C 92 17.38 -18.58 -8.19
C CYS C 92 16.70 -18.02 -9.43
N GLY C 93 15.97 -16.93 -9.21
CA GLY C 93 15.21 -16.28 -10.22
C GLY C 93 13.88 -16.90 -10.57
N HIS C 94 13.47 -17.96 -9.88
CA HIS C 94 12.31 -18.77 -10.27
C HIS C 94 11.28 -18.96 -9.14
N CYS C 95 11.66 -18.74 -7.89
CA CYS C 95 10.73 -18.92 -6.79
C CYS C 95 9.81 -17.70 -6.60
N THR C 96 8.80 -17.84 -5.79
CA THR C 96 7.90 -16.75 -5.46
C THR C 96 8.60 -15.48 -4.99
N HIS C 97 9.61 -15.60 -4.12
CA HIS C 97 10.35 -14.45 -3.67
C HIS C 97 11.04 -13.77 -4.82
N CYS C 98 11.70 -14.53 -5.68
CA CYS C 98 12.45 -13.91 -6.77
C CYS C 98 11.48 -13.28 -7.79
N LEU C 99 10.34 -13.89 -8.02
CA LEU C 99 9.45 -13.43 -9.09
C LEU C 99 8.69 -12.17 -8.69
N GLY C 100 8.55 -12.01 -7.37
CA GLY C 100 7.84 -10.89 -6.83
C GLY C 100 8.73 -9.73 -6.44
N GLY C 101 9.96 -9.69 -6.86
CA GLY C 101 10.80 -8.56 -6.45
C GLY C 101 11.32 -8.59 -5.00
N TRP C 102 11.38 -9.77 -4.40
CA TRP C 102 11.90 -9.99 -3.05
C TRP C 102 13.03 -10.99 -3.04
N GLU C 103 13.95 -10.81 -3.96
CA GLU C 103 14.99 -11.81 -4.17
C GLU C 103 15.89 -11.93 -2.97
N THR C 104 15.82 -10.93 -2.08
CA THR C 104 16.60 -10.95 -0.86
C THR C 104 16.13 -12.06 0.04
N LEU C 105 14.90 -12.54 -0.15
CA LEU C 105 14.43 -13.66 0.64
C LEU C 105 14.70 -15.07 0.05
N CYS C 106 15.26 -15.11 -1.16
CA CYS C 106 15.36 -16.37 -1.89
C CYS C 106 16.15 -17.41 -1.07
N GLU C 107 15.56 -18.59 -0.91
CA GLU C 107 16.12 -19.60 -0.04
C GLU C 107 17.39 -20.22 -0.62
N SER C 108 17.67 -20.00 -1.89
CA SER C 108 18.87 -20.58 -2.48
C SER C 108 19.77 -19.52 -2.98
N GLN C 109 19.66 -18.36 -2.33
CA GLN C 109 20.59 -17.35 -2.66
C GLN C 109 22.02 -17.71 -2.28
N GLN C 110 22.97 -17.03 -2.91
CA GLN C 110 24.41 -17.09 -2.55
C GLN C 110 24.82 -15.71 -2.09
N ASN C 111 25.76 -15.64 -1.15
CA ASN C 111 26.15 -14.39 -0.52
C ASN C 111 27.65 -14.16 -0.70
N SER C 112 28.00 -13.01 -1.29
CA SER C 112 29.40 -12.69 -1.61
C SER C 112 30.25 -12.72 -0.35
N GLY C 113 31.44 -13.31 -0.44
CA GLY C 113 32.33 -13.28 0.69
C GLY C 113 31.80 -14.02 1.92
N TYR C 114 30.93 -14.97 1.69
CA TYR C 114 30.34 -15.77 2.75
C TYR C 114 30.11 -17.19 2.26
N SER C 115 29.30 -17.35 1.23
CA SER C 115 29.01 -18.70 0.74
C SER C 115 29.78 -18.91 -0.56
N VAL C 116 30.31 -17.82 -1.16
CA VAL C 116 31.24 -17.89 -2.28
C VAL C 116 32.30 -16.76 -2.13
N ASN C 117 33.41 -16.84 -2.87
CA ASN C 117 34.52 -15.90 -2.65
C ASN C 117 34.09 -14.52 -3.00
N GLY C 118 34.55 -13.58 -2.19
CA GLY C 118 34.17 -12.20 -2.38
C GLY C 118 35.24 -11.17 -2.70
N SER C 119 35.02 -9.95 -2.18
CA SER C 119 35.78 -8.76 -2.66
C SER C 119 37.06 -8.46 -1.97
N PHE C 120 37.50 -9.35 -1.08
CA PHE C 120 38.83 -9.25 -0.45
C PHE C 120 39.94 -9.90 -1.33
N ALA C 121 39.82 -9.77 -2.65
CA ALA C 121 40.88 -10.20 -3.59
C ALA C 121 40.92 -9.22 -4.72
N GLU C 122 41.95 -9.31 -5.56
CA GLU C 122 42.17 -8.27 -6.52
C GLU C 122 41.19 -8.48 -7.68
N TYR C 123 40.63 -9.69 -7.82
CA TYR C 123 39.69 -9.96 -8.83
C TYR C 123 38.60 -10.83 -8.20
N VAL C 124 37.38 -10.64 -8.67
CA VAL C 124 36.25 -11.43 -8.19
C VAL C 124 35.40 -11.97 -9.33
N LEU C 125 35.13 -13.27 -9.29
CA LEU C 125 34.14 -13.85 -10.20
C LEU C 125 32.71 -13.57 -9.68
N ALA C 126 31.85 -13.00 -10.54
CA ALA C 126 30.47 -12.59 -10.10
C ALA C 126 29.44 -13.01 -11.10
N ASN C 127 28.17 -13.11 -10.64
CA ASN C 127 27.05 -13.28 -11.52
C ASN C 127 26.59 -11.97 -12.11
N ALA C 128 26.61 -11.87 -13.43
CA ALA C 128 26.39 -10.60 -14.11
C ALA C 128 25.05 -9.99 -13.84
N ASN C 129 24.06 -10.82 -13.50
CA ASN C 129 22.71 -10.31 -13.23
C ASN C 129 22.45 -9.77 -11.84
N TYR C 130 23.45 -9.88 -10.94
CA TYR C 130 23.28 -9.41 -9.60
C TYR C 130 24.18 -8.31 -9.15
N VAL C 131 25.13 -7.92 -10.01
CA VAL C 131 26.03 -6.87 -9.58
C VAL C 131 25.32 -5.51 -9.78
N GLY C 132 25.59 -4.60 -8.89
CA GLY C 132 25.15 -3.23 -9.05
C GLY C 132 25.90 -2.47 -10.14
N ILE C 133 25.22 -1.52 -10.76
CA ILE C 133 25.77 -0.71 -11.86
C ILE C 133 26.19 0.63 -11.23
N ILE C 134 27.46 0.99 -11.27
CA ILE C 134 27.92 2.11 -10.44
C ILE C 134 27.76 3.37 -11.29
N PRO C 135 27.07 4.38 -10.76
CA PRO C 135 26.91 5.62 -11.53
C PRO C 135 28.28 6.21 -11.95
N GLU C 136 28.31 6.80 -13.13
CA GLU C 136 29.49 7.47 -13.66
C GLU C 136 30.23 8.36 -12.68
N SER C 137 29.49 9.24 -12.03
CA SER C 137 30.12 10.44 -11.43
C SER C 137 30.83 10.13 -10.13
N VAL C 138 30.63 8.98 -9.52
CA VAL C 138 31.08 8.80 -8.14
C VAL C 138 32.50 8.28 -8.06
N ASP C 139 33.11 8.41 -6.89
CA ASP C 139 34.39 7.83 -6.58
C ASP C 139 34.27 6.41 -6.07
N SER C 140 35.15 5.53 -6.52
CA SER C 140 35.08 4.11 -6.16
C SER C 140 35.24 3.76 -4.68
N ILE C 141 36.13 4.44 -3.99
CA ILE C 141 36.29 4.25 -2.56
C ILE C 141 35.07 4.75 -1.79
N GLU C 142 34.57 5.92 -2.16
CA GLU C 142 33.47 6.55 -1.42
C GLU C 142 32.15 5.84 -1.64
N ILE C 143 31.96 5.26 -2.82
CA ILE C 143 30.73 4.62 -3.11
C ILE C 143 30.65 3.22 -2.54
N ALA C 144 31.79 2.61 -2.17
CA ALA C 144 31.78 1.19 -1.84
C ALA C 144 30.80 0.89 -0.69
N PRO C 145 30.81 1.72 0.35
CA PRO C 145 29.87 1.43 1.47
C PRO C 145 28.41 1.51 1.15
N VAL C 146 28.04 2.18 0.06
CA VAL C 146 26.63 2.18 -0.38
C VAL C 146 26.17 0.75 -0.66
N LEU C 147 27.06 -0.11 -1.10
CA LEU C 147 26.69 -1.44 -1.52
C LEU C 147 26.23 -2.29 -0.38
N CYS C 148 26.51 -1.86 0.84
CA CYS C 148 26.17 -2.67 1.98
C CYS C 148 25.46 -1.78 2.99
N ALA C 149 26.18 -0.85 3.61
CA ALA C 149 25.54 0.07 4.56
C ALA C 149 24.41 0.90 3.97
N GLY C 150 24.65 1.47 2.81
CA GLY C 150 23.68 2.34 2.22
C GLY C 150 22.39 1.61 1.87
N VAL C 151 22.49 0.57 1.07
CA VAL C 151 21.28 -0.15 0.67
C VAL C 151 20.52 -0.69 1.89
N THR C 152 21.25 -1.20 2.87
CA THR C 152 20.66 -1.65 4.11
C THR C 152 19.84 -0.63 4.80
N VAL C 153 20.37 0.54 5.06
CA VAL C 153 19.62 1.58 5.77
C VAL C 153 18.51 2.19 4.93
N TYR C 154 18.76 2.25 3.64
CA TYR C 154 17.75 2.77 2.69
C TYR C 154 16.51 1.87 2.66
N LYS C 155 16.69 0.57 2.40
CA LYS C 155 15.58 -0.36 2.40
C LYS C 155 14.98 -0.40 3.81
N GLY C 156 15.82 -0.31 4.85
CA GLY C 156 15.27 -0.31 6.21
C GLY C 156 14.33 0.84 6.50
N LEU C 157 14.68 2.03 6.00
CA LEU C 157 13.81 3.19 6.09
C LEU C 157 12.54 3.02 5.27
N LYS C 158 12.64 2.38 4.11
CA LYS C 158 11.38 2.14 3.37
C LYS C 158 10.51 1.23 4.18
N MET C 159 11.14 0.36 4.97
CA MET C 159 10.35 -0.65 5.68
C MET C 159 9.75 -0.07 6.99
N THR C 160 10.04 1.22 7.33
CA THR C 160 9.37 1.87 8.46
C THR C 160 7.97 2.31 8.12
N ASP C 161 7.60 2.22 6.85
CA ASP C 161 6.28 2.59 6.41
C ASP C 161 6.01 4.02 6.84
N THR C 162 7.00 4.88 6.88
CA THR C 162 6.79 6.30 7.04
C THR C 162 6.62 7.09 5.73
N LYS C 163 6.35 8.39 5.83
CA LYS C 163 6.20 9.26 4.68
C LYS C 163 6.80 10.61 4.93
N PRO C 164 7.05 11.39 3.87
CA PRO C 164 7.69 12.66 4.09
C PRO C 164 6.93 13.46 5.12
N GLY C 165 7.73 14.08 5.99
CA GLY C 165 7.19 14.87 7.09
C GLY C 165 7.03 14.09 8.39
N ASP C 166 6.99 12.78 8.33
CA ASP C 166 7.04 11.96 9.55
C ASP C 166 8.38 12.12 10.28
N TRP C 167 8.38 11.67 11.54
CA TRP C 167 9.60 11.61 12.35
C TRP C 167 10.10 10.20 12.41
N VAL C 168 11.38 10.02 12.09
CA VAL C 168 12.03 8.75 12.33
C VAL C 168 13.19 8.91 13.34
N VAL C 169 13.36 7.92 14.25
CA VAL C 169 14.53 7.90 15.08
C VAL C 169 15.54 6.99 14.48
N ILE C 170 16.78 7.48 14.36
CA ILE C 170 17.90 6.60 14.04
C ILE C 170 18.64 6.37 15.34
N SER C 171 18.71 5.11 15.72
CA SER C 171 19.32 4.66 16.91
C SER C 171 20.64 4.05 16.51
N GLY C 172 21.71 4.63 17.03
CA GLY C 172 23.06 4.28 16.68
C GLY C 172 23.52 5.06 15.46
N ILE C 173 24.48 5.98 15.63
CA ILE C 173 24.90 6.84 14.54
C ILE C 173 26.31 6.49 14.15
N GLY C 174 26.49 5.25 13.72
CA GLY C 174 27.87 4.72 13.50
C GLY C 174 27.98 4.43 12.01
N GLY C 175 28.59 3.30 11.66
CA GLY C 175 28.78 2.96 10.28
C GLY C 175 27.50 3.09 9.48
N LEU C 176 26.46 2.40 9.94
CA LEU C 176 25.19 2.43 9.29
C LEU C 176 24.43 3.71 9.55
N GLY C 177 24.42 4.11 10.81
CA GLY C 177 23.61 5.19 11.24
C GLY C 177 23.89 6.53 10.58
N HIS C 178 25.16 6.84 10.30
CA HIS C 178 25.50 8.11 9.71
C HIS C 178 25.02 8.12 8.26
N MET C 179 25.07 6.98 7.56
CA MET C 179 24.30 6.89 6.28
C MET C 179 22.79 6.98 6.44
N ALA C 180 22.26 6.36 7.50
CA ALA C 180 20.82 6.38 7.67
C ALA C 180 20.27 7.79 7.84
N VAL C 181 20.97 8.67 8.58
CA VAL C 181 20.49 10.00 8.76
C VAL C 181 20.37 10.71 7.38
N GLN C 182 21.37 10.52 6.52
CA GLN C 182 21.39 11.14 5.20
C GLN C 182 20.28 10.58 4.28
N TYR C 183 20.10 9.25 4.26
CA TYR C 183 19.01 8.73 3.47
C TYR C 183 17.67 9.29 4.02
N ALA C 184 17.54 9.38 5.33
CA ALA C 184 16.22 9.69 5.90
C ALA C 184 15.89 11.13 5.48
N ILE C 185 16.86 12.02 5.57
CA ILE C 185 16.68 13.38 5.12
C ILE C 185 16.33 13.41 3.64
N ALA C 186 17.04 12.67 2.80
CA ALA C 186 16.71 12.61 1.36
C ALA C 186 15.30 12.10 1.06
N MET C 187 14.72 11.40 2.01
CA MET C 187 13.42 10.82 1.85
C MET C 187 12.34 11.70 2.50
N GLY C 188 12.71 12.90 2.88
CA GLY C 188 11.80 13.93 3.40
C GLY C 188 11.41 13.76 4.84
N LEU C 189 12.14 12.93 5.55
CA LEU C 189 11.81 12.59 6.96
C LEU C 189 12.49 13.60 7.88
N ASN C 190 11.84 13.92 8.99
CA ASN C 190 12.49 14.60 10.09
C ASN C 190 13.21 13.55 10.95
N VAL C 191 14.40 13.86 11.36
CA VAL C 191 15.23 12.85 12.03
C VAL C 191 15.58 13.22 13.46
N ALA C 192 15.33 12.26 14.34
CA ALA C 192 15.79 12.27 15.73
C ALA C 192 16.88 11.21 15.85
N ALA C 193 18.06 11.65 16.24
CA ALA C 193 19.18 10.77 16.41
C ALA C 193 19.44 10.46 17.87
N VAL C 194 19.71 9.20 18.15
CA VAL C 194 19.96 8.77 19.49
C VAL C 194 21.23 7.96 19.46
N ASP C 195 22.07 8.21 20.45
CA ASP C 195 23.29 7.46 20.63
C ASP C 195 23.76 7.83 22.04
N ILE C 196 24.97 7.41 22.38
CA ILE C 196 25.54 7.63 23.70
C ILE C 196 26.84 8.37 23.57
N ASP C 197 27.18 8.80 22.36
CA ASP C 197 28.39 9.56 22.13
C ASP C 197 27.98 10.95 21.64
N ASP C 198 28.47 11.99 22.31
CA ASP C 198 28.12 13.36 21.94
C ASP C 198 28.62 13.82 20.57
N ASP C 199 29.84 13.39 20.18
CA ASP C 199 30.39 13.72 18.86
C ASP C 199 29.57 13.08 17.75
N LYS C 200 29.19 11.82 17.92
CA LYS C 200 28.33 11.15 16.93
C LYS C 200 27.07 11.92 16.72
N LEU C 201 26.54 12.41 17.83
CA LEU C 201 25.30 13.17 17.82
C LEU C 201 25.48 14.53 17.16
N ALA C 202 26.63 15.18 17.36
CA ALA C 202 26.91 16.43 16.62
C ALA C 202 27.03 16.19 15.11
N PHE C 203 27.71 15.10 14.74
CA PHE C 203 27.79 14.71 13.37
C PHE C 203 26.36 14.54 12.77
N ALA C 204 25.49 13.87 13.52
CA ALA C 204 24.12 13.63 13.05
C ALA C 204 23.43 14.96 12.78
N LYS C 205 23.68 15.92 13.67
CA LYS C 205 22.98 17.19 13.56
C LYS C 205 23.52 17.87 12.30
N LYS C 206 24.81 17.68 12.04
CA LYS C 206 25.45 18.29 10.90
C LYS C 206 24.89 17.67 9.62
N LEU C 207 24.54 16.38 9.69
CA LEU C 207 23.93 15.71 8.55
C LEU C 207 22.45 15.98 8.37
N GLY C 208 21.87 16.77 9.29
CA GLY C 208 20.48 17.25 9.17
C GLY C 208 19.50 16.79 10.23
N ALA C 209 19.94 15.97 11.18
CA ALA C 209 19.04 15.61 12.32
C ALA C 209 18.69 16.84 13.19
N LYS C 210 17.43 17.26 13.16
CA LYS C 210 17.05 18.41 13.98
C LYS C 210 16.85 18.02 15.45
N VAL C 211 16.81 16.76 15.82
CA VAL C 211 16.71 16.44 17.24
C VAL C 211 17.77 15.41 17.59
N THR C 212 18.41 15.52 18.75
CA THR C 212 19.41 14.53 19.14
C THR C 212 19.26 14.27 20.60
N VAL C 213 19.57 13.06 21.02
CA VAL C 213 19.53 12.78 22.42
C VAL C 213 20.57 11.72 22.79
N ASN C 214 21.29 12.04 23.85
CA ASN C 214 22.26 11.15 24.40
C ASN C 214 21.60 10.27 25.46
N ALA C 215 21.46 9.00 25.13
CA ALA C 215 20.76 8.01 25.98
C ALA C 215 21.43 7.81 27.33
N LYS C 216 22.71 8.15 27.44
CA LYS C 216 23.39 8.08 28.73
C LYS C 216 22.98 9.21 29.68
N ASN C 217 22.70 10.38 29.15
CA ASN C 217 22.40 11.54 29.99
C ASN C 217 20.92 11.67 30.33
N THR C 218 20.06 11.07 29.52
CA THR C 218 18.66 11.43 29.44
C THR C 218 17.87 10.20 29.01
N ASP C 219 16.64 10.06 29.52
CA ASP C 219 15.80 9.00 29.02
C ASP C 219 15.36 9.33 27.61
N PRO C 220 15.83 8.54 26.62
CA PRO C 220 15.51 9.00 25.25
C PRO C 220 14.00 8.97 25.01
N ALA C 221 13.31 7.96 25.55
CA ALA C 221 11.89 7.81 25.29
C ALA C 221 11.06 8.94 25.91
N GLU C 222 11.31 9.30 27.17
CA GLU C 222 10.56 10.39 27.75
C GLU C 222 10.80 11.65 26.95
N TYR C 223 12.04 11.87 26.56
CA TYR C 223 12.37 13.11 25.89
C TYR C 223 11.60 13.21 24.54
N LEU C 224 11.61 12.16 23.74
CA LEU C 224 11.03 12.23 22.42
C LEU C 224 9.51 12.19 22.51
N GLN C 225 8.96 11.53 23.52
CA GLN C 225 7.49 11.55 23.70
C GLN C 225 7.10 12.99 23.95
N LYS C 226 7.85 13.70 24.79
CA LYS C 226 7.52 15.10 25.06
C LYS C 226 7.85 15.95 23.84
N GLU C 227 9.01 15.77 23.27
CA GLU C 227 9.50 16.70 22.23
C GLU C 227 8.77 16.59 20.84
N ILE C 228 8.45 15.37 20.36
CA ILE C 228 7.86 15.19 19.04
C ILE C 228 6.61 14.37 19.08
N GLY C 229 6.16 14.01 20.28
CA GLY C 229 4.94 13.24 20.46
C GLY C 229 5.14 11.81 20.09
N GLY C 230 6.38 11.35 20.09
CA GLY C 230 6.70 9.99 19.69
C GLY C 230 7.00 9.91 18.20
N ALA C 231 8.02 9.13 17.84
CA ALA C 231 8.37 8.95 16.44
C ALA C 231 7.36 8.06 15.69
N HIS C 232 7.19 8.32 14.38
CA HIS C 232 6.41 7.41 13.54
C HIS C 232 7.12 6.13 13.22
N GLY C 233 8.43 6.19 13.11
CA GLY C 233 9.26 5.08 12.80
C GLY C 233 10.58 5.10 13.57
N ALA C 234 11.18 3.94 13.70
CA ALA C 234 12.51 3.80 14.30
C ALA C 234 13.33 2.79 13.50
N LEU C 235 14.59 3.16 13.26
CA LEU C 235 15.58 2.31 12.60
C LEU C 235 16.67 2.06 13.60
N VAL C 236 16.83 0.80 14.00
CA VAL C 236 17.75 0.41 15.07
C VAL C 236 18.94 -0.24 14.39
N THR C 237 20.06 0.50 14.36
CA THR C 237 21.24 0.09 13.62
C THR C 237 22.18 -0.63 14.50
N ALA C 238 22.15 -0.37 15.80
CA ALA C 238 22.97 -1.14 16.72
C ALA C 238 21.99 -1.86 17.63
N VAL C 239 21.83 -3.16 17.39
CA VAL C 239 20.81 -3.97 18.07
C VAL C 239 21.43 -4.67 19.36
N SER C 240 21.38 -3.94 20.46
CA SER C 240 21.47 -4.52 21.73
C SER C 240 20.06 -4.48 22.35
N ALA C 241 19.89 -5.24 23.42
CA ALA C 241 18.62 -5.27 24.12
C ALA C 241 18.14 -3.89 24.52
N LYS C 242 19.02 -3.08 25.10
CA LYS C 242 18.61 -1.79 25.64
C LYS C 242 18.19 -0.80 24.54
N ALA C 243 18.88 -0.79 23.41
CA ALA C 243 18.57 0.12 22.32
C ALA C 243 17.23 -0.23 21.73
N PHE C 244 17.04 -1.53 21.56
CA PHE C 244 15.82 -2.04 21.00
C PHE C 244 14.65 -1.64 21.92
N ASP C 245 14.79 -1.86 23.22
CA ASP C 245 13.70 -1.58 24.11
C ASP C 245 13.40 -0.08 24.21
N GLN C 246 14.44 0.73 24.18
CA GLN C 246 14.27 2.17 24.24
C GLN C 246 13.64 2.67 22.97
N ALA C 247 14.08 2.12 21.86
CA ALA C 247 13.49 2.47 20.57
C ALA C 247 11.98 2.18 20.53
N LEU C 248 11.54 1.01 21.04
CA LEU C 248 10.09 0.73 21.18
C LEU C 248 9.44 1.83 21.95
N SER C 249 10.06 2.29 23.03
CA SER C 249 9.45 3.30 23.84
C SER C 249 9.41 4.67 23.21
N MET C 250 10.19 4.89 22.16
CA MET C 250 10.23 6.18 21.50
C MET C 250 9.16 6.35 20.45
N LEU C 251 8.43 5.27 20.15
CA LEU C 251 7.41 5.33 19.09
C LEU C 251 6.07 5.86 19.57
N ARG C 252 5.36 6.55 18.70
CA ARG C 252 3.97 6.81 18.98
C ARG C 252 3.12 5.57 18.69
N ARG C 253 1.87 5.54 19.12
CA ARG C 253 1.00 4.41 18.78
C ARG C 253 0.94 4.26 17.27
N GLY C 254 0.86 3.02 16.83
CA GLY C 254 0.90 2.71 15.40
C GLY C 254 2.24 2.83 14.73
N GLY C 255 3.29 3.16 15.49
CA GLY C 255 4.61 3.25 14.95
C GLY C 255 5.25 1.93 14.56
N THR C 256 6.30 2.05 13.77
CA THR C 256 7.01 0.90 13.22
C THR C 256 8.47 0.92 13.60
N LEU C 257 8.96 -0.16 14.20
CA LEU C 257 10.38 -0.36 14.47
C LEU C 257 10.99 -1.33 13.49
N VAL C 258 12.07 -0.90 12.80
CA VAL C 258 12.84 -1.78 11.95
C VAL C 258 14.24 -2.05 12.53
N CYS C 259 14.56 -3.33 12.67
CA CYS C 259 15.83 -3.78 13.14
C CYS C 259 16.65 -3.98 11.92
N ASN C 260 17.79 -3.34 11.91
CA ASN C 260 18.54 -3.22 10.68
C ASN C 260 19.73 -3.97 10.79
N GLY C 261 19.91 -4.74 11.85
CA GLY C 261 20.95 -5.71 11.84
C GLY C 261 20.63 -6.81 12.82
N LEU C 262 21.57 -7.72 13.00
CA LEU C 262 21.30 -8.95 13.66
C LEU C 262 21.82 -8.84 15.06
N PRO C 263 20.93 -8.94 16.04
CA PRO C 263 21.47 -9.02 17.37
C PRO C 263 22.12 -10.35 17.60
N PRO C 264 22.82 -10.46 18.70
CA PRO C 264 23.51 -11.70 19.03
C PRO C 264 22.57 -12.80 19.44
N GLY C 265 21.45 -12.49 20.05
CA GLY C 265 20.65 -13.56 20.58
C GLY C 265 19.23 -13.05 20.63
N ASP C 266 18.39 -13.79 21.35
CA ASP C 266 17.01 -13.41 21.61
C ASP C 266 17.12 -12.35 22.58
N PHE C 267 16.05 -11.61 22.79
CA PHE C 267 16.03 -10.84 23.98
C PHE C 267 14.61 -10.40 24.28
N PRO C 268 14.23 -10.52 25.57
CA PRO C 268 12.82 -10.27 25.85
C PRO C 268 12.30 -9.05 25.19
N VAL C 269 11.00 -9.06 25.01
CA VAL C 269 10.33 -8.09 24.21
C VAL C 269 8.95 -7.90 24.76
N SER C 270 8.68 -6.63 25.02
CA SER C 270 7.36 -6.05 25.40
C SER C 270 6.08 -6.80 25.24
N ILE C 271 6.03 -7.59 24.18
CA ILE C 271 4.77 -7.92 23.55
C ILE C 271 3.67 -7.07 24.07
N PHE C 272 3.08 -7.36 25.25
CA PHE C 272 1.82 -6.70 25.74
C PHE C 272 1.62 -5.24 25.24
N ASP C 273 2.67 -4.42 25.36
CA ASP C 273 2.59 -3.00 25.03
C ASP C 273 2.55 -2.80 23.53
N THR C 274 3.42 -3.54 22.89
CA THR C 274 3.47 -3.63 21.50
C THR C 274 2.07 -3.86 20.92
N VAL C 275 1.30 -4.77 21.44
CA VAL C 275 0.01 -5.03 20.79
C VAL C 275 -1.07 -4.00 21.15
N LEU C 276 -0.98 -3.54 22.37
CA LEU C 276 -1.85 -2.49 22.90
C LEU C 276 -1.69 -1.19 22.11
N ASN C 277 -0.48 -0.90 21.70
CA ASN C 277 -0.17 0.35 21.03
C ASN C 277 -0.12 0.21 19.54
N GLY C 278 -0.56 -0.95 19.05
CA GLY C 278 -0.63 -1.17 17.61
C GLY C 278 0.71 -1.00 16.91
N ILE C 279 1.76 -1.52 17.54
CA ILE C 279 3.18 -1.28 17.06
C ILE C 279 3.56 -2.42 16.17
N THR C 280 4.38 -2.13 15.19
CA THR C 280 4.91 -3.13 14.30
C THR C 280 6.40 -3.27 14.52
N ILE C 281 6.88 -4.50 14.57
CA ILE C 281 8.31 -4.79 14.69
C ILE C 281 8.68 -5.57 13.46
N ARG C 282 9.77 -5.19 12.77
CA ARG C 282 10.10 -5.81 11.53
C ARG C 282 11.61 -5.92 11.37
N GLY C 283 12.12 -7.02 10.83
CA GLY C 283 13.49 -7.03 10.39
C GLY C 283 13.69 -6.62 8.91
N SER C 284 14.73 -5.83 8.66
CA SER C 284 15.15 -5.55 7.30
C SER C 284 16.67 -5.36 7.33
N ILE C 285 17.31 -6.24 6.62
CA ILE C 285 18.74 -6.29 6.71
C ILE C 285 19.45 -6.22 5.41
N VAL C 286 18.85 -6.44 4.23
CA VAL C 286 19.70 -5.99 3.09
C VAL C 286 18.82 -5.32 2.06
N GLY C 287 19.04 -5.50 0.80
CA GLY C 287 18.21 -4.88 -0.20
C GLY C 287 18.28 -5.59 -1.56
N THR C 288 17.17 -5.48 -2.32
CA THR C 288 17.09 -6.04 -3.66
C THR C 288 17.96 -5.27 -4.68
N ARG C 289 18.06 -5.79 -5.91
CA ARG C 289 18.78 -5.12 -6.93
C ARG C 289 18.18 -3.73 -7.12
N LEU C 290 16.85 -3.60 -7.05
CA LEU C 290 16.27 -2.30 -7.32
C LEU C 290 16.52 -1.32 -6.21
N ASP C 291 16.50 -1.84 -4.98
CA ASP C 291 16.82 -1.02 -3.80
C ASP C 291 18.26 -0.49 -3.90
N LEU C 292 19.14 -1.32 -4.38
CA LEU C 292 20.51 -0.98 -4.50
C LEU C 292 20.71 0.06 -5.58
N GLN C 293 20.11 -0.16 -6.74
CA GLN C 293 20.07 0.88 -7.75
C GLN C 293 19.54 2.25 -7.22
N GLU C 294 18.45 2.27 -6.49
CA GLU C 294 17.86 3.51 -5.97
C GLU C 294 18.86 4.21 -4.96
N SER C 295 19.53 3.37 -4.15
CA SER C 295 20.51 3.82 -3.13
C SER C 295 21.63 4.53 -3.81
N LEU C 296 22.02 3.96 -4.93
CA LEU C 296 23.18 4.41 -5.64
C LEU C 296 22.88 5.69 -6.36
N ASP C 297 21.71 5.78 -6.93
CA ASP C 297 21.28 7.02 -7.52
C ASP C 297 21.24 8.17 -6.56
N MET C 298 20.78 7.93 -5.33
CA MET C 298 20.77 8.99 -4.34
C MET C 298 22.11 9.46 -3.96
N ALA C 299 23.05 8.52 -3.85
CA ALA C 299 24.40 8.93 -3.65
C ALA C 299 24.94 9.73 -4.81
N ALA C 300 24.67 9.32 -6.04
CA ALA C 300 25.30 9.97 -7.19
C ALA C 300 24.72 11.37 -7.32
N ALA C 301 23.53 11.59 -6.77
CA ALA C 301 22.86 12.90 -6.83
C ALA C 301 23.42 13.81 -5.76
N GLY C 302 24.38 13.34 -5.00
CA GLY C 302 25.01 14.14 -3.95
C GLY C 302 24.16 14.16 -2.67
N LYS C 303 23.10 13.38 -2.56
CA LYS C 303 22.24 13.44 -1.37
C LYS C 303 22.81 12.68 -0.17
N VAL C 304 23.70 11.76 -0.42
CA VAL C 304 24.28 10.92 0.58
C VAL C 304 25.76 10.74 0.30
N LYS C 305 26.57 10.79 1.32
CA LYS C 305 27.98 10.59 1.19
C LYS C 305 28.52 9.79 2.43
N ALA C 306 29.16 8.67 2.20
CA ALA C 306 29.78 7.87 3.25
C ALA C 306 31.10 8.44 3.74
N THR C 307 31.33 8.42 5.06
CA THR C 307 32.62 8.73 5.67
C THR C 307 33.49 7.47 5.60
N VAL C 308 34.63 7.50 4.92
CA VAL C 308 35.41 6.28 4.73
C VAL C 308 36.86 6.50 5.10
N THR C 309 37.54 5.42 5.45
CA THR C 309 38.98 5.43 5.61
C THR C 309 39.56 4.34 4.76
N ALA C 310 40.51 4.70 3.88
CA ALA C 310 41.12 3.78 2.90
C ALA C 310 42.39 3.13 3.48
N GLU C 311 42.54 1.83 3.28
CA GLU C 311 43.62 1.02 3.83
C GLU C 311 44.07 -0.06 2.86
N PRO C 312 45.34 -0.52 2.96
CA PRO C 312 45.75 -1.56 2.09
C PRO C 312 45.24 -2.90 2.52
N LEU C 313 45.13 -3.80 1.55
CA LEU C 313 44.60 -5.13 1.84
C LEU C 313 45.30 -5.76 3.04
N GLU C 314 46.59 -5.52 3.15
CA GLU C 314 47.44 -6.20 4.14
C GLU C 314 47.06 -5.81 5.58
N ASN C 315 46.35 -4.70 5.76
CA ASN C 315 45.88 -4.32 7.11
C ASN C 315 44.58 -5.03 7.63
N ILE C 316 44.07 -5.97 6.87
CA ILE C 316 42.75 -6.55 7.16
C ILE C 316 42.68 -7.17 8.55
N ASN C 317 43.77 -7.78 9.06
CA ASN C 317 43.66 -8.29 10.43
C ASN C 317 43.68 -7.21 11.51
N ASP C 318 44.39 -6.13 11.23
CA ASP C 318 44.42 -4.94 12.11
C ASP C 318 43.07 -4.30 12.13
N ILE C 319 42.50 -4.17 10.94
CA ILE C 319 41.16 -3.64 10.80
C ILE C 319 40.13 -4.45 11.63
N PHE C 320 40.20 -5.78 11.57
CA PHE C 320 39.26 -6.60 12.35
C PHE C 320 39.48 -6.40 13.86
N GLU C 321 40.73 -6.18 14.30
CA GLU C 321 41.00 -6.03 15.72
C GLU C 321 40.41 -4.71 16.21
N ARG C 322 40.60 -3.64 15.44
CA ARG C 322 39.96 -2.37 15.74
C ARG C 322 38.44 -2.49 15.79
N MET C 323 37.89 -3.23 14.85
CA MET C 323 36.45 -3.47 14.82
C MET C 323 35.98 -4.15 16.12
N ARG C 324 36.74 -5.17 16.56
CA ARG C 324 36.46 -5.93 17.80
C ARG C 324 36.40 -5.07 19.01
N GLN C 325 36.88 -3.84 18.95
CA GLN C 325 36.62 -2.95 20.06
C GLN C 325 36.16 -1.57 19.67
N GLY C 326 35.18 -1.53 18.79
CA GLY C 326 34.52 -0.30 18.42
C GLY C 326 35.41 0.87 18.17
N LYS C 327 36.64 0.63 17.72
CA LYS C 327 37.54 1.72 17.37
C LYS C 327 37.29 2.29 15.96
N ILE C 328 36.39 1.74 15.15
CA ILE C 328 36.28 2.25 13.77
C ILE C 328 35.39 3.49 13.68
N GLU C 329 35.71 4.49 12.87
CA GLU C 329 34.74 5.59 12.60
C GLU C 329 34.34 5.60 11.13
N GLY C 330 33.06 5.78 10.87
CA GLY C 330 32.54 5.64 9.52
C GLY C 330 32.79 4.22 9.06
N ARG C 331 33.25 4.09 7.85
CA ARG C 331 33.49 2.77 7.32
C ARG C 331 34.93 2.67 6.85
N ILE C 332 35.45 1.44 6.87
CA ILE C 332 36.75 1.17 6.33
C ILE C 332 36.59 0.54 4.96
N VAL C 333 37.43 1.02 4.04
CA VAL C 333 37.48 0.53 2.71
C VAL C 333 38.90 0.18 2.28
N ILE C 334 39.08 -1.05 1.83
CA ILE C 334 40.37 -1.44 1.18
C ILE C 334 40.49 -0.81 -0.20
N ASP C 335 41.61 -0.17 -0.40
CA ASP C 335 41.94 0.51 -1.63
C ASP C 335 43.09 -0.24 -2.30
N TYR C 336 42.79 -0.80 -3.47
CA TYR C 336 43.64 -1.81 -4.10
C TYR C 336 44.87 -1.16 -4.73
N THR C 337 44.94 0.16 -4.70
CA THR C 337 46.13 0.84 -5.24
C THR C 337 47.02 1.21 -4.09
N MET C 338 46.59 0.97 -2.85
CA MET C 338 47.49 1.36 -1.74
C MET C 338 48.54 0.29 -1.38
N LEU C 339 49.76 0.75 -1.14
CA LEU C 339 50.88 -0.15 -1.01
C LEU C 339 51.43 -0.03 0.41
N GLU C 340 51.97 -1.10 0.97
CA GLU C 340 52.79 -0.91 2.20
C GLU C 340 54.16 -0.33 1.90
N HIS C 341 54.85 0.13 2.96
CA HIS C 341 56.19 0.53 2.95
C HIS C 341 56.76 -0.14 4.19
N HIS C 342 57.64 -1.11 4.00
CA HIS C 342 58.11 -1.83 5.12
C HIS C 342 59.35 -1.21 5.70
N HIS C 343 59.82 -0.12 5.11
CA HIS C 343 61.05 0.51 5.53
C HIS C 343 62.18 -0.47 5.81
N HIS C 344 62.37 -1.47 4.97
CA HIS C 344 63.44 -2.45 5.27
C HIS C 344 64.79 -2.06 5.57
N HIS C 345 65.49 -3.05 6.14
CA HIS C 345 66.65 -3.04 7.05
C HIS C 345 68.05 -2.83 6.44
N MET D 1 -20.76 43.96 9.58
CA MET D 1 -19.39 43.71 9.15
C MET D 1 -19.39 43.86 7.64
N LYS D 2 -18.20 44.14 7.14
CA LYS D 2 -18.01 44.28 5.73
C LYS D 2 -17.97 42.89 5.05
N ALA D 3 -18.68 42.70 3.92
CA ALA D 3 -18.59 41.48 3.11
C ALA D 3 -18.76 41.73 1.65
N ALA D 4 -18.18 40.84 0.85
CA ALA D 4 -18.32 40.96 -0.61
C ALA D 4 -19.36 39.95 -0.99
N VAL D 5 -20.49 40.45 -1.46
CA VAL D 5 -21.66 39.64 -1.74
C VAL D 5 -21.98 39.54 -3.22
N LEU D 6 -22.20 38.30 -3.66
CA LEU D 6 -22.58 38.02 -5.05
C LEU D 6 -24.09 37.83 -5.07
N HIS D 7 -24.77 38.63 -5.87
CA HIS D 7 -26.22 38.69 -5.87
C HIS D 7 -26.76 37.90 -7.09
N GLU D 8 -25.98 37.88 -8.15
CA GLU D 8 -26.43 37.42 -9.45
C GLU D 8 -25.18 36.90 -10.15
N PHE D 9 -25.23 35.67 -10.63
CA PHE D 9 -24.06 35.11 -11.30
C PHE D 9 -23.56 35.99 -12.42
N GLY D 10 -22.24 36.22 -12.45
CA GLY D 10 -21.64 36.98 -13.51
C GLY D 10 -21.71 38.47 -13.29
N GLN D 11 -22.39 38.95 -12.26
CA GLN D 11 -22.35 40.39 -11.98
C GLN D 11 -21.21 40.66 -10.92
N SER D 12 -20.77 41.91 -10.86
CA SER D 12 -19.84 42.36 -9.83
C SER D 12 -20.34 42.05 -8.44
N LEU D 13 -19.43 41.78 -7.55
CA LEU D 13 -19.81 41.54 -6.19
C LEU D 13 -19.99 42.88 -5.59
N GLN D 14 -20.84 43.04 -4.59
CA GLN D 14 -20.97 44.30 -3.87
C GLN D 14 -20.35 44.20 -2.48
N ILE D 15 -19.44 45.12 -2.18
CA ILE D 15 -19.00 45.23 -0.78
C ILE D 15 -20.12 45.92 -0.03
N GLU D 16 -20.65 45.27 0.99
CA GLU D 16 -21.80 45.79 1.68
C GLU D 16 -21.77 45.32 3.11
N GLU D 17 -22.74 45.77 3.86
CA GLU D 17 -22.84 45.46 5.25
C GLU D 17 -23.70 44.27 5.50
N VAL D 18 -23.21 43.36 6.34
CA VAL D 18 -24.05 42.25 6.75
C VAL D 18 -23.86 41.90 8.24
N ASP D 19 -24.84 41.18 8.84
CA ASP D 19 -24.79 40.87 10.27
C ASP D 19 -23.62 39.94 10.59
N ILE D 20 -22.96 40.16 11.72
CA ILE D 20 -21.99 39.19 12.20
C ILE D 20 -22.75 38.02 12.66
N PRO D 21 -22.42 36.86 12.13
CA PRO D 21 -23.07 35.66 12.71
C PRO D 21 -22.75 35.34 14.17
N THR D 22 -23.55 34.45 14.76
CA THR D 22 -23.22 33.94 16.09
C THR D 22 -23.26 32.42 16.06
N PRO D 23 -22.51 31.76 16.94
CA PRO D 23 -22.32 30.33 16.66
C PRO D 23 -23.28 29.40 17.34
N GLY D 24 -23.85 28.41 16.66
CA GLY D 24 -24.71 27.41 17.30
C GLY D 24 -23.83 26.26 17.81
N ALA D 25 -24.42 25.14 18.17
CA ALA D 25 -23.62 24.07 18.70
C ALA D 25 -22.62 23.58 17.64
N GLY D 26 -21.37 23.36 18.06
CA GLY D 26 -20.44 22.72 17.19
C GLY D 26 -19.82 23.79 16.29
N GLU D 27 -20.23 25.04 16.43
CA GLU D 27 -19.70 26.09 15.56
C GLU D 27 -18.84 27.13 16.25
N ILE D 28 -18.14 27.92 15.44
CA ILE D 28 -17.32 29.01 15.91
C ILE D 28 -17.47 30.19 14.95
N VAL D 29 -17.09 31.39 15.40
CA VAL D 29 -17.07 32.54 14.54
C VAL D 29 -15.65 32.99 14.58
N VAL D 30 -15.15 33.30 13.40
CA VAL D 30 -13.72 33.61 13.23
C VAL D 30 -13.60 34.96 12.59
N LYS D 31 -12.85 35.87 13.20
CA LYS D 31 -12.61 37.17 12.59
C LYS D 31 -11.43 37.12 11.65
N MET D 32 -11.60 37.50 10.37
CA MET D 32 -10.58 37.19 9.39
C MET D 32 -9.46 38.17 9.47
N GLN D 33 -8.22 37.67 9.39
CA GLN D 33 -7.06 38.47 9.11
C GLN D 33 -6.76 38.46 7.60
N ALA D 34 -6.99 37.32 6.94
CA ALA D 34 -6.63 37.20 5.54
C ALA D 34 -7.58 36.24 4.81
N SER D 35 -7.70 36.42 3.50
CA SER D 35 -8.46 35.49 2.66
C SER D 35 -7.87 35.33 1.30
N GLY D 36 -7.50 34.11 0.95
CA GLY D 36 -7.06 33.85 -0.36
C GLY D 36 -8.18 33.96 -1.35
N VAL D 37 -7.81 34.20 -2.59
CA VAL D 37 -8.74 34.22 -3.71
C VAL D 37 -8.19 33.24 -4.73
N CYS D 38 -9.06 32.47 -5.40
CA CYS D 38 -8.54 31.62 -6.51
C CYS D 38 -9.56 31.46 -7.59
N HIS D 39 -9.22 30.69 -8.63
CA HIS D 39 -10.15 30.47 -9.74
C HIS D 39 -11.48 29.79 -9.29
N THR D 40 -11.44 29.05 -8.20
CA THR D 40 -12.64 28.35 -7.75
C THR D 40 -13.68 29.41 -7.33
N ASP D 41 -13.24 30.44 -6.62
CA ASP D 41 -14.11 31.58 -6.31
C ASP D 41 -14.65 32.22 -7.61
N LEU D 42 -13.85 32.32 -8.65
CA LEU D 42 -14.32 32.82 -9.93
C LEU D 42 -15.43 31.94 -10.52
N HIS D 43 -15.26 30.60 -10.50
CA HIS D 43 -16.29 29.64 -10.98
C HIS D 43 -17.57 29.76 -10.12
N ALA D 44 -17.40 30.03 -8.83
CA ALA D 44 -18.53 30.18 -7.92
C ALA D 44 -19.34 31.39 -8.31
N VAL D 45 -18.66 32.51 -8.56
CA VAL D 45 -19.41 33.77 -8.81
C VAL D 45 -19.95 33.82 -10.24
N GLU D 46 -19.43 32.99 -11.13
CA GLU D 46 -19.94 33.00 -12.51
C GLU D 46 -21.00 31.91 -12.60
N GLY D 47 -21.16 31.06 -11.57
CA GLY D 47 -22.12 29.96 -11.64
C GLY D 47 -21.85 29.05 -12.82
N ASP D 48 -20.57 28.79 -13.08
CA ASP D 48 -20.02 27.94 -14.17
C ASP D 48 -20.27 26.42 -14.05
N TRP D 49 -20.38 25.90 -12.85
CA TRP D 49 -20.27 24.48 -12.68
C TRP D 49 -21.65 23.85 -12.59
N PRO D 50 -21.71 22.54 -12.77
CA PRO D 50 -23.00 21.82 -12.69
C PRO D 50 -23.76 22.03 -11.38
N VAL D 51 -23.14 21.81 -10.23
CA VAL D 51 -23.77 22.23 -8.99
C VAL D 51 -23.32 23.61 -8.52
N LYS D 52 -24.27 24.53 -8.31
CA LYS D 52 -23.90 25.97 -8.14
C LYS D 52 -24.25 26.50 -6.78
N PRO D 53 -23.66 27.64 -6.38
CA PRO D 53 -24.12 28.36 -5.17
C PRO D 53 -25.60 28.79 -5.24
N SER D 54 -26.21 29.22 -4.12
CA SER D 54 -27.50 29.95 -4.16
C SER D 54 -27.37 31.39 -3.73
N PRO D 55 -27.29 32.27 -4.71
CA PRO D 55 -27.08 33.65 -4.35
C PRO D 55 -28.29 34.14 -3.55
N PRO D 56 -28.14 35.14 -2.69
CA PRO D 56 -26.90 35.89 -2.55
C PRO D 56 -25.94 35.12 -1.63
N PHE D 57 -24.66 35.13 -1.96
CA PHE D 57 -23.73 34.49 -1.08
C PHE D 57 -22.38 35.22 -1.05
N ILE D 58 -21.63 34.92 0.00
CA ILE D 58 -20.23 35.38 0.20
C ILE D 58 -19.21 34.31 -0.19
N PRO D 59 -18.33 34.59 -1.19
CA PRO D 59 -17.40 33.56 -1.59
C PRO D 59 -16.24 33.43 -0.59
N GLY D 60 -15.21 32.68 -0.99
CA GLY D 60 -13.94 32.60 -0.24
C GLY D 60 -13.86 31.28 0.54
N HIS D 61 -12.79 30.53 0.32
CA HIS D 61 -12.54 29.32 1.03
C HIS D 61 -11.07 29.21 1.41
N GLU D 62 -10.44 30.32 1.78
CA GLU D 62 -9.05 30.32 2.23
C GLU D 62 -8.88 31.41 3.26
N GLY D 63 -9.59 31.29 4.35
CA GLY D 63 -9.59 32.36 5.37
C GLY D 63 -8.73 31.96 6.56
N VAL D 64 -7.93 32.90 7.01
CA VAL D 64 -7.16 32.75 8.22
C VAL D 64 -7.58 33.84 9.24
N GLY D 65 -7.83 33.46 10.47
CA GLY D 65 -8.19 34.45 11.46
C GLY D 65 -8.35 33.84 12.86
N LEU D 66 -8.79 34.69 13.80
CA LEU D 66 -8.83 34.35 15.19
C LEU D 66 -10.28 34.11 15.60
N ILE D 67 -10.49 33.09 16.41
CA ILE D 67 -11.80 32.79 16.89
C ILE D 67 -12.23 33.90 17.82
N THR D 68 -13.43 34.45 17.58
CA THR D 68 -14.00 35.46 18.46
C THR D 68 -15.20 34.99 19.20
N ALA D 69 -15.85 33.89 18.78
CA ALA D 69 -16.94 33.24 19.56
C ALA D 69 -16.95 31.76 19.36
N VAL D 70 -17.34 31.05 20.42
CA VAL D 70 -17.32 29.60 20.43
C VAL D 70 -18.69 29.10 20.77
N GLY D 71 -19.23 28.16 20.02
CA GLY D 71 -20.54 27.64 20.26
C GLY D 71 -20.60 26.53 21.27
N GLU D 72 -21.81 26.11 21.56
CA GLU D 72 -22.03 25.12 22.56
C GLU D 72 -21.30 23.83 22.22
N GLY D 73 -20.68 23.23 23.25
CA GLY D 73 -19.99 21.96 23.08
C GLY D 73 -18.64 21.96 22.42
N VAL D 74 -18.19 23.05 21.85
CA VAL D 74 -16.83 23.10 21.31
C VAL D 74 -15.73 23.26 22.35
N THR D 75 -14.82 22.30 22.45
CA THR D 75 -13.77 22.30 23.49
C THR D 75 -12.34 22.24 22.95
N HIS D 76 -12.10 21.85 21.69
CA HIS D 76 -10.74 21.64 21.21
C HIS D 76 -10.15 22.88 20.64
N VAL D 77 -10.95 23.89 20.38
CA VAL D 77 -10.43 25.19 20.09
C VAL D 77 -11.12 26.18 20.98
N LYS D 78 -10.54 27.36 21.06
CA LYS D 78 -11.11 28.41 21.90
C LYS D 78 -10.78 29.81 21.44
N GLU D 79 -11.40 30.79 22.06
CA GLU D 79 -11.22 32.14 21.68
C GLU D 79 -9.78 32.51 21.57
N GLY D 80 -9.45 33.28 20.56
CA GLY D 80 -8.09 33.69 20.33
C GLY D 80 -7.31 32.74 19.45
N ASP D 81 -7.79 31.52 19.23
CA ASP D 81 -6.98 30.52 18.46
C ASP D 81 -7.02 30.95 17.03
N ARG D 82 -5.86 30.83 16.36
CA ARG D 82 -5.82 31.14 14.93
C ARG D 82 -6.12 29.85 14.12
N VAL D 83 -7.12 29.95 13.24
CA VAL D 83 -7.61 28.83 12.48
C VAL D 83 -7.87 29.22 11.04
N GLY D 84 -8.05 28.17 10.22
CA GLY D 84 -8.22 28.32 8.79
C GLY D 84 -9.52 27.76 8.29
N VAL D 85 -10.20 28.58 7.51
CA VAL D 85 -11.44 28.21 6.88
C VAL D 85 -11.15 27.79 5.44
N ALA D 86 -11.36 26.53 5.14
CA ALA D 86 -10.96 25.97 3.87
C ALA D 86 -12.13 25.47 3.06
N TRP D 87 -11.86 24.93 1.86
CA TRP D 87 -12.95 24.48 0.96
C TRP D 87 -13.90 23.52 1.62
N LEU D 88 -13.33 22.51 2.28
CA LEU D 88 -14.16 21.59 3.05
C LEU D 88 -14.66 22.24 4.34
N TYR D 89 -15.89 22.74 4.33
CA TYR D 89 -16.56 23.38 5.50
C TYR D 89 -17.08 22.34 6.52
N SER D 90 -17.72 21.33 6.00
CA SER D 90 -18.19 20.25 6.81
C SER D 90 -18.36 18.99 5.99
N ALA D 91 -18.43 17.85 6.68
CA ALA D 91 -18.83 16.59 6.09
C ALA D 91 -19.68 15.82 7.09
N CYS D 92 -20.32 14.73 6.71
CA CYS D 92 -21.37 14.17 7.55
C CYS D 92 -20.79 13.53 8.73
N GLY D 93 -19.61 12.96 8.51
CA GLY D 93 -18.94 12.15 9.50
C GLY D 93 -19.41 10.72 9.74
N HIS D 94 -20.41 10.25 8.97
N HIS D 94 -20.35 10.22 8.92
CA HIS D 94 -20.99 8.91 9.18
CA HIS D 94 -20.82 8.86 9.14
C HIS D 94 -20.87 7.93 8.00
C HIS D 94 -20.90 7.90 7.96
N CYS D 95 -20.49 8.38 6.81
CA CYS D 95 -20.66 7.59 5.59
C CYS D 95 -19.36 6.87 5.44
N THR D 96 -19.27 5.97 4.48
CA THR D 96 -18.11 5.19 4.28
C THR D 96 -16.90 6.12 3.96
N HIS D 97 -17.13 7.15 3.21
CA HIS D 97 -16.02 8.05 2.82
C HIS D 97 -15.50 8.75 4.08
N CYS D 98 -16.41 9.30 4.91
CA CYS D 98 -16.01 10.03 6.10
C CYS D 98 -15.33 9.07 7.08
N LEU D 99 -15.80 7.88 7.21
CA LEU D 99 -15.22 6.98 8.22
C LEU D 99 -13.84 6.45 7.90
N GLY D 100 -13.54 6.43 6.61
CA GLY D 100 -12.31 5.87 6.16
C GLY D 100 -11.28 6.96 5.87
N GLY D 101 -11.47 8.18 6.32
CA GLY D 101 -10.40 9.16 6.08
C GLY D 101 -10.41 9.81 4.71
N TRP D 102 -11.56 9.72 4.00
CA TRP D 102 -11.79 10.26 2.66
C TRP D 102 -12.97 11.20 2.70
N GLU D 103 -13.01 12.07 3.71
CA GLU D 103 -14.11 12.97 3.85
C GLU D 103 -14.25 13.95 2.68
N THR D 104 -13.22 14.06 1.91
CA THR D 104 -13.26 14.99 0.74
C THR D 104 -14.24 14.43 -0.29
N LEU D 105 -14.68 13.15 -0.10
CA LEU D 105 -15.58 12.57 -1.05
C LEU D 105 -17.02 12.54 -0.53
N CYS D 106 -17.24 13.00 0.71
CA CYS D 106 -18.57 12.93 1.30
C CYS D 106 -19.59 13.62 0.39
N GLU D 107 -20.63 12.88 0.07
CA GLU D 107 -21.71 13.38 -0.76
C GLU D 107 -22.62 14.44 -0.10
N SER D 108 -22.57 14.61 1.20
CA SER D 108 -23.24 15.76 1.78
C SER D 108 -22.33 16.78 2.42
N GLN D 109 -21.12 16.86 1.90
CA GLN D 109 -20.26 17.91 2.34
C GLN D 109 -20.81 19.25 2.03
N GLN D 110 -20.47 20.23 2.86
CA GLN D 110 -20.62 21.71 2.53
C GLN D 110 -19.29 22.33 2.17
N ASN D 111 -19.26 23.38 1.31
CA ASN D 111 -18.05 23.96 0.85
C ASN D 111 -18.06 25.49 1.10
N SER D 112 -17.04 25.95 1.76
CA SER D 112 -16.95 27.31 2.21
C SER D 112 -17.00 28.23 0.99
N GLY D 113 -17.84 29.25 1.06
CA GLY D 113 -17.78 30.31 0.04
C GLY D 113 -18.36 29.77 -1.23
N TYR D 114 -19.18 28.72 -1.11
CA TYR D 114 -19.84 28.10 -2.26
C TYR D 114 -21.25 27.65 -1.91
N SER D 115 -21.37 26.61 -1.05
CA SER D 115 -22.66 26.23 -0.59
C SER D 115 -23.06 26.96 0.70
N VAL D 116 -22.12 27.62 1.37
CA VAL D 116 -22.38 28.45 2.57
C VAL D 116 -21.43 29.69 2.48
N ASN D 117 -21.78 30.80 3.13
CA ASN D 117 -20.91 31.91 3.23
C ASN D 117 -19.48 31.65 3.68
N GLY D 118 -18.57 32.35 3.05
CA GLY D 118 -17.16 32.08 3.25
C GLY D 118 -16.33 33.25 3.69
N SER D 119 -15.08 33.22 3.29
CA SER D 119 -14.03 34.04 3.89
C SER D 119 -13.86 35.43 3.26
N PHE D 120 -14.78 35.82 2.37
CA PHE D 120 -14.72 37.20 1.73
C PHE D 120 -15.58 38.14 2.64
N ALA D 121 -15.58 37.89 3.96
CA ALA D 121 -16.20 38.83 4.90
C ALA D 121 -15.31 38.98 6.14
N GLU D 122 -15.62 39.95 6.99
CA GLU D 122 -14.70 40.27 8.05
C GLU D 122 -14.78 39.20 9.11
N TYR D 123 -15.90 38.48 9.11
CA TYR D 123 -16.12 37.38 10.05
C TYR D 123 -16.78 36.23 9.34
N VAL D 124 -16.52 35.03 9.85
CA VAL D 124 -17.02 33.83 9.21
C VAL D 124 -17.53 32.87 10.26
N LEU D 125 -18.74 32.42 10.07
CA LEU D 125 -19.27 31.30 10.86
C LEU D 125 -18.73 29.98 10.31
N ALA D 126 -18.22 29.09 11.16
CA ALA D 126 -17.51 27.90 10.69
C ALA D 126 -17.84 26.74 11.55
N ASN D 127 -17.68 25.54 11.01
CA ASN D 127 -17.85 24.29 11.82
C ASN D 127 -16.51 24.02 12.48
N ALA D 128 -16.49 23.92 13.81
CA ALA D 128 -15.25 23.84 14.58
C ALA D 128 -14.43 22.59 14.31
N ASN D 129 -15.09 21.55 13.83
CA ASN D 129 -14.40 20.28 13.53
C ASN D 129 -13.73 20.18 12.17
N TYR D 130 -13.90 21.20 11.32
CA TYR D 130 -13.35 21.15 9.96
C TYR D 130 -12.39 22.32 9.64
N VAL D 131 -12.19 23.24 10.57
CA VAL D 131 -11.22 24.29 10.31
C VAL D 131 -9.81 23.72 10.53
N GLY D 132 -8.86 24.29 9.84
CA GLY D 132 -7.45 23.95 10.05
C GLY D 132 -6.89 24.70 11.25
N ILE D 133 -5.87 24.13 11.88
CA ILE D 133 -5.28 24.71 13.04
C ILE D 133 -4.00 25.30 12.50
N ILE D 134 -3.89 26.63 12.54
CA ILE D 134 -2.72 27.27 11.97
C ILE D 134 -1.48 27.20 12.88
N PRO D 135 -0.32 26.80 12.35
CA PRO D 135 0.86 26.71 13.22
C PRO D 135 1.26 28.06 13.77
N GLU D 136 1.88 28.04 14.96
CA GLU D 136 2.29 29.26 15.68
C GLU D 136 3.10 30.19 14.81
N SER D 137 4.09 29.63 14.16
CA SER D 137 5.19 30.46 13.70
C SER D 137 4.86 31.24 12.45
N VAL D 138 3.82 30.89 11.73
CA VAL D 138 3.62 31.45 10.41
C VAL D 138 2.86 32.79 10.35
N ASP D 139 2.97 33.49 9.23
CA ASP D 139 2.29 34.73 8.96
C ASP D 139 0.95 34.45 8.31
N SER D 140 -0.09 35.16 8.71
CA SER D 140 -1.41 34.86 8.28
C SER D 140 -1.65 35.07 6.81
N ILE D 141 -1.08 36.15 6.25
CA ILE D 141 -1.20 36.37 4.85
C ILE D 141 -0.48 35.29 4.02
N GLU D 142 0.76 35.01 4.36
CA GLU D 142 1.52 34.00 3.68
C GLU D 142 0.97 32.58 3.76
N ILE D 143 0.25 32.25 4.81
CA ILE D 143 -0.12 30.89 5.03
C ILE D 143 -1.46 30.64 4.38
N ALA D 144 -2.20 31.71 4.09
CA ALA D 144 -3.54 31.50 3.56
C ALA D 144 -3.63 30.58 2.34
N PRO D 145 -2.74 30.73 1.37
CA PRO D 145 -2.85 29.92 0.19
C PRO D 145 -2.60 28.44 0.44
N VAL D 146 -1.96 28.10 1.55
CA VAL D 146 -1.78 26.68 1.89
C VAL D 146 -3.12 26.07 2.03
N LEU D 147 -4.13 26.84 2.47
CA LEU D 147 -5.44 26.19 2.79
C LEU D 147 -6.15 25.69 1.52
N CYS D 148 -5.72 26.15 0.35
CA CYS D 148 -6.35 25.73 -0.85
C CYS D 148 -5.28 25.26 -1.84
N ALA D 149 -4.42 26.14 -2.32
CA ALA D 149 -3.40 25.69 -3.23
C ALA D 149 -2.49 24.65 -2.66
N GLY D 150 -2.02 24.90 -1.47
CA GLY D 150 -1.02 24.03 -0.87
C GLY D 150 -1.54 22.62 -0.62
N VAL D 151 -2.64 22.53 0.08
CA VAL D 151 -3.19 21.22 0.35
C VAL D 151 -3.49 20.48 -0.96
N THR D 152 -3.96 21.25 -1.94
CA THR D 152 -4.38 20.64 -3.20
C THR D 152 -3.22 19.97 -3.91
N VAL D 153 -2.11 20.70 -4.06
CA VAL D 153 -0.94 20.13 -4.70
C VAL D 153 -0.25 19.07 -3.89
N TYR D 154 -0.25 19.25 -2.59
CA TYR D 154 0.26 18.20 -1.66
C TYR D 154 -0.44 16.89 -1.77
N LYS D 155 -1.79 16.87 -1.66
CA LYS D 155 -2.50 15.65 -1.79
C LYS D 155 -2.38 15.17 -3.21
N GLY D 156 -2.35 16.08 -4.17
CA GLY D 156 -2.18 15.67 -5.56
C GLY D 156 -0.89 14.91 -5.80
N LEU D 157 0.20 15.36 -5.15
CA LEU D 157 1.51 14.69 -5.28
C LEU D 157 1.41 13.32 -4.57
N LYS D 158 0.76 13.26 -3.44
CA LYS D 158 0.64 11.95 -2.88
C LYS D 158 -0.05 11.00 -3.85
N MET D 159 -1.02 11.53 -4.63
CA MET D 159 -1.89 10.64 -5.41
C MET D 159 -1.15 10.25 -6.72
N THR D 160 0.08 10.70 -6.92
CA THR D 160 0.90 10.24 -8.05
C THR D 160 1.56 8.89 -7.76
N ASP D 161 1.47 8.43 -6.52
CA ASP D 161 2.03 7.14 -6.15
C ASP D 161 3.50 7.12 -6.42
N THR D 162 4.20 8.24 -6.29
CA THR D 162 5.62 8.26 -6.48
C THR D 162 6.33 8.13 -5.10
N LYS D 163 7.64 8.06 -5.11
CA LYS D 163 8.43 7.88 -3.93
C LYS D 163 9.69 8.67 -4.05
N PRO D 164 10.36 8.91 -2.91
CA PRO D 164 11.58 9.74 -3.02
C PRO D 164 12.55 9.17 -4.07
N GLY D 165 13.12 10.10 -4.83
CA GLY D 165 14.03 9.76 -5.85
C GLY D 165 13.35 9.61 -7.22
N ASP D 166 12.03 9.52 -7.26
CA ASP D 166 11.32 9.44 -8.55
C ASP D 166 11.34 10.83 -9.17
N TRP D 167 11.05 10.88 -10.46
CA TRP D 167 10.80 12.15 -11.18
C TRP D 167 9.30 12.43 -11.33
N VAL D 168 8.89 13.60 -10.92
CA VAL D 168 7.60 14.11 -11.21
C VAL D 168 7.69 15.33 -12.11
N VAL D 169 6.78 15.42 -13.10
CA VAL D 169 6.59 16.68 -13.86
C VAL D 169 5.49 17.51 -13.29
N ILE D 170 5.78 18.80 -13.10
CA ILE D 170 4.76 19.73 -12.71
C ILE D 170 4.51 20.49 -13.99
N SER D 171 3.25 20.46 -14.40
CA SER D 171 2.79 21.12 -15.59
C SER D 171 1.96 22.32 -15.17
N GLY D 172 2.41 23.49 -15.61
CA GLY D 172 1.87 24.76 -15.18
C GLY D 172 2.53 25.21 -13.87
N ILE D 173 3.40 26.21 -13.95
CA ILE D 173 4.05 26.71 -12.75
C ILE D 173 3.43 28.04 -12.35
N GLY D 174 2.11 28.05 -12.12
CA GLY D 174 1.40 29.28 -11.73
C GLY D 174 1.02 29.20 -10.26
N GLY D 175 -0.25 29.52 -9.96
CA GLY D 175 -0.65 29.72 -8.59
C GLY D 175 -0.34 28.44 -7.85
N LEU D 176 -0.90 27.35 -8.37
CA LEU D 176 -0.69 26.03 -7.80
C LEU D 176 0.70 25.46 -8.03
N GLY D 177 1.19 25.62 -9.24
CA GLY D 177 2.40 24.97 -9.65
C GLY D 177 3.63 25.40 -8.88
N HIS D 178 3.77 26.69 -8.56
CA HIS D 178 4.94 27.13 -7.79
C HIS D 178 4.90 26.47 -6.36
N MET D 179 3.73 26.20 -5.81
CA MET D 179 3.65 25.52 -4.55
C MET D 179 3.96 24.07 -4.76
N ALA D 180 3.49 23.52 -5.87
CA ALA D 180 3.74 22.13 -6.17
C ALA D 180 5.23 21.81 -6.27
N VAL D 181 6.05 22.69 -6.89
CA VAL D 181 7.42 22.40 -7.02
C VAL D 181 8.01 22.24 -5.61
N GLN D 182 7.62 23.14 -4.68
CA GLN D 182 8.14 23.12 -3.33
C GLN D 182 7.73 21.91 -2.52
N TYR D 183 6.45 21.53 -2.59
CA TYR D 183 6.03 20.29 -1.92
C TYR D 183 6.73 19.09 -2.52
N ALA D 184 6.95 19.09 -3.85
CA ALA D 184 7.55 17.93 -4.49
C ALA D 184 8.99 17.77 -4.02
N ILE D 185 9.70 18.87 -3.85
CA ILE D 185 11.08 18.83 -3.37
C ILE D 185 11.05 18.34 -1.91
N ALA D 186 10.12 18.81 -1.12
CA ALA D 186 10.10 18.46 0.29
C ALA D 186 9.78 16.98 0.46
N MET D 187 9.09 16.40 -0.54
CA MET D 187 8.77 14.98 -0.55
C MET D 187 9.82 14.12 -1.22
N GLY D 188 11.02 14.69 -1.42
CA GLY D 188 12.18 13.98 -1.97
C GLY D 188 12.14 13.61 -3.47
N LEU D 189 11.24 14.25 -4.20
CA LEU D 189 11.11 14.04 -5.61
C LEU D 189 12.08 14.94 -6.39
N ASN D 190 12.52 14.44 -7.52
CA ASN D 190 13.17 15.24 -8.53
C ASN D 190 12.10 15.87 -9.41
N VAL D 191 12.21 17.16 -9.62
CA VAL D 191 11.22 17.87 -10.35
C VAL D 191 11.61 18.39 -11.75
N ALA D 192 10.75 18.05 -12.72
CA ALA D 192 10.79 18.58 -14.10
C ALA D 192 9.60 19.51 -14.24
N ALA D 193 9.89 20.75 -14.57
CA ALA D 193 8.87 21.77 -14.67
C ALA D 193 8.61 22.08 -16.12
N VAL D 194 7.33 22.11 -16.49
CA VAL D 194 6.96 22.48 -17.85
C VAL D 194 5.97 23.65 -17.82
N ASP D 195 6.17 24.60 -18.74
CA ASP D 195 5.28 25.71 -18.90
C ASP D 195 5.62 26.29 -20.25
N ILE D 196 5.03 27.42 -20.54
CA ILE D 196 5.31 28.14 -21.76
C ILE D 196 5.90 29.51 -21.49
N ASP D 197 6.30 29.82 -20.26
CA ASP D 197 6.77 31.16 -19.89
C ASP D 197 8.14 30.96 -19.30
N ASP D 198 9.10 31.69 -19.80
CA ASP D 198 10.50 31.43 -19.44
C ASP D 198 10.84 31.87 -18.04
N ASP D 199 10.20 32.99 -17.60
CA ASP D 199 10.41 33.49 -16.25
C ASP D 199 9.79 32.50 -15.26
N LYS D 200 8.61 31.97 -15.57
CA LYS D 200 8.01 30.98 -14.63
C LYS D 200 8.93 29.81 -14.43
N LEU D 201 9.47 29.35 -15.55
CA LEU D 201 10.42 28.26 -15.54
C LEU D 201 11.72 28.60 -14.76
N ALA D 202 12.28 29.80 -14.93
CA ALA D 202 13.40 30.25 -14.03
C ALA D 202 12.99 30.19 -12.52
N PHE D 203 11.78 30.62 -12.20
CA PHE D 203 11.32 30.60 -10.84
C PHE D 203 11.29 29.15 -10.34
N ALA D 204 10.60 28.28 -11.09
CA ALA D 204 10.72 26.87 -10.81
C ALA D 204 12.13 26.32 -10.50
N LYS D 205 13.11 26.67 -11.33
CA LYS D 205 14.47 26.22 -11.13
C LYS D 205 15.02 26.76 -9.80
N LYS D 206 14.70 28.00 -9.50
CA LYS D 206 15.09 28.63 -8.25
C LYS D 206 14.48 27.88 -7.07
N LEU D 207 13.23 27.41 -7.22
CA LEU D 207 12.58 26.60 -6.17
C LEU D 207 13.04 25.15 -6.09
N GLY D 208 13.90 24.75 -7.01
CA GLY D 208 14.62 23.47 -6.90
C GLY D 208 14.39 22.51 -8.06
N ALA D 209 13.67 22.94 -9.08
CA ALA D 209 13.45 22.05 -10.26
C ALA D 209 14.73 21.94 -11.05
N LYS D 210 15.32 20.74 -11.05
CA LYS D 210 16.48 20.46 -11.80
C LYS D 210 16.25 20.40 -13.33
N VAL D 211 15.05 20.20 -13.82
CA VAL D 211 14.84 20.18 -15.28
C VAL D 211 13.71 21.12 -15.60
N THR D 212 13.82 21.87 -16.68
CA THR D 212 12.71 22.73 -17.08
C THR D 212 12.58 22.62 -18.56
N VAL D 213 11.36 22.72 -19.04
CA VAL D 213 11.20 22.83 -20.46
C VAL D 213 10.06 23.78 -20.84
N ASN D 214 10.34 24.61 -21.84
CA ASN D 214 9.34 25.48 -22.41
C ASN D 214 8.64 24.77 -23.56
N ALA D 215 7.37 24.41 -23.34
CA ALA D 215 6.55 23.69 -24.29
C ALA D 215 6.34 24.42 -25.61
N LYS D 216 6.55 25.73 -25.64
CA LYS D 216 6.41 26.48 -26.88
C LYS D 216 7.63 26.34 -27.75
N ASN D 217 8.79 26.18 -27.13
CA ASN D 217 10.04 26.11 -27.93
C ASN D 217 10.43 24.70 -28.33
N THR D 218 9.86 23.68 -27.65
CA THR D 218 10.42 22.35 -27.65
C THR D 218 9.30 21.37 -27.36
N ASP D 219 9.33 20.21 -28.00
CA ASP D 219 8.37 19.20 -27.59
C ASP D 219 8.72 18.70 -26.18
N PRO D 220 7.85 19.01 -25.21
CA PRO D 220 8.25 18.61 -23.89
C PRO D 220 8.40 17.09 -23.74
N ALA D 221 7.52 16.32 -24.38
CA ALA D 221 7.56 14.88 -24.22
C ALA D 221 8.82 14.27 -24.82
N GLU D 222 9.18 14.63 -26.05
CA GLU D 222 10.42 14.11 -26.60
C GLU D 222 11.60 14.44 -25.70
N TYR D 223 11.59 15.65 -25.14
CA TYR D 223 12.75 16.09 -24.37
C TYR D 223 12.88 15.31 -23.08
N LEU D 224 11.78 15.12 -22.35
CA LEU D 224 11.83 14.40 -21.10
C LEU D 224 12.01 12.89 -21.28
N GLN D 225 11.52 12.35 -22.38
CA GLN D 225 11.78 10.95 -22.64
C GLN D 225 13.28 10.77 -22.76
N LYS D 226 13.96 11.69 -23.43
CA LYS D 226 15.39 11.48 -23.67
C LYS D 226 16.12 11.81 -22.41
N GLU D 227 15.80 12.96 -21.83
CA GLU D 227 16.50 13.45 -20.64
C GLU D 227 16.40 12.58 -19.36
N ILE D 228 15.20 12.07 -19.02
CA ILE D 228 15.02 11.40 -17.72
C ILE D 228 14.38 10.05 -17.91
N GLY D 229 14.19 9.65 -19.16
CA GLY D 229 13.61 8.38 -19.50
C GLY D 229 12.11 8.36 -19.23
N GLY D 230 11.48 9.54 -19.17
CA GLY D 230 10.06 9.64 -18.81
C GLY D 230 9.85 9.82 -17.30
N ALA D 231 8.90 10.70 -16.92
CA ALA D 231 8.58 10.92 -15.52
C ALA D 231 7.78 9.76 -14.91
N HIS D 232 7.94 9.52 -13.61
CA HIS D 232 7.17 8.47 -12.90
C HIS D 232 5.79 8.99 -12.63
N GLY D 233 5.66 10.31 -12.53
CA GLY D 233 4.41 10.94 -12.19
C GLY D 233 4.32 12.29 -12.82
N ALA D 234 3.08 12.73 -13.02
CA ALA D 234 2.79 14.09 -13.54
C ALA D 234 1.63 14.73 -12.81
N LEU D 235 1.84 15.95 -12.35
CA LEU D 235 0.83 16.74 -11.72
C LEU D 235 0.47 17.83 -12.70
N VAL D 236 -0.77 17.82 -13.19
CA VAL D 236 -1.27 18.83 -14.18
C VAL D 236 -2.11 19.88 -13.46
N THR D 237 -1.55 21.09 -13.30
CA THR D 237 -2.17 22.13 -12.53
C THR D 237 -2.97 23.05 -13.40
N ALA D 238 -2.61 23.16 -14.68
CA ALA D 238 -3.43 23.91 -15.61
C ALA D 238 -3.94 22.92 -16.62
N VAL D 239 -5.22 22.56 -16.48
CA VAL D 239 -5.82 21.49 -17.29
C VAL D 239 -6.52 22.06 -18.59
N SER D 240 -5.74 22.08 -19.63
CA SER D 240 -6.23 22.29 -20.94
C SER D 240 -5.93 20.97 -21.67
N ALA D 241 -6.58 20.78 -22.78
CA ALA D 241 -6.40 19.59 -23.55
C ALA D 241 -4.95 19.34 -23.87
N LYS D 242 -4.23 20.38 -24.26
CA LYS D 242 -2.89 20.17 -24.77
C LYS D 242 -1.92 19.84 -23.67
N ALA D 243 -2.05 20.48 -22.52
CA ALA D 243 -1.19 20.19 -21.39
C ALA D 243 -1.39 18.76 -20.86
N PHE D 244 -2.66 18.41 -20.66
CA PHE D 244 -3.01 17.02 -20.36
C PHE D 244 -2.40 15.99 -21.33
N ASP D 245 -2.55 16.21 -22.63
CA ASP D 245 -2.05 15.25 -23.57
C ASP D 245 -0.51 15.17 -23.54
N GLN D 246 0.12 16.32 -23.41
CA GLN D 246 1.58 16.34 -23.40
C GLN D 246 2.08 15.67 -22.13
N ALA D 247 1.35 15.89 -21.03
CA ALA D 247 1.74 15.32 -19.76
C ALA D 247 1.69 13.82 -19.83
N LEU D 248 0.65 13.26 -20.48
CA LEU D 248 0.62 11.81 -20.74
C LEU D 248 1.86 11.40 -21.42
N SER D 249 2.28 12.15 -22.42
CA SER D 249 3.38 11.71 -23.23
C SER D 249 4.66 11.82 -22.54
N MET D 250 4.69 12.54 -21.43
CA MET D 250 5.92 12.71 -20.69
C MET D 250 6.18 11.58 -19.73
N LEU D 251 5.16 10.74 -19.48
CA LEU D 251 5.30 9.65 -18.52
C LEU D 251 6.05 8.45 -19.05
N ARG D 252 6.82 7.80 -18.21
CA ARG D 252 7.27 6.43 -18.55
C ARG D 252 6.17 5.40 -18.37
N ARG D 253 6.38 4.19 -18.88
CA ARG D 253 5.39 3.16 -18.64
C ARG D 253 5.13 2.99 -17.15
N GLY D 254 3.87 2.75 -16.81
CA GLY D 254 3.47 2.57 -15.38
C GLY D 254 3.35 3.87 -14.62
N GLY D 255 3.54 4.99 -15.31
CA GLY D 255 3.44 6.26 -14.67
C GLY D 255 2.03 6.66 -14.32
N THR D 256 1.94 7.67 -13.47
CA THR D 256 0.65 8.16 -13.03
C THR D 256 0.49 9.63 -13.29
N LEU D 257 -0.64 10.00 -13.86
CA LEU D 257 -0.96 11.45 -14.14
C LEU D 257 -2.07 11.86 -13.20
N VAL D 258 -1.82 12.83 -12.34
CA VAL D 258 -2.91 13.41 -11.53
C VAL D 258 -3.32 14.81 -12.11
N CYS D 259 -4.61 14.95 -12.36
CA CYS D 259 -5.21 16.22 -12.73
C CYS D 259 -5.58 16.92 -11.46
N ASN D 260 -5.03 18.10 -11.31
CA ASN D 260 -5.15 18.79 -10.05
C ASN D 260 -6.13 19.84 -10.07
N GLY D 261 -6.90 19.93 -11.16
CA GLY D 261 -7.98 20.85 -11.17
C GLY D 261 -9.01 20.36 -12.18
N LEU D 262 -10.11 21.08 -12.25
CA LEU D 262 -11.14 20.81 -13.19
C LEU D 262 -10.95 21.49 -14.56
N PRO D 263 -10.86 20.69 -15.64
CA PRO D 263 -10.95 21.34 -16.95
C PRO D 263 -12.32 21.82 -17.22
N PRO D 264 -12.49 22.59 -18.28
CA PRO D 264 -13.79 23.13 -18.68
C PRO D 264 -14.72 22.10 -19.23
N GLY D 265 -14.23 21.07 -19.86
CA GLY D 265 -15.13 20.15 -20.51
C GLY D 265 -14.42 18.84 -20.58
N ASP D 266 -14.97 17.93 -21.38
CA ASP D 266 -14.36 16.65 -21.68
C ASP D 266 -13.24 17.00 -22.54
N PHE D 267 -12.33 16.08 -22.77
CA PHE D 267 -11.56 16.23 -23.94
C PHE D 267 -10.92 14.91 -24.32
N PRO D 268 -10.88 14.62 -25.65
CA PRO D 268 -10.40 13.30 -26.01
C PRO D 268 -9.15 12.92 -25.33
N VAL D 269 -8.97 11.62 -25.24
CA VAL D 269 -7.98 11.05 -24.41
C VAL D 269 -7.55 9.76 -24.99
N SER D 270 -6.23 9.68 -25.10
CA SER D 270 -5.44 8.54 -25.60
C SER D 270 -6.00 7.16 -25.61
N ILE D 271 -6.83 6.91 -24.62
CA ILE D 271 -7.01 5.58 -24.15
C ILE D 271 -5.98 4.68 -24.69
N PHE D 272 -6.08 4.17 -25.93
CA PHE D 272 -5.23 3.05 -26.41
C PHE D 272 -3.80 3.02 -25.82
N ASP D 273 -3.16 4.18 -25.78
CA ASP D 273 -1.74 4.25 -25.35
C ASP D 273 -1.60 4.15 -23.85
N THR D 274 -2.49 4.87 -23.20
CA THR D 274 -2.75 4.71 -21.81
C THR D 274 -2.86 3.26 -21.33
N VAL D 275 -3.60 2.43 -21.98
CA VAL D 275 -3.66 1.05 -21.48
C VAL D 275 -2.45 0.17 -21.82
N LEU D 276 -1.93 0.39 -23.01
CA LEU D 276 -0.74 -0.29 -23.50
C LEU D 276 0.44 -0.05 -22.61
N ASN D 277 0.59 1.18 -22.17
CA ASN D 277 1.68 1.58 -21.32
C ASN D 277 1.43 1.48 -19.82
N GLY D 278 0.33 0.86 -19.43
CA GLY D 278 0.03 0.71 -18.01
C GLY D 278 0.05 2.01 -17.22
N ILE D 279 -0.52 3.05 -17.84
CA ILE D 279 -0.67 4.36 -17.23
C ILE D 279 -1.90 4.50 -16.37
N THR D 280 -1.78 5.30 -15.30
CA THR D 280 -2.94 5.58 -14.48
C THR D 280 -3.27 7.09 -14.65
N ILE D 281 -4.51 7.39 -14.87
CA ILE D 281 -5.00 8.76 -14.84
C ILE D 281 -5.91 8.92 -13.60
N ARG D 282 -5.74 9.96 -12.83
CA ARG D 282 -6.49 10.12 -11.58
C ARG D 282 -6.80 11.61 -11.31
N GLY D 283 -7.93 11.91 -10.73
CA GLY D 283 -8.19 13.26 -10.32
C GLY D 283 -7.95 13.39 -8.84
N SER D 284 -7.39 14.54 -8.49
CA SER D 284 -7.27 14.90 -7.09
C SER D 284 -7.32 16.42 -7.04
N ILE D 285 -8.32 16.90 -6.38
CA ILE D 285 -8.53 18.31 -6.32
C ILE D 285 -8.66 18.95 -4.96
N VAL D 286 -8.95 18.26 -3.85
CA VAL D 286 -8.60 19.01 -2.64
C VAL D 286 -7.91 18.12 -1.60
N GLY D 287 -8.14 18.29 -0.32
CA GLY D 287 -7.50 17.46 0.67
C GLY D 287 -8.28 17.32 1.94
N THR D 288 -7.99 16.24 2.68
CA THR D 288 -8.71 15.97 3.90
C THR D 288 -8.19 16.86 5.02
N ARG D 289 -8.80 16.79 6.19
CA ARG D 289 -8.29 17.49 7.36
C ARG D 289 -6.85 17.10 7.60
N LEU D 290 -6.54 15.81 7.47
CA LEU D 290 -5.21 15.38 7.83
C LEU D 290 -4.19 15.86 6.77
N ASP D 291 -4.56 15.80 5.52
CA ASP D 291 -3.74 16.35 4.45
C ASP D 291 -3.47 17.81 4.70
N LEU D 292 -4.49 18.53 5.07
CA LEU D 292 -4.31 19.96 5.35
C LEU D 292 -3.35 20.21 6.53
N GLN D 293 -3.52 19.44 7.63
CA GLN D 293 -2.59 19.50 8.74
C GLN D 293 -1.14 19.22 8.29
N GLU D 294 -0.92 18.19 7.48
CA GLU D 294 0.41 17.79 7.01
C GLU D 294 1.01 18.93 6.14
N SER D 295 0.16 19.49 5.28
CA SER D 295 0.52 20.67 4.40
C SER D 295 0.99 21.85 5.16
N LEU D 296 0.19 22.21 6.15
CA LEU D 296 0.52 23.26 7.05
C LEU D 296 1.82 23.06 7.87
N ASP D 297 2.08 21.83 8.30
CA ASP D 297 3.31 21.57 9.02
C ASP D 297 4.51 21.73 8.16
N MET D 298 4.41 21.30 6.92
CA MET D 298 5.52 21.52 5.97
C MET D 298 5.83 22.97 5.75
N ALA D 299 4.79 23.78 5.63
CA ALA D 299 5.01 25.19 5.51
C ALA D 299 5.66 25.75 6.77
N ALA D 300 5.19 25.35 7.93
CA ALA D 300 5.71 25.95 9.17
C ALA D 300 7.19 25.61 9.34
N ALA D 301 7.61 24.48 8.78
CA ALA D 301 8.99 24.00 8.85
C ALA D 301 9.84 24.76 7.87
N GLY D 302 9.26 25.70 7.12
CA GLY D 302 10.03 26.52 6.21
C GLY D 302 10.28 25.77 4.90
N LYS D 303 9.70 24.58 4.72
CA LYS D 303 9.94 23.84 3.47
C LYS D 303 9.17 24.37 2.24
N VAL D 304 8.11 25.12 2.48
CA VAL D 304 7.24 25.63 1.47
C VAL D 304 6.79 27.02 1.85
N LYS D 305 6.80 27.90 0.87
CA LYS D 305 6.41 29.24 1.06
C LYS D 305 5.63 29.73 -0.18
N ALA D 306 4.46 30.26 0.01
CA ALA D 306 3.65 30.85 -1.08
C ALA D 306 4.14 32.26 -1.43
N THR D 307 4.20 32.59 -2.72
CA THR D 307 4.30 33.96 -3.23
C THR D 307 2.94 34.58 -3.19
N VAL D 308 2.75 35.59 -2.35
CA VAL D 308 1.45 36.28 -2.28
C VAL D 308 1.49 37.81 -2.58
N THR D 309 0.34 38.38 -2.97
CA THR D 309 0.14 39.85 -3.07
C THR D 309 -1.09 40.17 -2.27
N ALA D 310 -0.97 41.15 -1.39
CA ALA D 310 -2.04 41.52 -0.44
C ALA D 310 -2.82 42.69 -1.00
N GLU D 311 -4.14 42.60 -0.97
CA GLU D 311 -5.05 43.60 -1.49
C GLU D 311 -6.27 43.83 -0.57
N PRO D 312 -6.86 45.02 -0.62
CA PRO D 312 -8.05 45.23 0.14
C PRO D 312 -9.26 44.49 -0.46
N LEU D 313 -10.19 44.16 0.41
CA LEU D 313 -11.38 43.51 -0.02
C LEU D 313 -12.04 44.21 -1.23
N GLU D 314 -12.06 45.50 -1.21
CA GLU D 314 -12.73 46.29 -2.23
C GLU D 314 -12.24 46.01 -3.66
N ASN D 315 -11.04 45.45 -3.81
CA ASN D 315 -10.42 45.21 -5.12
C ASN D 315 -10.88 43.86 -5.74
N ILE D 316 -11.83 43.21 -5.12
CA ILE D 316 -12.12 41.78 -5.46
C ILE D 316 -12.61 41.69 -6.92
N ASN D 317 -13.37 42.64 -7.43
CA ASN D 317 -13.72 42.53 -8.86
C ASN D 317 -12.57 42.76 -9.86
N ASP D 318 -11.65 43.65 -9.48
CA ASP D 318 -10.46 43.89 -10.23
C ASP D 318 -9.62 42.65 -10.25
N ILE D 319 -9.55 42.00 -9.09
CA ILE D 319 -8.74 40.82 -8.93
C ILE D 319 -9.30 39.75 -9.87
N PHE D 320 -10.62 39.55 -9.85
CA PHE D 320 -11.21 38.61 -10.78
C PHE D 320 -10.94 38.91 -12.25
N GLU D 321 -10.88 40.17 -12.61
CA GLU D 321 -10.63 40.48 -14.03
C GLU D 321 -9.21 40.08 -14.40
N ARG D 322 -8.27 40.40 -13.52
CA ARG D 322 -6.88 40.06 -13.77
C ARG D 322 -6.76 38.54 -13.86
N MET D 323 -7.51 37.82 -13.01
CA MET D 323 -7.50 36.39 -13.07
C MET D 323 -7.97 35.91 -14.44
N ARG D 324 -9.09 36.47 -14.93
CA ARG D 324 -9.66 36.12 -16.22
C ARG D 324 -8.69 36.21 -17.34
N GLN D 325 -7.54 36.84 -17.15
CA GLN D 325 -6.56 36.85 -18.22
C GLN D 325 -5.18 36.64 -17.69
N GLY D 326 -5.05 35.71 -16.78
CA GLY D 326 -3.77 35.19 -16.39
C GLY D 326 -2.77 36.25 -15.99
N LYS D 327 -3.24 37.41 -15.59
CA LYS D 327 -2.35 38.46 -15.09
C LYS D 327 -1.89 38.25 -13.64
N ILE D 328 -2.39 37.25 -12.92
CA ILE D 328 -1.95 37.14 -11.57
C ILE D 328 -0.60 36.46 -11.48
N GLU D 329 0.31 36.92 -10.64
CA GLU D 329 1.48 36.07 -10.28
C GLU D 329 1.44 35.60 -8.81
N GLY D 330 1.81 34.34 -8.59
CA GLY D 330 1.56 33.68 -7.30
C GLY D 330 0.07 33.70 -6.96
N ARG D 331 -0.25 34.07 -5.74
CA ARG D 331 -1.61 34.06 -5.28
C ARG D 331 -1.97 35.43 -4.72
N ILE D 332 -3.25 35.75 -4.76
CA ILE D 332 -3.74 37.00 -4.24
C ILE D 332 -4.46 36.72 -2.98
N VAL D 333 -4.20 37.58 -2.00
CA VAL D 333 -4.73 37.43 -0.68
C VAL D 333 -5.29 38.73 -0.19
N ILE D 334 -6.53 38.71 0.23
CA ILE D 334 -7.19 39.84 0.84
C ILE D 334 -6.71 40.03 2.26
N ASP D 335 -6.33 41.29 2.55
CA ASP D 335 -5.75 41.63 3.87
C ASP D 335 -6.76 42.53 4.55
N TYR D 336 -7.35 42.03 5.63
CA TYR D 336 -8.44 42.73 6.30
C TYR D 336 -8.05 43.86 7.20
N THR D 337 -6.75 44.03 7.42
CA THR D 337 -6.28 45.33 7.99
C THR D 337 -5.99 46.42 6.95
N MET D 338 -6.12 46.13 5.65
CA MET D 338 -5.94 47.20 4.66
C MET D 338 -7.31 47.97 4.65
N LEU D 339 -7.43 49.03 5.47
CA LEU D 339 -8.72 49.76 5.68
C LEU D 339 -8.90 51.08 4.92
N GLU D 340 -9.94 51.07 4.07
CA GLU D 340 -10.17 52.00 2.97
C GLU D 340 -11.30 52.98 3.31
#